data_8XMW
#
_entry.id   8XMW
#
_cell.length_a   1.00
_cell.length_b   1.00
_cell.length_c   1.00
_cell.angle_alpha   90.00
_cell.angle_beta   90.00
_cell.angle_gamma   90.00
#
_symmetry.space_group_name_H-M   'P 1'
#
loop_
_entity.id
_entity.type
_entity.pdbx_description
1 polymer 'Isoform 2 of Haptoglobin'
2 polymer 'Scavenger receptor cysteine-rich type 1 protein M130'
3 polymer 'Hemoglobin subunit alpha'
4 polymer 'Hemoglobin subunit beta'
5 branched 2-acetamido-2-deoxy-beta-D-glucopyranose-(1-4)-2-acetamido-2-deoxy-beta-D-glucopyranose
6 non-polymer 2-acetamido-2-deoxy-beta-D-glucopyranose
7 non-polymer 'CALCIUM ION'
8 non-polymer 'PROTOPORPHYRIN IX CONTAINING FE'
#
loop_
_entity_poly.entity_id
_entity_poly.type
_entity_poly.pdbx_seq_one_letter_code
_entity_poly.pdbx_strand_id
1 'polypeptide(L)'
;MSALGAVIALLLWGQLFAVDSGNDVTDIADDGCPKPPEIAHGYVEHSVRYQCKNYYKLRTEGDGVYTLNNEKQWINKAVG
DKLPECEAVCGKPKNPANPVQRILGGHLDAKGSFPWQAKMVSHHNLTTGATLINEQWLLTTAKNLFLNHSENATAKDIAP
TLTLYVGKKQLVEIEKVVLHPNYSQVDIGLIKLKQKVSVNERVMPICLPSKDYAEVGRVGYVSGWGRNANFKFTDHLKYV
MLPVADQDQCIRHYEGSTVPEKKTPKSPVGVQPILNEHTFCAGMSKYQEDTCYGDAGSAFAVHDLEEDTWYATGILSFDK
SCAVAEYGVYVKVTSIQDWVQKTIAEN
;
2
2 'polypeptide(L)'
;SSLGGTDKELRLVDGENKCSGRVEVKVQEEWGTVCNNGWSMEAVSVICNQLGCPTAIKAPGWANSSAGSGRIWMDHVSCR
GNESALWDCKHDGWGKHSNCTHQQDAGVTCSDGSNLEMRLTRGGNMCSGRIEIKFQGRWGTVCDDNFNIDHASVICRQLE
CGSAVSFSGSSNFGEGSGPIWFDDLICNGNESALWNCKHQGWGKHNCDHAEDAGVICSKGADLSLRLVDGVTECSGRLEV
RFQGEWGTICDDGWDSYDAAVACKQLGCPTAVTAIGRVNASKGFGHIWLDSVSCQGHEPAIWQCKHHEWGKHYCNHNEDA
GVTCSDGSDLELRLRGGGSRCAGTVEVEIQRLLGKVCDRGWGLKEADVVCRQLGCGSALKTSYQVYSKIQATNTWLFLSS
CNGNETSLWDCKNWQWGGLTCDHYEEAKITCSAHREPRLVGGDIPCSGRVEVKHGDTWGSICDSDFSLEAASVLCRELQC
GTVVSILGGAHFGEGNGQIWAEEFQCEGHESHLSLCPVAPRPEGTCSHSRDVGVVCSRYTEIRLVNGKTPCEGRVELKTL
GAWGSLCNSHWDIEDAHVLCQQLKCGVALSTPGGARFGKGNGQIWRHMFHCTGTEQHMGDCPVTALGASLCPSEQVASVI
CSGNQSQTLSSCNSSSLGPTRPTIPEESAVACIESGQLRLVNGGGRCAGRVEIYHEGSWGTICDDSWDLSDAHVVCRQLG
CGEAINATGSAHFGEGTGPIWLDEMKCNGKESRIWQCHSHGWGQQNCRHKEDAGVICSEFMSLRLTSEASREACAGRLEV
FYNGAWGTVGKSSMSETTVGVVCRQLGCADKGKINPASLDKAMSIPMWVDNVQCPKGPDTLWQCPSSPWEKRLASPSEET
WITCDNKIRLQEGPTSCSGRVEIWHGGSWGTVCDDSWDLDDAQVVCQQLGCGPALKAFKEAEFGQGTGPIWLNEVKCKGN
ESSLWDCPARRWGHSECGHKEDAAVNCTDISVQKTPQKATTGRSSRQSS
;
D,G
3 'polypeptide(L)'
;MVLSPADKTNVKAAWGKVGAHAGEYGAEALERMFLSFPTTKTYFPHFDLSHGSAQVKGHGKKVADALTNAVAHVDDMPNA
LSALSDLHAHKLRVDPVNFKLLSHCLLVTLAAHLPAEFTPAVHASLDKFLASVSTVLTSKYR
;
A
4 'polypeptide(L)'
;MVHLTPEEKSAVTALWGKVNVDEVGGEALGRLLVVYPWTQRFFESFGDLSTPDAVMGNPKVKAHGKKVLGAFSDGLAHLD
NLKGTFATLSELHCDKLHVDPENFRLLGNVLVCVLAHHFGKEFTPPVQAAYQKVVAGVANALAHKYH
;
B
#
loop_
_chem_comp.id
_chem_comp.type
_chem_comp.name
_chem_comp.formula
CA non-polymer 'CALCIUM ION' 'Ca 2'
HEM non-polymer 'PROTOPORPHYRIN IX CONTAINING FE' 'C34 H32 Fe N4 O4'
NAG D-saccharide, beta linking 2-acetamido-2-deoxy-beta-D-glucopyranose 'C8 H15 N O6'
#
# COMPACT_ATOMS: atom_id res chain seq x y z
N VAL A 48 -57.55 12.11 -5.11
CA VAL A 48 -56.48 11.40 -5.81
C VAL A 48 -55.74 10.48 -4.85
N ARG A 49 -54.68 9.84 -5.35
CA ARG A 49 -53.86 8.93 -4.56
C ARG A 49 -52.51 9.58 -4.28
N TYR A 50 -52.09 9.54 -3.02
CA TYR A 50 -50.79 10.06 -2.63
C TYR A 50 -49.72 9.02 -2.96
N GLN A 51 -48.79 9.39 -3.83
CA GLN A 51 -47.59 8.61 -4.10
C GLN A 51 -46.42 9.56 -4.22
N CYS A 52 -45.25 9.10 -3.79
CA CYS A 52 -44.05 9.93 -3.80
C CYS A 52 -42.96 9.25 -4.61
N LYS A 53 -41.89 10.01 -4.85
CA LYS A 53 -40.92 9.71 -5.89
C LYS A 53 -40.03 8.53 -5.48
N ASN A 54 -39.04 8.25 -6.31
CA ASN A 54 -38.13 7.13 -6.13
C ASN A 54 -37.39 7.25 -4.80
N TYR A 55 -36.85 6.11 -4.35
CA TYR A 55 -36.09 5.95 -3.12
C TYR A 55 -36.94 6.10 -1.87
N TYR A 56 -38.25 6.24 -2.01
CA TYR A 56 -39.13 6.49 -0.87
C TYR A 56 -40.30 5.53 -0.90
N LYS A 57 -40.76 5.16 0.29
CA LYS A 57 -41.90 4.27 0.46
C LYS A 57 -42.99 4.99 1.23
N LEU A 58 -44.24 4.80 0.81
CA LEU A 58 -45.36 5.47 1.44
C LEU A 58 -45.55 4.96 2.86
N ARG A 59 -45.54 5.87 3.82
CA ARG A 59 -45.75 5.55 5.24
C ARG A 59 -47.18 5.94 5.58
N THR A 60 -48.08 4.96 5.50
CA THR A 60 -49.50 5.18 5.76
C THR A 60 -50.12 3.85 6.17
N GLU A 61 -51.44 3.85 6.36
CA GLU A 61 -52.18 2.66 6.76
C GLU A 61 -52.97 2.05 5.62
N GLY A 62 -53.86 2.82 5.00
CA GLY A 62 -54.59 2.32 3.85
C GLY A 62 -54.43 3.16 2.60
N ASP A 63 -53.72 2.60 1.62
CA ASP A 63 -53.43 3.23 0.32
C ASP A 63 -53.21 4.74 0.43
N GLY A 64 -53.64 5.47 -0.59
CA GLY A 64 -53.52 6.92 -0.58
C GLY A 64 -54.70 7.61 -1.24
N VAL A 65 -55.74 6.85 -1.54
CA VAL A 65 -56.90 7.41 -2.25
C VAL A 65 -57.66 8.32 -1.30
N TYR A 66 -57.84 9.58 -1.71
CA TYR A 66 -58.56 10.55 -0.89
C TYR A 66 -59.78 11.08 -1.62
N TRP A 74 -60.20 17.08 1.72
CA TRP A 74 -59.59 15.83 1.29
C TRP A 74 -59.67 14.78 2.40
N ILE A 75 -60.73 13.98 2.38
CA ILE A 75 -60.99 12.99 3.40
C ILE A 75 -60.68 11.61 2.84
N ASN A 76 -59.89 10.83 3.58
CA ASN A 76 -59.55 9.46 3.21
C ASN A 76 -60.56 8.51 3.83
N LYS A 77 -61.08 7.58 3.02
CA LYS A 77 -62.03 6.60 3.52
C LYS A 77 -61.39 5.58 4.44
N ALA A 78 -60.05 5.55 4.54
CA ALA A 78 -59.35 4.61 5.39
C ALA A 78 -58.98 5.21 6.75
N VAL A 79 -58.36 6.39 6.76
CA VAL A 79 -57.90 7.01 7.99
C VAL A 79 -58.42 8.43 8.19
N GLY A 80 -59.01 9.07 7.18
CA GLY A 80 -59.56 10.38 7.36
C GLY A 80 -58.75 11.49 6.70
N ASP A 81 -58.05 12.28 7.51
CA ASP A 81 -57.23 13.38 7.02
C ASP A 81 -55.80 13.24 7.53
N LYS A 82 -55.28 12.01 7.47
CA LYS A 82 -53.93 11.75 7.95
C LYS A 82 -52.89 12.50 7.11
N LEU A 83 -53.09 12.53 5.79
CA LEU A 83 -52.16 13.13 4.84
C LEU A 83 -50.78 12.54 5.07
N PRO A 84 -50.54 11.30 4.65
CA PRO A 84 -49.30 10.62 5.01
C PRO A 84 -48.08 11.29 4.38
N GLU A 85 -46.97 11.17 5.10
CA GLU A 85 -45.66 11.52 4.58
C GLU A 85 -44.88 10.23 4.37
N CYS A 86 -44.14 10.15 3.27
CA CYS A 86 -43.44 8.93 2.93
C CYS A 86 -41.97 9.02 3.33
N GLU A 87 -41.46 7.92 3.87
CA GLU A 87 -40.10 7.86 4.40
C GLU A 87 -39.19 7.16 3.39
N ALA A 88 -37.89 7.27 3.64
CA ALA A 88 -36.89 6.76 2.71
C ALA A 88 -36.85 5.24 2.77
N VAL A 89 -35.90 4.64 2.07
CA VAL A 89 -35.84 3.20 1.90
C VAL A 89 -34.56 2.67 2.53
N CYS A 90 -34.70 1.64 3.37
CA CYS A 90 -33.59 0.87 3.90
C CYS A 90 -32.63 0.37 2.83
N GLY A 91 -31.38 0.82 2.88
CA GLY A 91 -30.27 0.16 2.22
C GLY A 91 -30.53 -0.57 0.92
N LYS A 92 -31.06 0.16 -0.06
CA LYS A 92 -31.28 -0.36 -1.41
C LYS A 92 -30.55 0.54 -2.38
N PRO A 93 -29.21 0.48 -2.40
CA PRO A 93 -28.45 1.40 -3.25
C PRO A 93 -28.82 1.21 -4.72
N LYS A 94 -28.88 2.35 -5.41
CA LYS A 94 -29.24 2.30 -6.83
C LYS A 94 -28.31 1.34 -7.50
N ASN A 95 -27.02 1.54 -7.37
CA ASN A 95 -25.98 0.75 -8.03
C ASN A 95 -25.12 0.09 -6.97
N PRO A 96 -25.53 -1.07 -6.49
CA PRO A 96 -24.81 -1.71 -5.38
C PRO A 96 -23.45 -2.24 -5.79
N ALA A 97 -22.61 -2.44 -4.79
CA ALA A 97 -21.25 -2.94 -5.00
C ALA A 97 -21.27 -4.46 -5.20
N ASN A 98 -20.14 -4.97 -5.69
CA ASN A 98 -19.94 -6.41 -5.83
C ASN A 98 -18.45 -6.72 -5.95
N ILE A 103 -9.01 2.38 4.96
CA ILE A 103 -8.96 1.29 4.00
C ILE A 103 -7.60 1.27 3.30
N LEU A 104 -6.78 0.26 3.60
CA LEU A 104 -5.52 0.11 2.87
C LEU A 104 -5.74 -0.32 1.44
N GLY A 105 -6.58 -1.32 1.23
CA GLY A 105 -6.72 -1.92 -0.08
C GLY A 105 -7.65 -1.16 -0.99
N GLY A 106 -7.96 -1.80 -2.12
CA GLY A 106 -8.66 -1.14 -3.20
C GLY A 106 -10.17 -1.22 -3.13
N HIS A 107 -10.79 -1.66 -4.23
CA HIS A 107 -12.23 -1.57 -4.43
C HIS A 107 -12.69 -0.12 -4.33
N LEU A 108 -12.21 0.68 -5.27
CA LEU A 108 -12.64 2.06 -5.39
C LEU A 108 -14.15 2.13 -5.56
N ASP A 109 -14.80 2.97 -4.75
CA ASP A 109 -16.25 3.17 -4.85
C ASP A 109 -16.54 4.12 -6.01
N ALA A 110 -16.46 3.56 -7.22
CA ALA A 110 -16.65 4.37 -8.42
C ALA A 110 -18.12 4.71 -8.63
N LYS A 111 -19.02 3.78 -8.28
CA LYS A 111 -20.43 3.93 -8.59
C LYS A 111 -21.24 4.57 -7.48
N GLY A 112 -20.62 4.95 -6.37
CA GLY A 112 -21.38 5.42 -5.23
C GLY A 112 -22.24 4.31 -4.66
N SER A 113 -21.60 3.17 -4.41
CA SER A 113 -22.31 1.96 -3.99
C SER A 113 -22.66 1.96 -2.51
N PHE A 114 -22.17 2.93 -1.74
CA PHE A 114 -22.41 2.99 -0.30
C PHE A 114 -22.97 4.35 0.05
N PRO A 115 -24.25 4.58 -0.27
CA PRO A 115 -24.85 5.89 0.03
C PRO A 115 -24.95 6.18 1.52
N TRP A 116 -24.96 5.16 2.37
CA TRP A 116 -25.07 5.36 3.81
C TRP A 116 -23.80 5.94 4.42
N GLN A 117 -22.66 5.80 3.74
CA GLN A 117 -21.40 6.23 4.32
C GLN A 117 -21.35 7.75 4.39
N ALA A 118 -20.98 8.26 5.56
CA ALA A 118 -20.80 9.69 5.76
C ALA A 118 -19.37 9.95 6.19
N LYS A 119 -18.85 11.11 5.80
CA LYS A 119 -17.50 11.52 6.13
C LYS A 119 -17.59 12.54 7.25
N MET A 120 -17.09 12.16 8.42
CA MET A 120 -17.12 13.04 9.58
C MET A 120 -15.72 13.55 9.87
N VAL A 121 -15.57 14.87 9.90
CA VAL A 121 -14.30 15.52 10.14
C VAL A 121 -14.38 16.26 11.46
N SER A 122 -13.39 16.05 12.33
CA SER A 122 -13.38 16.69 13.63
C SER A 122 -12.93 18.14 13.50
N HIS A 123 -12.72 18.79 14.64
CA HIS A 123 -12.25 20.17 14.61
C HIS A 123 -10.81 20.25 14.14
N HIS A 124 -9.97 19.31 14.55
CA HIS A 124 -8.57 19.29 14.19
C HIS A 124 -8.30 18.46 12.94
N ASN A 125 -9.33 18.25 12.11
CA ASN A 125 -9.18 17.75 10.75
C ASN A 125 -8.65 16.31 10.71
N LEU A 126 -9.28 15.46 11.52
CA LEU A 126 -9.10 14.02 11.41
C LEU A 126 -10.40 13.43 10.87
N THR A 127 -10.37 13.02 9.61
CA THR A 127 -11.53 12.42 8.98
C THR A 127 -11.84 11.07 9.62
N THR A 128 -13.12 10.84 9.90
CA THR A 128 -13.62 9.57 10.41
C THR A 128 -14.88 9.21 9.65
N GLY A 129 -15.57 8.19 10.14
CA GLY A 129 -16.73 7.66 9.46
C GLY A 129 -18.03 7.80 10.23
N ALA A 130 -19.13 7.80 9.48
CA ALA A 130 -20.47 7.73 10.06
C ALA A 130 -21.34 6.98 9.07
N THR A 131 -22.47 6.46 9.57
CA THR A 131 -23.34 5.60 8.78
C THR A 131 -24.77 6.07 8.91
N LEU A 132 -25.36 6.47 7.78
CA LEU A 132 -26.77 6.84 7.76
C LEU A 132 -27.63 5.64 8.07
N ILE A 133 -28.40 5.70 9.15
CA ILE A 133 -29.28 4.61 9.55
C ILE A 133 -30.73 4.94 9.25
N ASN A 134 -31.11 6.21 9.28
CA ASN A 134 -32.39 6.66 8.75
C ASN A 134 -32.17 8.01 8.10
N GLU A 135 -33.27 8.65 7.70
CA GLU A 135 -33.18 9.86 6.90
C GLU A 135 -32.61 11.04 7.67
N GLN A 136 -32.53 10.97 9.00
CA GLN A 136 -32.06 12.09 9.81
C GLN A 136 -30.96 11.73 10.79
N TRP A 137 -30.70 10.46 11.04
CA TRP A 137 -29.73 10.05 12.05
C TRP A 137 -28.60 9.28 11.40
N LEU A 138 -27.48 9.21 12.13
CA LEU A 138 -26.30 8.49 11.68
C LEU A 138 -25.68 7.74 12.84
N LEU A 139 -25.08 6.59 12.55
CA LEU A 139 -24.31 5.86 13.54
C LEU A 139 -22.82 6.09 13.34
N THR A 140 -22.14 6.36 14.44
CA THR A 140 -20.69 6.51 14.45
C THR A 140 -20.19 5.84 15.74
N THR A 141 -18.94 6.08 16.08
CA THR A 141 -18.37 5.55 17.30
C THR A 141 -18.15 6.68 18.29
N ALA A 142 -18.25 6.34 19.58
CA ALA A 142 -18.01 7.35 20.61
C ALA A 142 -16.58 7.85 20.58
N LYS A 143 -15.64 7.00 20.17
CA LYS A 143 -14.26 7.43 20.03
C LYS A 143 -14.10 8.42 18.88
N ASN A 144 -15.01 8.38 17.91
CA ASN A 144 -14.97 9.36 16.82
C ASN A 144 -15.45 10.73 17.29
N LEU A 145 -16.52 10.75 18.07
CA LEU A 145 -17.06 12.01 18.58
C LEU A 145 -16.15 12.68 19.58
N PHE A 146 -15.37 11.91 20.32
CA PHE A 146 -14.50 12.44 21.36
C PHE A 146 -13.12 12.82 20.85
N LEU A 147 -12.93 12.88 19.54
CA LEU A 147 -11.68 13.37 19.00
C LEU A 147 -11.58 14.87 19.21
N ASN A 148 -10.44 15.33 19.72
CA ASN A 148 -10.23 16.71 20.11
C ASN A 148 -11.28 17.16 21.13
N HIS A 149 -11.51 16.31 22.12
CA HIS A 149 -12.40 16.66 23.22
C HIS A 149 -11.89 15.99 24.48
N SER A 150 -12.20 16.61 25.62
CA SER A 150 -11.82 16.04 26.90
C SER A 150 -12.56 14.73 27.13
N GLU A 151 -11.95 13.86 27.93
CA GLU A 151 -12.63 12.64 28.34
C GLU A 151 -13.90 12.94 29.13
N ASN A 152 -14.00 14.13 29.71
CA ASN A 152 -15.18 14.57 30.44
C ASN A 152 -16.11 15.42 29.58
N ALA A 153 -15.83 15.57 28.30
CA ALA A 153 -16.68 16.37 27.43
C ALA A 153 -18.06 15.74 27.31
N THR A 154 -19.07 16.59 27.23
CA THR A 154 -20.45 16.15 27.04
C THR A 154 -20.78 16.15 25.55
N ALA A 155 -21.96 15.63 25.23
CA ALA A 155 -22.40 15.62 23.85
C ALA A 155 -22.96 16.97 23.41
N LYS A 156 -23.21 17.88 24.34
CA LYS A 156 -23.73 19.20 23.99
C LYS A 156 -22.70 20.01 23.21
N ASP A 157 -21.43 19.93 23.60
CA ASP A 157 -20.38 20.70 22.94
C ASP A 157 -19.54 19.89 21.98
N ILE A 158 -19.76 18.57 21.90
CA ILE A 158 -19.20 17.79 20.80
C ILE A 158 -19.89 18.14 19.49
N ALA A 159 -21.21 18.33 19.53
CA ALA A 159 -22.00 18.48 18.30
C ALA A 159 -21.60 19.69 17.46
N PRO A 160 -21.44 20.91 18.01
CA PRO A 160 -21.03 22.03 17.16
C PRO A 160 -19.65 21.87 16.57
N THR A 161 -18.81 21.01 17.14
CA THR A 161 -17.45 20.82 16.64
C THR A 161 -17.43 20.05 15.32
N LEU A 162 -18.31 19.07 15.17
CA LEU A 162 -18.23 18.12 14.08
C LEU A 162 -18.70 18.72 12.76
N THR A 163 -18.11 18.23 11.68
CA THR A 163 -18.58 18.48 10.33
C THR A 163 -18.88 17.14 9.67
N LEU A 164 -19.98 17.07 8.93
CA LEU A 164 -20.48 15.81 8.38
C LEU A 164 -20.76 15.98 6.90
N TYR A 165 -20.33 15.00 6.12
CA TYR A 165 -20.54 14.99 4.67
C TYR A 165 -21.21 13.69 4.27
N VAL A 166 -22.31 13.81 3.54
CA VAL A 166 -22.96 12.66 2.91
C VAL A 166 -22.88 12.87 1.40
N GLY A 167 -23.10 11.80 0.66
CA GLY A 167 -23.06 11.91 -0.79
C GLY A 167 -21.66 12.26 -1.28
N LYS A 168 -21.61 13.06 -2.34
CA LYS A 168 -20.33 13.49 -2.89
C LYS A 168 -19.55 14.32 -1.88
N LYS A 169 -20.05 15.51 -1.56
CA LYS A 169 -19.49 16.34 -0.51
C LYS A 169 -20.60 17.06 0.27
N GLN A 170 -21.83 16.55 0.21
CA GLN A 170 -22.98 17.31 0.68
C GLN A 170 -22.86 17.52 2.18
N LEU A 171 -22.50 18.73 2.58
CA LEU A 171 -22.36 19.07 3.99
C LEU A 171 -23.73 19.11 4.64
N VAL A 172 -23.86 18.40 5.76
CA VAL A 172 -25.11 18.34 6.52
C VAL A 172 -24.82 18.86 7.92
N GLU A 173 -25.69 19.75 8.40
CA GLU A 173 -25.52 20.28 9.74
C GLU A 173 -26.04 19.27 10.77
N ILE A 174 -25.41 19.25 11.93
CA ILE A 174 -25.69 18.27 12.97
C ILE A 174 -26.51 18.97 14.06
N GLU A 175 -27.72 18.45 14.30
CA GLU A 175 -28.58 19.05 15.30
C GLU A 175 -28.10 18.69 16.71
N LYS A 176 -27.91 17.40 16.96
CA LYS A 176 -27.44 16.94 18.27
C LYS A 176 -26.68 15.65 18.08
N VAL A 177 -25.84 15.35 19.06
CA VAL A 177 -25.11 14.09 19.14
C VAL A 177 -25.48 13.46 20.46
N VAL A 178 -25.80 12.16 20.45
CA VAL A 178 -26.08 11.41 21.67
C VAL A 178 -25.18 10.20 21.72
N LEU A 179 -24.47 10.05 22.83
CA LEU A 179 -23.54 8.96 23.04
C LEU A 179 -24.28 7.76 23.64
N HIS A 180 -23.76 6.57 23.39
CA HIS A 180 -24.31 5.40 24.04
C HIS A 180 -24.12 5.54 25.54
N PRO A 181 -25.11 5.15 26.37
CA PRO A 181 -24.92 5.28 27.81
C PRO A 181 -23.69 4.55 28.31
N ASN A 182 -23.47 3.32 27.85
CA ASN A 182 -22.24 2.59 28.11
C ASN A 182 -21.31 2.67 26.91
N TYR A 183 -20.86 3.89 26.56
CA TYR A 183 -20.00 4.02 25.40
C TYR A 183 -18.56 3.60 25.70
N SER A 184 -18.23 3.28 26.95
CA SER A 184 -16.94 2.69 27.24
C SER A 184 -16.90 1.22 26.85
N GLN A 185 -18.05 0.55 26.89
CA GLN A 185 -18.17 -0.84 26.47
C GLN A 185 -18.80 -0.99 25.10
N VAL A 186 -19.67 -0.08 24.72
CA VAL A 186 -20.36 -0.11 23.43
C VAL A 186 -19.97 1.19 22.71
N ASP A 187 -18.94 1.10 21.86
CA ASP A 187 -18.35 2.28 21.23
C ASP A 187 -19.30 2.80 20.15
N ILE A 188 -20.37 3.46 20.59
CA ILE A 188 -21.41 3.96 19.70
C ILE A 188 -21.80 5.37 20.10
N GLY A 189 -21.94 6.24 19.11
CA GLY A 189 -22.64 7.49 19.29
C GLY A 189 -23.57 7.71 18.12
N LEU A 190 -24.65 8.44 18.37
CA LEU A 190 -25.67 8.71 17.37
C LEU A 190 -25.64 10.19 17.02
N ILE A 191 -25.60 10.49 15.73
CA ILE A 191 -25.60 11.84 15.21
C ILE A 191 -26.98 12.13 14.65
N LYS A 192 -27.54 13.29 15.00
CA LYS A 192 -28.82 13.73 14.46
C LYS A 192 -28.62 14.99 13.64
N LEU A 193 -29.09 14.96 12.40
CA LEU A 193 -28.99 16.12 11.53
C LEU A 193 -30.08 17.13 11.86
N LYS A 194 -29.81 18.38 11.49
CA LYS A 194 -30.80 19.43 11.72
C LYS A 194 -32.08 19.14 10.94
N GLN A 195 -31.94 18.73 9.69
CA GLN A 195 -33.07 18.40 8.84
C GLN A 195 -32.79 17.06 8.16
N LYS A 196 -33.86 16.37 7.79
CA LYS A 196 -33.71 15.09 7.11
C LYS A 196 -32.95 15.27 5.81
N VAL A 197 -31.96 14.41 5.58
CA VAL A 197 -31.19 14.49 4.34
C VAL A 197 -32.03 13.97 3.19
N SER A 198 -31.82 14.54 2.01
CA SER A 198 -32.56 14.13 0.82
C SER A 198 -31.96 12.84 0.27
N VAL A 199 -32.77 11.80 0.19
CA VAL A 199 -32.30 10.48 -0.18
C VAL A 199 -32.31 10.37 -1.71
N ASN A 200 -31.16 10.02 -2.27
CA ASN A 200 -31.00 9.86 -3.71
C ASN A 200 -29.99 8.77 -4.00
N GLU A 201 -29.48 8.69 -5.24
CA GLU A 201 -28.61 7.58 -5.58
C GLU A 201 -27.25 7.66 -4.89
N ARG A 202 -26.93 8.81 -4.29
CA ARG A 202 -25.68 8.95 -3.57
C ARG A 202 -25.86 9.04 -2.06
N VAL A 203 -27.06 9.32 -1.59
CA VAL A 203 -27.37 9.44 -0.17
C VAL A 203 -28.56 8.54 0.12
N MET A 204 -28.39 7.57 1.02
CA MET A 204 -29.46 6.65 1.36
C MET A 204 -29.12 5.90 2.63
N PRO A 205 -30.04 5.84 3.60
CA PRO A 205 -29.76 5.11 4.83
C PRO A 205 -29.55 3.63 4.60
N ILE A 206 -28.63 3.06 5.37
CA ILE A 206 -28.54 1.61 5.47
C ILE A 206 -29.60 1.12 6.45
N CYS A 207 -30.01 -0.14 6.30
CA CYS A 207 -31.06 -0.67 7.14
C CYS A 207 -30.46 -1.36 8.35
N LEU A 208 -31.15 -1.26 9.47
CA LEU A 208 -30.71 -1.94 10.67
C LEU A 208 -31.22 -3.37 10.66
N PRO A 209 -30.36 -4.37 10.87
CA PRO A 209 -30.73 -5.76 10.59
C PRO A 209 -31.77 -6.30 11.54
N SER A 210 -32.63 -7.17 11.01
CA SER A 210 -33.55 -7.95 11.82
C SER A 210 -32.92 -9.26 12.29
N LYS A 211 -31.76 -9.62 11.76
CA LYS A 211 -31.06 -10.85 12.10
C LYS A 211 -29.65 -10.50 12.56
N ASP A 212 -28.88 -11.52 12.89
CA ASP A 212 -27.48 -11.37 13.27
C ASP A 212 -26.63 -11.96 12.14
N TYR A 213 -26.24 -11.11 11.21
CA TYR A 213 -25.40 -11.53 10.08
C TYR A 213 -23.93 -11.66 10.46
N ALA A 214 -23.60 -11.59 11.75
CA ALA A 214 -22.23 -11.68 12.23
C ALA A 214 -21.78 -13.13 12.43
N GLU A 215 -22.44 -14.08 11.77
CA GLU A 215 -22.03 -15.48 11.86
C GLU A 215 -20.74 -15.69 11.08
N VAL A 216 -19.80 -16.42 11.69
CA VAL A 216 -18.43 -16.53 11.18
C VAL A 216 -18.44 -16.99 9.73
N GLY A 217 -17.65 -16.30 8.90
CA GLY A 217 -17.57 -16.56 7.48
C GLY A 217 -18.35 -15.59 6.63
N ARG A 218 -19.28 -14.85 7.21
CA ARG A 218 -20.05 -13.87 6.45
C ARG A 218 -19.14 -12.74 5.99
N VAL A 219 -19.26 -12.35 4.73
CA VAL A 219 -18.48 -11.26 4.16
C VAL A 219 -19.39 -10.04 4.06
N GLY A 220 -19.04 -8.99 4.79
CA GLY A 220 -19.72 -7.72 4.68
C GLY A 220 -18.78 -6.70 4.07
N TYR A 221 -19.36 -5.66 3.47
CA TYR A 221 -18.55 -4.67 2.77
C TYR A 221 -18.33 -3.50 3.72
N VAL A 222 -17.07 -3.18 3.97
CA VAL A 222 -16.72 -2.09 4.87
C VAL A 222 -16.23 -0.93 4.02
N SER A 223 -17.12 0.02 3.74
CA SER A 223 -16.70 1.26 3.12
C SER A 223 -16.01 2.14 4.14
N GLY A 224 -15.20 3.08 3.66
CA GLY A 224 -14.47 3.92 4.58
C GLY A 224 -13.87 5.18 4.01
N TRP A 225 -13.77 6.21 4.85
CA TRP A 225 -13.11 7.46 4.52
C TRP A 225 -11.76 7.59 5.20
N GLY A 226 -11.24 6.50 5.73
CA GLY A 226 -10.05 6.53 6.54
C GLY A 226 -8.78 6.48 5.72
N ARG A 227 -7.67 6.31 6.44
CA ARG A 227 -6.36 6.35 5.85
C ARG A 227 -6.12 5.12 4.97
N ASN A 228 -5.17 5.26 4.06
CA ASN A 228 -4.84 4.23 3.09
C ASN A 228 -3.41 3.74 3.31
N ALA A 229 -2.89 2.97 2.35
CA ALA A 229 -1.58 2.37 2.49
C ALA A 229 -0.48 3.40 2.65
N ASN A 230 -0.74 4.66 2.30
CA ASN A 230 0.19 5.76 2.52
C ASN A 230 -0.13 6.55 3.78
N PHE A 231 -1.01 6.03 4.63
CA PHE A 231 -1.48 6.75 5.83
C PHE A 231 -2.02 8.13 5.50
N LYS A 232 -2.49 8.29 4.28
CA LYS A 232 -3.16 9.52 3.84
C LYS A 232 -4.65 9.26 3.81
N PHE A 233 -5.43 10.20 4.34
CA PHE A 233 -6.88 10.08 4.26
C PHE A 233 -7.30 9.98 2.81
N THR A 234 -8.11 8.97 2.50
CA THR A 234 -8.44 8.68 1.12
C THR A 234 -9.19 9.85 0.49
N ASP A 235 -8.83 10.16 -0.76
CA ASP A 235 -9.56 11.18 -1.50
C ASP A 235 -10.90 10.68 -1.96
N HIS A 236 -10.98 9.40 -2.34
CA HIS A 236 -12.20 8.77 -2.80
C HIS A 236 -12.61 7.69 -1.80
N LEU A 237 -13.92 7.52 -1.65
CA LEU A 237 -14.43 6.49 -0.74
C LEU A 237 -14.03 5.12 -1.28
N LYS A 238 -13.59 4.25 -0.39
CA LYS A 238 -13.16 2.91 -0.74
C LYS A 238 -13.96 1.90 0.06
N TYR A 239 -13.82 0.62 -0.28
CA TYR A 239 -14.46 -0.42 0.51
C TYR A 239 -13.63 -1.69 0.42
N VAL A 240 -13.80 -2.54 1.42
CA VAL A 240 -13.17 -3.86 1.45
C VAL A 240 -14.23 -4.90 1.76
N MET A 241 -13.96 -6.13 1.36
CA MET A 241 -14.87 -7.25 1.56
C MET A 241 -14.26 -8.10 2.67
N LEU A 242 -14.62 -7.81 3.92
CA LEU A 242 -14.00 -8.47 5.05
C LEU A 242 -14.90 -9.55 5.61
N PRO A 243 -14.38 -10.76 5.83
CA PRO A 243 -15.19 -11.81 6.45
C PRO A 243 -15.09 -11.75 7.97
N VAL A 244 -16.24 -11.95 8.61
CA VAL A 244 -16.26 -12.00 10.06
C VAL A 244 -15.43 -13.20 10.53
N ALA A 245 -14.62 -12.98 11.54
CA ALA A 245 -13.68 -14.00 12.00
C ALA A 245 -14.24 -14.73 13.21
N ASP A 246 -13.57 -15.82 13.57
CA ASP A 246 -13.88 -16.50 14.81
C ASP A 246 -13.68 -15.53 15.98
N GLN A 247 -14.65 -15.52 16.90
CA GLN A 247 -14.58 -14.57 18.01
C GLN A 247 -13.42 -14.90 18.93
N ASP A 248 -13.30 -16.17 19.32
CA ASP A 248 -12.23 -16.58 20.22
C ASP A 248 -10.86 -16.24 19.65
N GLN A 249 -10.70 -16.42 18.33
CA GLN A 249 -9.45 -16.03 17.69
C GLN A 249 -9.18 -14.54 17.84
N CYS A 250 -10.23 -13.72 17.75
CA CYS A 250 -10.04 -12.27 17.84
C CYS A 250 -9.66 -11.85 19.26
N ILE A 251 -10.40 -12.32 20.28
CA ILE A 251 -10.01 -11.99 21.66
C ILE A 251 -8.61 -12.52 21.95
N ARG A 252 -8.32 -13.75 21.55
CA ARG A 252 -7.00 -14.33 21.77
C ARG A 252 -5.92 -13.53 21.05
N HIS A 253 -6.27 -12.92 19.92
CA HIS A 253 -5.33 -12.10 19.18
C HIS A 253 -5.07 -10.78 19.89
N TYR A 254 -6.08 -10.23 20.56
CA TYR A 254 -5.94 -8.94 21.21
C TYR A 254 -5.66 -9.07 22.71
N GLU A 255 -6.57 -9.73 23.43
CA GLU A 255 -6.28 -10.11 24.80
C GLU A 255 -5.46 -11.39 24.81
N GLY A 256 -5.28 -11.99 25.98
CA GLY A 256 -4.44 -13.17 26.06
C GLY A 256 -5.11 -14.49 25.70
N SER A 257 -6.09 -14.92 26.51
CA SER A 257 -6.58 -16.29 26.38
C SER A 257 -8.09 -16.40 26.57
N THR A 258 -8.84 -15.35 26.27
CA THR A 258 -10.30 -15.33 26.34
C THR A 258 -10.84 -15.71 27.72
N VAL A 259 -9.97 -15.82 28.71
CA VAL A 259 -10.39 -16.00 30.11
C VAL A 259 -9.91 -14.78 30.88
N PRO A 260 -10.77 -14.13 31.66
CA PRO A 260 -10.42 -12.81 32.20
C PRO A 260 -9.16 -12.80 33.05
N GLU A 261 -8.89 -13.86 33.80
CA GLU A 261 -7.69 -13.90 34.64
C GLU A 261 -6.40 -14.14 33.86
N LYS A 262 -6.48 -14.49 32.58
CA LYS A 262 -5.30 -14.67 31.77
C LYS A 262 -5.21 -13.71 30.59
N LYS A 263 -6.14 -12.75 30.46
CA LYS A 263 -6.06 -11.79 29.38
C LYS A 263 -4.94 -10.80 29.63
N THR A 264 -4.21 -10.46 28.57
CA THR A 264 -3.09 -9.53 28.63
C THR A 264 -3.20 -8.57 27.46
N PRO A 265 -2.61 -7.39 27.57
CA PRO A 265 -2.60 -6.46 26.43
C PRO A 265 -1.67 -6.92 25.32
N LYS A 266 -2.17 -7.84 24.49
CA LYS A 266 -1.38 -8.55 23.49
C LYS A 266 -1.60 -8.01 22.08
N SER A 267 -2.08 -6.78 21.94
CA SER A 267 -2.44 -6.26 20.63
C SER A 267 -1.19 -6.07 19.78
N PRO A 268 -1.19 -6.51 18.52
CA PRO A 268 -0.05 -6.25 17.64
C PRO A 268 0.17 -4.79 17.37
N VAL A 269 -0.86 -3.97 17.57
CA VAL A 269 -0.74 -2.54 17.52
C VAL A 269 -0.70 -2.06 18.97
N GLY A 270 -0.31 -0.80 19.17
CA GLY A 270 -0.15 -0.30 20.52
C GLY A 270 -1.41 -0.38 21.36
N VAL A 271 -2.55 -0.06 20.77
CA VAL A 271 -3.79 0.13 21.51
C VAL A 271 -4.61 -1.16 21.48
N GLN A 272 -5.53 -1.28 22.45
CA GLN A 272 -6.42 -2.41 22.67
C GLN A 272 -7.82 -2.08 22.20
N PRO A 273 -8.47 -2.97 21.46
CA PRO A 273 -9.88 -2.74 21.10
C PRO A 273 -10.81 -3.04 22.26
N ILE A 274 -12.06 -2.61 22.10
CA ILE A 274 -13.11 -2.90 23.06
C ILE A 274 -13.76 -4.19 22.60
N LEU A 275 -13.41 -5.30 23.25
CA LEU A 275 -13.91 -6.63 22.90
C LEU A 275 -14.81 -7.13 24.01
N ASN A 276 -16.06 -7.42 23.67
CA ASN A 276 -17.05 -7.90 24.62
C ASN A 276 -18.13 -8.63 23.83
N GLU A 277 -19.25 -8.91 24.48
CA GLU A 277 -20.35 -9.61 23.83
C GLU A 277 -21.07 -8.75 22.80
N HIS A 278 -20.80 -7.44 22.75
CA HIS A 278 -21.46 -6.54 21.82
C HIS A 278 -20.62 -6.28 20.58
N THR A 279 -19.54 -7.00 20.38
CA THR A 279 -18.65 -6.78 19.26
C THR A 279 -18.40 -8.09 18.52
N PHE A 280 -18.11 -7.96 17.23
CA PHE A 280 -17.57 -9.06 16.44
C PHE A 280 -16.31 -8.55 15.74
N CYS A 281 -15.61 -9.45 15.07
CA CYS A 281 -14.34 -9.13 14.43
C CYS A 281 -14.35 -9.64 13.00
N ALA A 282 -13.82 -8.82 12.10
CA ALA A 282 -13.65 -9.19 10.70
C ALA A 282 -12.17 -9.14 10.36
N GLY A 283 -11.67 -10.20 9.73
CA GLY A 283 -10.28 -10.26 9.36
C GLY A 283 -10.01 -9.51 8.07
N MET A 284 -8.74 -9.49 7.69
CA MET A 284 -8.36 -8.93 6.41
C MET A 284 -8.91 -9.79 5.28
N SER A 285 -8.98 -9.20 4.09
CA SER A 285 -9.52 -9.90 2.95
C SER A 285 -8.48 -10.88 2.40
N LYS A 286 -8.78 -11.49 1.26
CA LYS A 286 -7.83 -12.40 0.63
C LYS A 286 -6.56 -11.69 0.17
N TYR A 287 -6.60 -10.37 0.03
CA TYR A 287 -5.46 -9.60 -0.46
C TYR A 287 -4.74 -8.85 0.65
N GLN A 288 -4.92 -9.27 1.90
CA GLN A 288 -4.24 -8.67 3.05
C GLN A 288 -4.50 -7.17 3.14
N GLU A 289 -5.75 -6.77 2.92
CA GLU A 289 -6.18 -5.40 3.08
C GLU A 289 -7.21 -5.32 4.21
N ASP A 290 -7.15 -4.23 4.96
CA ASP A 290 -7.99 -4.07 6.14
C ASP A 290 -8.42 -2.62 6.21
N THR A 291 -9.03 -2.26 7.34
CA THR A 291 -9.40 -0.88 7.63
C THR A 291 -8.33 -0.25 8.50
N CYS A 292 -8.07 1.04 8.27
CA CYS A 292 -7.05 1.77 9.00
C CYS A 292 -7.70 2.98 9.67
N TYR A 293 -6.87 3.88 10.22
CA TYR A 293 -7.38 5.00 10.98
C TYR A 293 -8.37 5.83 10.15
N GLY A 294 -9.43 6.27 10.79
CA GLY A 294 -10.47 7.03 10.13
C GLY A 294 -11.59 6.20 9.55
N ASP A 295 -11.47 4.88 9.57
CA ASP A 295 -12.55 4.01 9.11
C ASP A 295 -13.55 3.69 10.21
N ALA A 296 -13.26 4.07 11.45
CA ALA A 296 -14.18 3.78 12.55
C ALA A 296 -15.48 4.55 12.36
N GLY A 297 -16.59 3.94 12.78
CA GLY A 297 -17.89 4.48 12.53
C GLY A 297 -18.52 4.04 11.23
N SER A 298 -17.76 3.35 10.38
CA SER A 298 -18.28 2.84 9.13
C SER A 298 -18.96 1.49 9.35
N ALA A 299 -20.07 1.30 8.65
CA ALA A 299 -20.89 0.12 8.83
C ALA A 299 -20.26 -1.10 8.18
N PHE A 300 -20.31 -2.23 8.88
CA PHE A 300 -20.02 -3.54 8.29
C PHE A 300 -21.26 -3.95 7.52
N ALA A 301 -21.42 -3.38 6.33
CA ALA A 301 -22.63 -3.59 5.56
C ALA A 301 -22.68 -5.01 5.02
N VAL A 302 -23.78 -5.70 5.29
CA VAL A 302 -23.99 -7.06 4.84
C VAL A 302 -25.13 -7.08 3.84
N HIS A 303 -24.88 -7.61 2.65
CA HIS A 303 -25.89 -7.72 1.61
C HIS A 303 -26.65 -9.02 1.81
N ASP A 304 -27.91 -8.92 2.21
CA ASP A 304 -28.76 -10.10 2.33
C ASP A 304 -29.31 -10.42 0.95
N LEU A 305 -28.81 -11.51 0.35
CA LEU A 305 -29.20 -11.84 -1.01
C LEU A 305 -30.64 -12.30 -1.10
N GLU A 306 -31.25 -12.72 0.01
CA GLU A 306 -32.64 -13.15 -0.01
C GLU A 306 -33.57 -12.00 -0.40
N GLU A 307 -33.43 -10.85 0.25
CA GLU A 307 -34.26 -9.70 -0.02
C GLU A 307 -33.50 -8.57 -0.71
N ASP A 308 -32.26 -8.81 -1.11
CA ASP A 308 -31.46 -7.83 -1.86
C ASP A 308 -31.36 -6.50 -1.12
N THR A 309 -31.23 -6.57 0.20
CA THR A 309 -31.16 -5.40 1.05
C THR A 309 -29.83 -5.37 1.79
N TRP A 310 -29.37 -4.18 2.14
CA TRP A 310 -28.10 -3.99 2.82
C TRP A 310 -28.34 -3.64 4.27
N TYR A 311 -27.68 -4.35 5.18
CA TYR A 311 -27.87 -4.16 6.60
C TYR A 311 -26.56 -3.79 7.25
N ALA A 312 -26.64 -2.82 8.18
CA ALA A 312 -25.50 -2.47 9.00
C ALA A 312 -25.38 -3.53 10.09
N THR A 313 -24.60 -4.56 9.81
CA THR A 313 -24.42 -5.63 10.79
C THR A 313 -23.57 -5.16 11.96
N GLY A 314 -22.55 -4.35 11.69
CA GLY A 314 -21.74 -3.79 12.75
C GLY A 314 -21.26 -2.41 12.36
N ILE A 315 -20.83 -1.67 13.38
CA ILE A 315 -20.21 -0.36 13.19
C ILE A 315 -18.75 -0.49 13.58
N LEU A 316 -17.85 -0.16 12.66
CA LEU A 316 -16.43 -0.35 12.92
C LEU A 316 -15.99 0.49 14.10
N SER A 317 -15.59 -0.17 15.18
CA SER A 317 -15.13 0.51 16.39
C SER A 317 -13.61 0.63 16.45
N PHE A 318 -12.89 -0.42 16.09
CA PHE A 318 -11.44 -0.47 16.19
C PHE A 318 -10.85 -0.36 14.79
N ASP A 319 -10.49 0.85 14.40
CA ASP A 319 -9.85 1.10 13.11
C ASP A 319 -8.34 1.10 13.19
N LYS A 320 -7.77 0.85 14.37
CA LYS A 320 -6.31 0.88 14.55
C LYS A 320 -5.65 -0.42 14.11
N SER A 321 -6.36 -1.28 13.39
CA SER A 321 -5.84 -2.54 12.89
C SER A 321 -5.43 -2.47 11.43
N CYS A 322 -4.71 -1.40 11.06
CA CYS A 322 -4.51 -1.05 9.65
C CYS A 322 -4.12 -2.25 8.80
N ALA A 323 -2.97 -2.85 9.05
CA ALA A 323 -2.70 -4.19 8.53
C ALA A 323 -1.90 -5.05 9.49
N VAL A 324 -1.61 -4.56 10.69
CA VAL A 324 -0.73 -5.25 11.63
C VAL A 324 -1.57 -6.21 12.47
N ALA A 325 -2.59 -5.67 13.14
CA ALA A 325 -3.55 -6.51 13.82
C ALA A 325 -4.47 -7.14 12.78
N GLU A 326 -4.73 -8.44 12.93
CA GLU A 326 -5.41 -9.19 11.88
C GLU A 326 -6.90 -8.90 11.80
N TYR A 327 -7.51 -8.40 12.87
CA TYR A 327 -8.96 -8.25 12.92
C TYR A 327 -9.34 -6.83 13.29
N GLY A 328 -10.32 -6.28 12.59
CA GLY A 328 -10.96 -5.05 12.99
C GLY A 328 -12.20 -5.39 13.79
N VAL A 329 -12.42 -4.65 14.86
CA VAL A 329 -13.49 -4.96 15.80
C VAL A 329 -14.69 -4.08 15.49
N TYR A 330 -15.84 -4.71 15.26
CA TYR A 330 -17.09 -4.02 14.93
C TYR A 330 -18.08 -4.26 16.05
N VAL A 331 -18.69 -3.19 16.54
CA VAL A 331 -19.74 -3.33 17.53
C VAL A 331 -21.03 -3.77 16.85
N LYS A 332 -21.64 -4.82 17.38
CA LYS A 332 -22.85 -5.36 16.77
C LYS A 332 -23.97 -4.33 16.80
N VAL A 333 -24.58 -4.10 15.64
CA VAL A 333 -25.72 -3.19 15.58
C VAL A 333 -26.95 -3.83 16.22
N THR A 334 -27.09 -5.15 16.11
CA THR A 334 -28.22 -5.81 16.75
C THR A 334 -28.18 -5.62 18.26
N SER A 335 -26.99 -5.51 18.84
CA SER A 335 -26.87 -5.22 20.26
C SER A 335 -27.34 -3.82 20.59
N ILE A 336 -27.00 -2.85 19.74
CA ILE A 336 -27.35 -1.44 19.99
C ILE A 336 -28.68 -1.05 19.37
N GLN A 337 -29.36 -1.98 18.67
CA GLN A 337 -30.53 -1.60 17.89
C GLN A 337 -31.64 -1.06 18.77
N ASP A 338 -31.88 -1.69 19.92
CA ASP A 338 -32.92 -1.22 20.82
C ASP A 338 -32.63 0.19 21.30
N TRP A 339 -31.37 0.46 21.67
CA TRP A 339 -31.02 1.80 22.12
C TRP A 339 -31.17 2.82 21.01
N VAL A 340 -30.72 2.51 19.79
CA VAL A 340 -30.82 3.49 18.72
C VAL A 340 -32.28 3.74 18.38
N GLN A 341 -33.14 2.72 18.45
CA GLN A 341 -34.56 2.94 18.20
C GLN A 341 -35.17 3.83 19.28
N LYS A 342 -34.90 3.51 20.55
CA LYS A 342 -35.40 4.36 21.64
C LYS A 342 -34.89 5.78 21.52
N THR A 343 -33.73 5.98 20.91
CA THR A 343 -33.17 7.32 20.79
C THR A 343 -33.77 8.07 19.59
N ILE A 344 -34.03 7.36 18.49
CA ILE A 344 -34.75 8.00 17.38
C ILE A 344 -36.13 8.42 17.84
N ALA A 345 -36.75 7.62 18.72
CA ALA A 345 -38.10 7.93 19.19
C ALA A 345 -38.17 9.32 19.82
N GLU A 346 -37.09 9.79 20.42
CA GLU A 346 -37.03 11.16 20.93
C GLU A 346 -35.90 11.94 20.27
N GLY B 113 -42.19 -12.21 -29.47
CA GLY B 113 -43.08 -11.60 -30.44
C GLY B 113 -42.37 -11.10 -31.69
N SER B 114 -41.16 -10.57 -31.50
CA SER B 114 -40.35 -10.04 -32.59
C SER B 114 -41.07 -8.93 -33.36
N ASN B 115 -41.91 -8.17 -32.67
CA ASN B 115 -42.70 -7.09 -33.26
C ASN B 115 -42.65 -5.86 -32.39
N LEU B 116 -41.49 -5.60 -31.77
CA LEU B 116 -41.32 -4.48 -30.85
C LEU B 116 -40.77 -3.29 -31.62
N GLU B 117 -41.67 -2.40 -32.03
CA GLU B 117 -41.24 -1.16 -32.66
C GLU B 117 -40.67 -0.21 -31.61
N MET B 118 -39.52 0.38 -31.94
CA MET B 118 -38.81 1.29 -31.05
C MET B 118 -38.70 2.65 -31.72
N ARG B 119 -38.85 3.70 -30.92
CA ARG B 119 -38.83 5.07 -31.44
C ARG B 119 -37.99 5.94 -30.52
N LEU B 120 -37.64 7.12 -31.03
CA LEU B 120 -36.91 8.13 -30.27
C LEU B 120 -37.75 9.39 -30.23
N THR B 121 -38.06 9.85 -29.03
CA THR B 121 -39.00 10.95 -28.82
C THR B 121 -38.27 12.19 -28.35
N ARG B 122 -38.67 13.35 -28.90
CA ARG B 122 -38.22 14.65 -28.44
C ARG B 122 -36.69 14.78 -28.54
N GLY B 123 -36.19 14.68 -29.76
CA GLY B 123 -34.76 14.82 -29.99
C GLY B 123 -34.43 15.52 -31.30
N GLY B 124 -35.41 16.24 -31.84
CA GLY B 124 -35.19 16.95 -33.09
C GLY B 124 -35.59 16.16 -34.32
N ASN B 125 -35.03 14.97 -34.48
CA ASN B 125 -35.31 14.13 -35.64
C ASN B 125 -35.37 12.66 -35.21
N MET B 126 -35.47 11.78 -36.20
CA MET B 126 -35.77 10.38 -35.95
C MET B 126 -34.62 9.62 -35.30
N CYS B 127 -33.38 10.01 -35.56
CA CYS B 127 -32.23 9.28 -35.05
C CYS B 127 -31.69 9.83 -33.74
N SER B 128 -32.30 10.90 -33.21
CA SER B 128 -31.88 11.48 -31.94
C SER B 128 -33.09 11.67 -31.06
N GLY B 129 -32.96 11.36 -29.79
CA GLY B 129 -34.05 11.51 -28.85
C GLY B 129 -33.97 10.46 -27.76
N ARG B 130 -35.02 10.43 -26.95
CA ARG B 130 -35.09 9.50 -25.83
C ARG B 130 -35.61 8.15 -26.31
N ILE B 131 -34.89 7.09 -25.93
CA ILE B 131 -35.28 5.75 -26.34
C ILE B 131 -36.66 5.42 -25.78
N GLU B 132 -37.44 4.67 -26.56
CA GLU B 132 -38.81 4.34 -26.18
C GLU B 132 -39.20 3.07 -26.91
N ILE B 133 -39.54 2.02 -26.15
CA ILE B 133 -39.85 0.71 -26.69
C ILE B 133 -41.30 0.38 -26.42
N LYS B 134 -41.98 -0.16 -27.42
CA LYS B 134 -43.36 -0.59 -27.30
C LYS B 134 -43.40 -2.10 -27.12
N PHE B 135 -43.79 -2.55 -25.93
CA PHE B 135 -44.02 -3.95 -25.67
C PHE B 135 -45.30 -4.08 -24.87
N GLN B 136 -45.97 -5.22 -25.03
CA GLN B 136 -47.22 -5.52 -24.34
C GLN B 136 -48.28 -4.44 -24.60
N GLY B 137 -48.20 -3.80 -25.76
CA GLY B 137 -49.17 -2.79 -26.15
C GLY B 137 -48.95 -1.41 -25.56
N ARG B 138 -47.84 -1.19 -24.87
CA ARG B 138 -47.56 0.10 -24.24
C ARG B 138 -46.14 0.53 -24.56
N TRP B 139 -45.95 1.84 -24.68
CA TRP B 139 -44.66 2.44 -24.97
C TRP B 139 -43.93 2.73 -23.66
N GLY B 140 -42.69 2.25 -23.56
CA GLY B 140 -41.90 2.44 -22.35
C GLY B 140 -40.48 2.83 -22.67
N THR B 141 -39.84 3.43 -21.66
CA THR B 141 -38.51 3.99 -21.79
C THR B 141 -37.46 3.02 -21.28
N VAL B 142 -36.20 3.48 -21.26
CA VAL B 142 -35.05 2.69 -20.83
C VAL B 142 -34.27 3.48 -19.79
N CYS B 143 -33.84 2.81 -18.74
CA CYS B 143 -32.99 3.45 -17.73
C CYS B 143 -31.63 3.78 -18.31
N ASP B 144 -30.97 4.76 -17.70
CA ASP B 144 -29.60 5.09 -18.05
C ASP B 144 -28.58 4.33 -17.20
N ASP B 145 -29.03 3.44 -16.33
CA ASP B 145 -28.11 2.66 -15.51
C ASP B 145 -27.27 1.75 -16.39
N ASN B 146 -25.95 1.80 -16.20
CA ASN B 146 -25.01 1.05 -17.03
C ASN B 146 -25.25 1.31 -18.51
N PHE B 147 -25.48 2.58 -18.86
CA PHE B 147 -25.68 2.98 -20.24
C PHE B 147 -24.40 3.63 -20.76
N ASN B 148 -23.84 3.05 -21.82
CA ASN B 148 -22.59 3.53 -22.40
C ASN B 148 -22.74 3.56 -23.91
N ILE B 149 -21.62 3.73 -24.60
CA ILE B 149 -21.67 3.85 -26.06
C ILE B 149 -22.10 2.55 -26.72
N ASP B 150 -22.02 1.43 -26.02
CA ASP B 150 -22.45 0.15 -26.61
C ASP B 150 -23.97 0.12 -26.81
N HIS B 151 -24.72 0.50 -25.78
CA HIS B 151 -26.16 0.58 -25.90
C HIS B 151 -26.56 1.61 -26.96
N ALA B 152 -25.84 2.73 -27.00
CA ALA B 152 -26.11 3.76 -27.99
C ALA B 152 -25.90 3.21 -29.40
N SER B 153 -24.81 2.46 -29.62
CA SER B 153 -24.55 1.87 -30.93
C SER B 153 -25.61 0.85 -31.29
N VAL B 154 -26.06 0.06 -30.31
CA VAL B 154 -27.11 -0.92 -30.56
C VAL B 154 -28.39 -0.21 -31.01
N ILE B 155 -28.78 0.84 -30.30
CA ILE B 155 -30.00 1.56 -30.65
C ILE B 155 -29.85 2.24 -32.00
N CYS B 156 -28.66 2.74 -32.31
CA CYS B 156 -28.46 3.42 -33.58
C CYS B 156 -28.51 2.44 -34.75
N ARG B 157 -27.99 1.23 -34.56
CA ARG B 157 -28.11 0.21 -35.61
C ARG B 157 -29.48 -0.45 -35.63
N GLN B 158 -30.31 -0.25 -34.60
CA GLN B 158 -31.67 -0.76 -34.65
C GLN B 158 -32.52 0.02 -35.65
N LEU B 159 -32.35 1.34 -35.68
CA LEU B 159 -33.07 2.19 -36.61
C LEU B 159 -32.31 2.42 -37.91
N GLU B 160 -31.19 1.73 -38.10
CA GLU B 160 -30.32 1.93 -39.26
C GLU B 160 -29.92 3.40 -39.38
N CYS B 161 -29.55 3.98 -38.25
CA CYS B 161 -29.15 5.38 -38.17
C CYS B 161 -27.65 5.57 -38.17
N GLY B 162 -26.89 4.51 -38.43
CA GLY B 162 -25.44 4.62 -38.48
C GLY B 162 -24.77 4.25 -37.18
N SER B 163 -23.66 4.90 -36.86
CA SER B 163 -23.00 4.69 -35.59
C SER B 163 -23.58 5.61 -34.52
N ALA B 164 -23.12 5.41 -33.29
CA ALA B 164 -23.62 6.17 -32.15
C ALA B 164 -22.71 7.38 -31.92
N VAL B 165 -23.26 8.58 -32.12
CA VAL B 165 -22.52 9.79 -31.77
C VAL B 165 -22.32 9.86 -30.26
N SER B 166 -23.40 9.68 -29.50
CA SER B 166 -23.33 9.71 -28.04
C SER B 166 -24.63 9.17 -27.47
N PHE B 167 -24.66 9.06 -26.14
CA PHE B 167 -25.82 8.66 -25.39
C PHE B 167 -26.11 9.72 -24.32
N SER B 168 -27.33 9.71 -23.81
CA SER B 168 -27.72 10.65 -22.78
C SER B 168 -28.68 9.97 -21.81
N GLY B 169 -28.54 10.29 -20.54
CA GLY B 169 -29.37 9.66 -19.52
C GLY B 169 -29.88 10.60 -18.45
N SER B 170 -29.50 11.87 -18.52
CA SER B 170 -29.98 12.88 -17.59
C SER B 170 -31.32 13.47 -18.00
N SER B 171 -32.06 12.77 -18.87
CA SER B 171 -33.34 13.24 -19.39
C SER B 171 -33.24 14.61 -20.03
N ASN B 172 -32.10 14.90 -20.67
CA ASN B 172 -31.95 16.15 -21.39
C ASN B 172 -32.93 16.21 -22.56
N PHE B 173 -33.23 15.06 -23.16
CA PHE B 173 -34.21 14.99 -24.23
C PHE B 173 -35.64 15.17 -23.74
N GLY B 174 -35.86 15.13 -22.43
CA GLY B 174 -37.18 15.31 -21.86
C GLY B 174 -37.56 14.20 -20.90
N GLU B 175 -38.49 14.50 -20.00
CA GLU B 175 -38.96 13.52 -19.04
C GLU B 175 -39.74 12.42 -19.74
N GLY B 176 -39.53 11.18 -19.30
CA GLY B 176 -40.27 10.06 -19.84
C GLY B 176 -41.65 9.92 -19.22
N SER B 177 -42.46 9.05 -19.85
CA SER B 177 -43.80 8.79 -19.36
C SER B 177 -44.24 7.41 -19.86
N GLY B 178 -44.32 6.46 -18.94
CA GLY B 178 -44.68 5.10 -19.29
C GLY B 178 -43.93 4.08 -18.45
N PRO B 179 -44.14 2.80 -18.73
CA PRO B 179 -43.48 1.74 -17.96
C PRO B 179 -42.03 1.54 -18.42
N ILE B 180 -41.10 1.80 -17.50
CA ILE B 180 -39.68 1.65 -17.82
C ILE B 180 -39.38 0.17 -18.04
N TRP B 181 -39.13 -0.21 -19.30
CA TRP B 181 -38.97 -1.62 -19.63
C TRP B 181 -37.61 -2.16 -19.21
N PHE B 182 -36.56 -1.37 -19.38
CA PHE B 182 -35.20 -1.81 -19.12
C PHE B 182 -34.54 -0.95 -18.06
N ASP B 183 -33.83 -1.59 -17.13
CA ASP B 183 -33.09 -0.87 -16.10
C ASP B 183 -31.58 -1.06 -16.24
N ASP B 184 -31.11 -2.30 -16.21
CA ASP B 184 -29.68 -2.59 -16.24
C ASP B 184 -29.42 -3.51 -17.41
N LEU B 185 -28.59 -3.07 -18.35
CA LEU B 185 -28.29 -3.84 -19.54
C LEU B 185 -26.78 -4.03 -19.64
N ILE B 186 -26.38 -5.19 -20.13
CA ILE B 186 -24.98 -5.51 -20.35
C ILE B 186 -24.82 -5.77 -21.84
N CYS B 187 -24.48 -4.71 -22.59
CA CYS B 187 -24.31 -4.79 -24.02
C CYS B 187 -22.83 -4.62 -24.34
N ASN B 188 -22.24 -5.59 -25.04
CA ASN B 188 -20.86 -5.50 -25.48
C ASN B 188 -20.70 -4.72 -26.77
N GLY B 189 -21.79 -4.46 -27.49
CA GLY B 189 -21.73 -3.68 -28.70
C GLY B 189 -22.36 -4.34 -29.91
N ASN B 190 -22.21 -5.65 -30.03
CA ASN B 190 -22.73 -6.41 -31.17
C ASN B 190 -23.99 -7.16 -30.74
N GLU B 191 -25.14 -6.49 -30.89
CA GLU B 191 -26.44 -7.09 -30.60
C GLU B 191 -27.40 -6.80 -31.74
N SER B 192 -28.35 -7.69 -31.94
CA SER B 192 -29.35 -7.55 -32.99
C SER B 192 -30.56 -6.73 -32.54
N ALA B 193 -30.66 -6.41 -31.24
CA ALA B 193 -31.73 -5.58 -30.70
C ALA B 193 -31.38 -5.27 -29.26
N LEU B 194 -31.97 -4.18 -28.74
CA LEU B 194 -31.74 -3.83 -27.34
C LEU B 194 -32.29 -4.90 -26.41
N TRP B 195 -33.33 -5.62 -26.84
CA TRP B 195 -33.86 -6.72 -26.04
C TRP B 195 -33.10 -8.00 -26.33
N ASN B 196 -31.77 -7.93 -26.27
CA ASN B 196 -30.92 -9.10 -26.33
C ASN B 196 -29.83 -9.11 -25.27
N CYS B 197 -29.54 -7.97 -24.65
CA CYS B 197 -28.55 -7.89 -23.58
C CYS B 197 -29.16 -8.42 -22.28
N LYS B 198 -28.34 -8.50 -21.24
CA LYS B 198 -28.81 -8.93 -19.92
C LYS B 198 -29.59 -7.79 -19.29
N HIS B 199 -30.85 -7.65 -19.72
CA HIS B 199 -31.74 -6.60 -19.25
C HIS B 199 -32.24 -6.84 -17.83
N GLN B 200 -31.72 -7.87 -17.15
CA GLN B 200 -32.02 -8.19 -15.75
C GLN B 200 -33.51 -8.28 -15.45
N GLY B 201 -34.33 -8.50 -16.48
CA GLY B 201 -35.76 -8.63 -16.27
C GLY B 201 -36.57 -7.56 -16.96
N TRP B 202 -37.77 -7.92 -17.42
CA TRP B 202 -38.60 -7.03 -18.21
C TRP B 202 -39.57 -6.27 -17.30
N GLY B 203 -39.61 -4.96 -17.45
CA GLY B 203 -40.49 -4.13 -16.64
C GLY B 203 -39.92 -3.79 -15.28
N LYS B 204 -39.20 -4.73 -14.69
CA LYS B 204 -38.61 -4.50 -13.38
C LYS B 204 -37.45 -3.51 -13.48
N HIS B 205 -37.40 -2.58 -12.54
CA HIS B 205 -36.41 -1.51 -12.58
C HIS B 205 -36.31 -0.88 -11.19
N ASN B 206 -35.38 0.05 -11.05
CA ASN B 206 -35.31 0.89 -9.85
C ASN B 206 -35.06 2.35 -10.19
N CYS B 207 -35.64 2.83 -11.30
CA CYS B 207 -35.47 4.21 -11.75
C CYS B 207 -36.77 4.99 -11.56
N ASP B 208 -36.74 6.23 -12.01
CA ASP B 208 -37.91 7.05 -12.24
C ASP B 208 -37.90 7.53 -13.68
N HIS B 209 -38.86 8.39 -14.02
CA HIS B 209 -38.91 8.90 -15.38
C HIS B 209 -37.82 9.92 -15.66
N ALA B 210 -37.21 10.50 -14.62
CA ALA B 210 -36.11 11.44 -14.80
C ALA B 210 -34.79 10.74 -15.07
N GLU B 211 -34.76 9.41 -15.00
CA GLU B 211 -33.54 8.63 -15.19
C GLU B 211 -33.50 7.95 -16.56
N ASP B 212 -34.42 8.31 -17.45
CA ASP B 212 -34.54 7.63 -18.73
C ASP B 212 -33.39 8.00 -19.66
N ALA B 213 -33.05 7.06 -20.55
CA ALA B 213 -31.88 7.16 -21.41
C ALA B 213 -32.27 7.50 -22.83
N GLY B 214 -31.55 8.48 -23.40
CA GLY B 214 -31.69 8.83 -24.80
C GLY B 214 -30.38 8.61 -25.53
N VAL B 215 -30.45 8.77 -26.85
CA VAL B 215 -29.29 8.48 -27.70
C VAL B 215 -29.35 9.41 -28.92
N ILE B 216 -28.17 9.86 -29.34
CA ILE B 216 -28.00 10.66 -30.56
C ILE B 216 -27.22 9.80 -31.54
N CYS B 217 -27.74 9.67 -32.76
CA CYS B 217 -27.13 8.82 -33.78
C CYS B 217 -26.51 9.66 -34.90
N SER B 218 -25.62 9.01 -35.65
CA SER B 218 -24.85 9.70 -36.67
C SER B 218 -25.74 10.28 -37.76
N LYS B 219 -26.74 9.51 -38.21
CA LYS B 219 -27.62 9.99 -39.26
C LYS B 219 -28.39 11.23 -38.81
N GLY B 220 -28.88 11.23 -37.58
CA GLY B 220 -29.64 12.34 -37.07
C GLY B 220 -28.84 13.46 -36.46
N ALA B 221 -27.53 13.30 -36.34
CA ALA B 221 -26.71 14.34 -35.71
C ALA B 221 -26.47 15.50 -36.68
N ASP B 222 -26.33 16.69 -36.11
CA ASP B 222 -26.01 17.90 -36.85
C ASP B 222 -24.59 18.36 -36.53
N LEU B 223 -23.67 17.41 -36.40
CA LEU B 223 -22.31 17.71 -35.98
C LEU B 223 -21.60 18.58 -37.01
N SER B 224 -20.96 19.63 -36.54
CA SER B 224 -20.15 20.49 -37.39
C SER B 224 -18.99 21.04 -36.57
N LEU B 225 -17.94 21.44 -37.28
CA LEU B 225 -16.75 22.01 -36.68
C LEU B 225 -16.48 23.36 -37.33
N ARG B 226 -16.01 24.32 -36.54
CA ARG B 226 -15.73 25.64 -37.06
C ARG B 226 -14.58 26.27 -36.28
N LEU B 227 -13.96 27.27 -36.90
CA LEU B 227 -12.85 28.01 -36.30
C LEU B 227 -13.29 29.44 -36.06
N VAL B 228 -13.04 29.94 -34.85
CA VAL B 228 -13.50 31.25 -34.44
C VAL B 228 -12.38 31.96 -33.69
N ASP B 229 -12.27 33.27 -33.91
CA ASP B 229 -11.33 34.13 -33.19
C ASP B 229 -9.89 33.74 -33.50
N GLY B 230 -9.57 33.67 -34.79
CA GLY B 230 -8.22 33.41 -35.21
C GLY B 230 -7.66 34.47 -36.13
N VAL B 231 -6.36 34.42 -36.40
CA VAL B 231 -5.76 35.39 -37.31
C VAL B 231 -6.29 35.19 -38.73
N THR B 232 -6.43 33.94 -39.15
CA THR B 232 -6.98 33.60 -40.46
C THR B 232 -8.18 32.67 -40.27
N GLU B 233 -8.81 32.30 -41.38
CA GLU B 233 -9.89 31.34 -41.36
C GLU B 233 -9.40 29.92 -41.06
N CYS B 234 -8.11 29.66 -41.23
CA CYS B 234 -7.52 28.35 -41.00
C CYS B 234 -7.06 28.13 -39.58
N SER B 235 -7.18 29.13 -38.72
CA SER B 235 -6.69 29.00 -37.36
C SER B 235 -7.61 29.74 -36.41
N GLY B 236 -7.62 29.31 -35.17
CA GLY B 236 -8.42 29.90 -34.13
C GLY B 236 -8.86 28.84 -33.15
N ARG B 237 -9.76 29.21 -32.26
CA ARG B 237 -10.28 28.27 -31.28
C ARG B 237 -11.25 27.30 -31.96
N LEU B 238 -11.00 26.01 -31.78
CA LEU B 238 -11.83 24.99 -32.40
C LEU B 238 -13.14 24.84 -31.64
N GLU B 239 -14.26 24.86 -32.37
CA GLU B 239 -15.58 24.74 -31.80
C GLU B 239 -16.35 23.66 -32.52
N VAL B 240 -17.09 22.83 -31.77
CA VAL B 240 -17.83 21.71 -32.30
C VAL B 240 -19.30 21.89 -31.95
N ARG B 241 -20.18 21.61 -32.90
CA ARG B 241 -21.61 21.78 -32.73
C ARG B 241 -22.24 20.44 -32.32
N PHE B 242 -22.89 20.43 -31.16
CA PHE B 242 -23.53 19.23 -30.63
C PHE B 242 -24.98 19.57 -30.32
N GLN B 243 -25.89 18.76 -30.86
CA GLN B 243 -27.33 19.07 -30.93
C GLN B 243 -27.58 20.55 -31.19
N GLY B 244 -26.88 21.08 -32.20
CA GLY B 244 -27.09 22.45 -32.62
C GLY B 244 -26.46 23.50 -31.74
N GLU B 245 -25.80 23.11 -30.65
CA GLU B 245 -25.17 24.05 -29.72
C GLU B 245 -23.66 23.99 -29.91
N TRP B 246 -23.05 25.15 -30.10
CA TRP B 246 -21.61 25.24 -30.36
C TRP B 246 -20.86 25.26 -29.02
N GLY B 247 -20.05 24.24 -28.79
CA GLY B 247 -19.16 24.19 -27.66
C GLY B 247 -17.71 24.08 -28.12
N THR B 248 -16.82 24.00 -27.14
CA THR B 248 -15.39 23.98 -27.39
C THR B 248 -14.82 22.60 -27.11
N ILE B 249 -13.51 22.49 -27.30
CA ILE B 249 -12.77 21.24 -27.11
C ILE B 249 -11.66 21.48 -26.11
N CYS B 250 -11.55 20.61 -25.11
CA CYS B 250 -10.45 20.72 -24.16
C CYS B 250 -9.15 20.26 -24.82
N ASP B 251 -8.06 20.96 -24.48
CA ASP B 251 -6.78 20.67 -25.11
C ASP B 251 -6.04 19.52 -24.47
N ASP B 252 -6.62 18.86 -23.47
CA ASP B 252 -6.05 17.63 -22.95
C ASP B 252 -6.10 16.56 -24.01
N GLY B 253 -4.96 15.92 -24.28
CA GLY B 253 -4.88 14.92 -25.31
C GLY B 253 -5.00 15.46 -26.73
N TRP B 254 -5.06 16.78 -26.89
CA TRP B 254 -5.11 17.38 -28.21
C TRP B 254 -3.69 17.47 -28.78
N ASP B 255 -3.44 16.71 -29.85
CA ASP B 255 -2.10 16.64 -30.42
C ASP B 255 -2.12 16.92 -31.91
N SER B 256 -0.98 16.74 -32.57
CA SER B 256 -0.86 17.09 -33.98
C SER B 256 -1.75 16.23 -34.86
N TYR B 257 -2.07 15.01 -34.41
CA TYR B 257 -2.94 14.14 -35.19
C TYR B 257 -4.38 14.62 -35.14
N ASP B 258 -4.85 15.02 -33.95
CA ASP B 258 -6.17 15.62 -33.83
C ASP B 258 -6.24 16.91 -34.64
N ALA B 259 -5.19 17.71 -34.58
CA ALA B 259 -5.14 18.96 -35.34
C ALA B 259 -5.17 18.69 -36.84
N ALA B 260 -4.46 17.65 -37.29
CA ALA B 260 -4.47 17.31 -38.71
C ALA B 260 -5.85 16.84 -39.15
N VAL B 261 -6.50 16.03 -38.32
CA VAL B 261 -7.86 15.56 -38.64
C VAL B 261 -8.81 16.74 -38.73
N ALA B 262 -8.71 17.68 -37.78
CA ALA B 262 -9.57 18.86 -37.80
C ALA B 262 -9.31 19.72 -39.03
N CYS B 263 -8.03 19.92 -39.39
CA CYS B 263 -7.70 20.72 -40.56
C CYS B 263 -8.22 20.08 -41.84
N LYS B 264 -8.10 18.75 -41.95
CA LYS B 264 -8.64 18.06 -43.11
C LYS B 264 -10.15 18.16 -43.17
N GLN B 265 -10.81 18.03 -42.01
CA GLN B 265 -12.26 18.10 -41.98
C GLN B 265 -12.77 19.48 -42.39
N LEU B 266 -12.25 20.53 -41.75
CA LEU B 266 -12.72 21.88 -42.03
C LEU B 266 -12.47 22.25 -43.49
N GLY B 267 -11.25 22.04 -43.96
CA GLY B 267 -10.89 22.17 -45.35
C GLY B 267 -10.23 23.49 -45.64
N CYS B 268 -8.90 23.48 -45.62
CA CYS B 268 -8.01 24.57 -46.01
C CYS B 268 -6.61 24.05 -45.76
N PRO B 269 -5.55 24.58 -46.42
CA PRO B 269 -4.31 23.81 -46.55
C PRO B 269 -3.78 23.21 -45.26
N THR B 270 -3.68 21.88 -45.25
CA THR B 270 -3.37 21.09 -44.06
C THR B 270 -1.94 20.55 -44.06
N ALA B 271 -1.04 21.20 -44.81
CA ALA B 271 0.34 20.74 -44.84
C ALA B 271 1.00 20.88 -43.48
N VAL B 272 0.76 21.99 -42.79
CA VAL B 272 1.23 22.21 -41.42
C VAL B 272 0.02 22.42 -40.54
N THR B 273 -0.16 21.55 -39.55
CA THR B 273 -1.27 21.62 -38.62
C THR B 273 -0.72 21.71 -37.21
N ALA B 274 -1.01 22.83 -36.53
CA ALA B 274 -0.53 23.07 -35.19
C ALA B 274 -1.71 23.20 -34.24
N ILE B 275 -1.52 22.71 -33.03
CA ILE B 275 -2.56 22.76 -32.00
C ILE B 275 -2.54 24.12 -31.34
N GLY B 276 -3.59 24.42 -30.58
CA GLY B 276 -3.66 25.67 -29.84
C GLY B 276 -4.35 26.79 -30.56
N ARG B 277 -5.28 27.45 -29.89
CA ARG B 277 -5.99 28.57 -30.48
C ARG B 277 -5.06 29.76 -30.65
N VAL B 278 -5.13 30.39 -31.82
CA VAL B 278 -4.26 31.51 -32.16
C VAL B 278 -4.93 32.78 -31.66
N ASN B 279 -4.30 33.41 -30.66
CA ASN B 279 -4.70 34.65 -29.97
C ASN B 279 -6.12 34.59 -29.43
N ALA B 280 -6.77 33.44 -29.49
CA ALA B 280 -8.18 33.35 -29.14
C ALA B 280 -8.36 33.32 -27.64
N SER B 281 -9.44 33.96 -27.19
CA SER B 281 -9.74 34.01 -25.77
C SER B 281 -10.42 32.72 -25.32
N LYS B 282 -10.78 32.67 -24.03
CA LYS B 282 -11.56 31.56 -23.53
C LYS B 282 -12.87 31.45 -24.30
N GLY B 283 -13.22 30.24 -24.70
CA GLY B 283 -14.52 30.01 -25.28
C GLY B 283 -15.61 30.03 -24.23
N PHE B 284 -16.85 29.99 -24.71
CA PHE B 284 -18.00 30.00 -23.83
C PHE B 284 -18.99 28.94 -24.27
N GLY B 285 -19.83 28.52 -23.33
CA GLY B 285 -20.78 27.46 -23.61
C GLY B 285 -20.39 26.16 -22.95
N HIS B 286 -20.49 25.06 -23.68
CA HIS B 286 -20.12 23.74 -23.18
C HIS B 286 -18.73 23.38 -23.68
N ILE B 287 -18.12 22.41 -23.00
CA ILE B 287 -16.91 21.77 -23.50
C ILE B 287 -17.33 20.39 -23.97
N TRP B 288 -17.69 20.28 -25.25
CA TRP B 288 -18.33 19.06 -25.73
C TRP B 288 -17.37 17.89 -25.82
N LEU B 289 -16.10 18.15 -26.14
CA LEU B 289 -15.20 17.10 -26.58
C LEU B 289 -13.89 17.20 -25.83
N ASP B 290 -13.43 16.06 -25.30
CA ASP B 290 -12.23 16.04 -24.47
C ASP B 290 -11.41 14.81 -24.81
N SER B 291 -10.09 14.95 -24.66
CA SER B 291 -9.15 13.85 -24.80
C SER B 291 -9.35 13.10 -26.12
N VAL B 292 -9.50 13.87 -27.20
CA VAL B 292 -9.64 13.26 -28.52
C VAL B 292 -8.36 12.53 -28.87
N SER B 293 -8.49 11.33 -29.42
CA SER B 293 -7.35 10.51 -29.81
C SER B 293 -7.55 10.06 -31.26
N CYS B 294 -7.13 10.91 -32.20
CA CYS B 294 -7.12 10.55 -33.60
C CYS B 294 -5.75 10.00 -33.97
N GLN B 295 -5.74 9.05 -34.92
CA GLN B 295 -4.49 8.55 -35.46
C GLN B 295 -4.07 9.28 -36.73
N GLY B 296 -4.87 10.23 -37.19
CA GLY B 296 -4.54 11.00 -38.38
C GLY B 296 -5.22 10.55 -39.65
N HIS B 297 -5.96 9.45 -39.61
CA HIS B 297 -6.66 8.95 -40.79
C HIS B 297 -8.18 9.02 -40.67
N GLU B 298 -8.70 9.57 -39.58
CA GLU B 298 -10.14 9.65 -39.42
C GLU B 298 -10.72 10.74 -40.32
N PRO B 299 -11.88 10.51 -40.93
CA PRO B 299 -12.51 11.56 -41.75
C PRO B 299 -12.88 12.80 -40.98
N ALA B 300 -13.25 12.67 -39.71
CA ALA B 300 -13.70 13.80 -38.92
C ALA B 300 -13.21 13.63 -37.48
N ILE B 301 -13.37 14.68 -36.68
CA ILE B 301 -12.86 14.67 -35.33
C ILE B 301 -13.67 13.79 -34.39
N TRP B 302 -14.92 13.47 -34.74
CA TRP B 302 -15.79 12.70 -33.85
C TRP B 302 -15.78 11.20 -34.11
N GLN B 303 -15.12 10.73 -35.17
CA GLN B 303 -14.90 9.30 -35.35
C GLN B 303 -13.68 8.80 -34.58
N CYS B 304 -12.93 9.70 -33.96
CA CYS B 304 -11.78 9.33 -33.15
C CYS B 304 -12.21 8.90 -31.75
N LYS B 305 -11.27 8.29 -31.03
CA LYS B 305 -11.51 7.98 -29.63
C LYS B 305 -11.47 9.27 -28.81
N HIS B 306 -12.44 9.42 -27.92
CA HIS B 306 -12.51 10.59 -27.05
C HIS B 306 -13.39 10.25 -25.86
N HIS B 307 -13.46 11.19 -24.92
CA HIS B 307 -14.35 11.03 -23.78
C HIS B 307 -15.81 11.18 -24.24
N GLU B 308 -16.72 10.75 -23.39
CA GLU B 308 -18.14 10.89 -23.67
C GLU B 308 -18.48 12.37 -23.84
N TRP B 309 -19.33 12.67 -24.81
CA TRP B 309 -19.60 14.06 -25.18
C TRP B 309 -20.11 14.86 -23.99
N GLY B 310 -19.53 16.02 -23.78
CA GLY B 310 -19.90 16.90 -22.68
C GLY B 310 -19.20 16.58 -21.38
N LYS B 311 -18.77 15.34 -21.22
CA LYS B 311 -18.06 14.94 -20.02
C LYS B 311 -16.58 15.30 -20.16
N HIS B 312 -16.07 16.04 -19.18
CA HIS B 312 -14.71 16.58 -19.27
C HIS B 312 -14.23 16.92 -17.87
N TYR B 313 -12.94 17.23 -17.77
CA TYR B 313 -12.29 17.65 -16.54
C TYR B 313 -11.45 18.88 -16.79
N CYS B 314 -11.92 19.75 -17.68
CA CYS B 314 -11.18 20.94 -18.06
C CYS B 314 -12.01 22.20 -17.86
N ASN B 315 -11.43 23.35 -18.18
CA ASN B 315 -12.14 24.62 -18.18
C ASN B 315 -11.93 25.28 -19.54
N HIS B 316 -12.48 26.48 -19.70
CA HIS B 316 -12.39 27.15 -21.00
C HIS B 316 -11.05 27.84 -21.20
N ASN B 317 -10.19 27.86 -20.18
CA ASN B 317 -8.81 28.26 -20.41
C ASN B 317 -8.06 27.20 -21.21
N GLU B 318 -8.44 25.93 -21.05
CA GLU B 318 -7.83 24.81 -21.75
C GLU B 318 -8.43 24.57 -23.12
N ASP B 319 -9.14 25.55 -23.67
CA ASP B 319 -9.85 25.34 -24.92
C ASP B 319 -8.88 25.07 -26.05
N ALA B 320 -9.14 24.01 -26.81
CA ALA B 320 -8.27 23.60 -27.89
C ALA B 320 -8.55 24.43 -29.14
N GLY B 321 -7.51 24.61 -29.94
CA GLY B 321 -7.62 25.25 -31.23
C GLY B 321 -6.84 24.47 -32.25
N VAL B 322 -6.64 25.08 -33.41
CA VAL B 322 -5.84 24.48 -34.48
C VAL B 322 -5.29 25.59 -35.36
N THR B 323 -4.13 25.31 -35.95
CA THR B 323 -3.51 26.21 -36.92
C THR B 323 -3.29 25.41 -38.19
N CYS B 324 -4.00 25.75 -39.26
CA CYS B 324 -3.89 25.06 -40.53
C CYS B 324 -3.09 25.93 -41.48
N SER B 325 -2.03 25.35 -42.06
CA SER B 325 -1.17 26.12 -42.94
C SER B 325 -0.50 25.20 -43.94
N ASP B 326 -0.08 25.77 -45.05
CA ASP B 326 0.75 25.08 -46.03
C ASP B 326 2.23 25.22 -45.72
N GLY B 327 2.60 26.02 -44.72
CA GLY B 327 3.98 26.21 -44.33
C GLY B 327 4.63 27.47 -44.86
N SER B 328 3.97 28.19 -45.77
CA SER B 328 4.57 29.36 -46.37
C SER B 328 4.59 30.56 -45.43
N ASP B 329 3.65 30.64 -44.50
CA ASP B 329 3.49 31.81 -43.64
C ASP B 329 4.01 31.59 -42.22
N LEU B 330 4.84 30.58 -42.01
CA LEU B 330 5.47 30.36 -40.71
C LEU B 330 6.88 30.92 -40.76
N GLU B 331 7.09 32.06 -40.10
CA GLU B 331 8.40 32.68 -40.02
C GLU B 331 8.88 32.67 -38.58
N LEU B 332 10.21 32.57 -38.40
CA LEU B 332 10.80 32.44 -37.08
C LEU B 332 12.17 33.08 -37.11
N ARG B 333 12.31 34.23 -36.44
CA ARG B 333 13.55 34.98 -36.46
C ARG B 333 13.95 35.33 -35.02
N LEU B 334 15.14 35.90 -34.90
CA LEU B 334 15.70 36.28 -33.61
C LEU B 334 15.80 37.79 -33.51
N ARG B 335 15.27 38.34 -32.42
CA ARG B 335 15.13 39.78 -32.26
C ARG B 335 15.75 40.23 -30.94
N GLY B 336 16.41 41.39 -31.00
CA GLY B 336 16.99 42.01 -29.82
C GLY B 336 18.45 41.72 -29.58
N GLY B 337 19.09 40.91 -30.42
CA GLY B 337 20.48 40.54 -30.22
C GLY B 337 21.47 41.14 -31.18
N GLY B 338 21.05 42.07 -32.04
CA GLY B 338 21.95 42.66 -33.01
C GLY B 338 22.30 41.71 -34.13
N SER B 339 22.84 40.54 -33.78
CA SER B 339 23.08 39.51 -34.75
C SER B 339 21.78 38.81 -35.15
N ARG B 340 21.70 38.42 -36.42
CA ARG B 340 20.54 37.66 -36.89
C ARG B 340 20.41 36.32 -36.19
N CYS B 341 21.50 35.79 -35.66
CA CYS B 341 21.51 34.47 -35.04
C CYS B 341 21.69 34.57 -33.53
N ALA B 342 21.12 35.61 -32.93
CA ALA B 342 21.18 35.79 -31.49
C ALA B 342 20.07 36.73 -31.06
N GLY B 343 19.40 36.38 -29.98
CA GLY B 343 18.30 37.17 -29.47
C GLY B 343 17.21 36.25 -28.97
N THR B 344 16.04 36.84 -28.73
CA THR B 344 14.85 36.06 -28.42
C THR B 344 14.34 35.39 -29.68
N VAL B 345 13.59 34.32 -29.52
CA VAL B 345 13.01 33.64 -30.66
C VAL B 345 11.67 34.31 -30.95
N GLU B 346 11.61 35.08 -32.02
CA GLU B 346 10.37 35.71 -32.45
C GLU B 346 9.74 34.90 -33.58
N VAL B 347 8.44 34.66 -33.46
CA VAL B 347 7.74 33.73 -34.33
C VAL B 347 6.63 34.47 -35.07
N GLU B 348 6.65 34.41 -36.40
CA GLU B 348 5.62 34.96 -37.26
C GLU B 348 4.83 33.78 -37.83
N ILE B 349 3.56 33.66 -37.44
CA ILE B 349 2.67 32.66 -38.00
C ILE B 349 1.40 33.37 -38.44
N GLN B 350 1.18 33.41 -39.76
CA GLN B 350 0.01 34.05 -40.35
C GLN B 350 -0.06 35.53 -39.99
N ARG B 351 1.07 36.21 -40.20
CA ARG B 351 1.22 37.65 -39.96
C ARG B 351 1.07 38.02 -38.49
N LEU B 352 1.08 37.03 -37.59
CA LEU B 352 0.93 37.27 -36.16
C LEU B 352 2.30 37.19 -35.50
N LEU B 353 2.71 38.27 -34.85
CA LEU B 353 3.93 38.25 -34.07
C LEU B 353 3.77 37.33 -32.88
N GLY B 354 4.87 36.72 -32.45
CA GLY B 354 4.84 35.87 -31.29
C GLY B 354 6.25 35.47 -30.91
N LYS B 355 6.37 34.99 -29.67
CA LYS B 355 7.64 34.55 -29.12
C LYS B 355 7.45 33.19 -28.47
N VAL B 356 8.48 32.37 -28.55
CA VAL B 356 8.44 31.01 -28.02
C VAL B 356 8.54 31.05 -26.51
N CYS B 357 7.66 30.34 -25.82
CA CYS B 357 7.78 30.15 -24.39
C CYS B 357 8.91 29.17 -24.10
N ASP B 358 9.60 29.37 -22.98
CA ASP B 358 10.76 28.54 -22.72
C ASP B 358 10.44 27.31 -21.88
N ARG B 359 9.16 26.99 -21.65
CA ARG B 359 8.84 25.74 -20.99
C ARG B 359 9.04 24.59 -21.96
N GLY B 360 9.75 23.57 -21.53
CA GLY B 360 10.16 22.52 -22.46
C GLY B 360 11.05 23.04 -23.57
N TRP B 361 11.91 24.01 -23.28
CA TRP B 361 12.79 24.62 -24.26
C TRP B 361 14.23 24.44 -23.77
N GLY B 362 14.83 23.32 -24.15
CA GLY B 362 16.22 23.04 -23.82
C GLY B 362 17.17 23.54 -24.88
N LEU B 363 18.37 22.97 -24.87
CA LEU B 363 19.35 23.31 -25.90
C LEU B 363 19.08 22.59 -27.21
N LYS B 364 18.34 21.47 -27.18
CA LYS B 364 18.03 20.76 -28.42
C LYS B 364 17.14 21.58 -29.33
N GLU B 365 16.04 22.12 -28.79
CA GLU B 365 15.19 22.98 -29.58
C GLU B 365 15.92 24.27 -29.98
N ALA B 366 16.80 24.74 -29.11
CA ALA B 366 17.60 25.92 -29.43
C ALA B 366 18.48 25.68 -30.66
N ASP B 367 19.13 24.52 -30.73
CA ASP B 367 19.96 24.24 -31.89
C ASP B 367 19.11 23.91 -33.11
N VAL B 368 17.90 23.40 -32.90
CA VAL B 368 16.97 23.25 -34.02
C VAL B 368 16.67 24.61 -34.65
N VAL B 369 16.41 25.59 -33.80
CA VAL B 369 16.19 26.96 -34.29
C VAL B 369 17.43 27.49 -34.99
N CYS B 370 18.60 27.26 -34.39
CA CYS B 370 19.84 27.75 -35.01
C CYS B 370 20.05 27.14 -36.38
N ARG B 371 19.80 25.83 -36.52
CA ARG B 371 19.92 25.17 -37.81
C ARG B 371 18.88 25.70 -38.79
N GLN B 372 17.67 25.98 -38.31
CA GLN B 372 16.64 26.54 -39.17
C GLN B 372 17.08 27.88 -39.74
N LEU B 373 17.62 28.75 -38.89
CA LEU B 373 18.17 30.01 -39.39
C LEU B 373 19.51 29.83 -40.08
N GLY B 374 20.22 28.74 -39.80
CA GLY B 374 21.47 28.45 -40.47
C GLY B 374 22.69 29.02 -39.76
N CYS B 375 22.83 28.74 -38.48
CA CYS B 375 23.99 29.18 -37.70
C CYS B 375 24.49 28.06 -36.81
N GLY B 376 24.57 26.85 -37.35
CA GLY B 376 25.16 25.74 -36.61
C GLY B 376 24.31 25.36 -35.41
N SER B 377 25.01 24.99 -34.33
CA SER B 377 24.34 24.52 -33.11
C SER B 377 24.04 25.70 -32.19
N ALA B 378 23.55 25.38 -31.00
CA ALA B 378 23.20 26.38 -30.00
C ALA B 378 24.21 26.39 -28.86
N LEU B 379 24.56 27.60 -28.42
CA LEU B 379 25.52 27.77 -27.34
C LEU B 379 24.84 27.95 -25.99
N LYS B 380 23.92 28.91 -25.86
CA LYS B 380 23.20 29.09 -24.60
C LYS B 380 21.83 29.70 -24.89
N THR B 381 20.86 29.37 -24.04
CA THR B 381 19.53 29.91 -24.15
C THR B 381 19.45 31.29 -23.50
N SER B 382 20.36 32.17 -23.87
CA SER B 382 20.42 33.53 -23.36
C SER B 382 21.20 34.37 -24.36
N TYR B 383 20.91 35.66 -24.40
CA TYR B 383 21.60 36.54 -25.34
C TYR B 383 21.93 37.85 -24.66
N GLN B 384 23.08 38.41 -25.05
CA GLN B 384 23.47 39.73 -24.61
C GLN B 384 22.66 40.75 -25.40
N VAL B 385 21.73 41.42 -24.71
CA VAL B 385 20.77 42.28 -25.40
C VAL B 385 21.48 43.43 -26.10
N TYR B 386 21.13 43.64 -27.37
CA TYR B 386 21.62 44.78 -28.13
C TYR B 386 20.58 45.88 -28.28
N SER B 387 19.29 45.52 -28.19
CA SER B 387 18.22 46.49 -28.40
C SER B 387 16.96 45.96 -27.76
N LYS B 388 16.12 46.89 -27.31
CA LYS B 388 14.83 46.55 -26.72
C LYS B 388 13.89 45.98 -27.78
N ILE B 389 13.06 45.04 -27.36
CA ILE B 389 11.96 44.55 -28.17
C ILE B 389 10.69 44.60 -27.35
N GLN B 390 9.55 44.63 -28.05
CA GLN B 390 8.26 44.75 -27.40
C GLN B 390 7.82 43.39 -26.86
N ALA B 391 6.58 43.30 -26.42
CA ALA B 391 6.01 42.06 -25.90
C ALA B 391 4.74 41.73 -26.66
N THR B 392 4.53 40.44 -26.90
CA THR B 392 3.38 39.96 -27.65
C THR B 392 2.64 38.93 -26.82
N ASN B 393 1.31 38.92 -26.97
CA ASN B 393 0.47 38.11 -26.09
C ASN B 393 0.56 36.62 -26.41
N THR B 394 0.63 36.26 -27.68
CA THR B 394 0.60 34.85 -28.07
C THR B 394 2.00 34.25 -28.04
N TRP B 395 2.06 32.98 -27.65
CA TRP B 395 3.32 32.28 -27.45
C TRP B 395 3.33 30.98 -28.24
N LEU B 396 4.52 30.56 -28.65
CA LEU B 396 4.74 29.26 -29.26
C LEU B 396 5.24 28.30 -28.19
N PHE B 397 4.60 27.14 -28.07
CA PHE B 397 4.95 26.17 -27.05
C PHE B 397 5.50 24.91 -27.72
N LEU B 398 6.63 24.44 -27.22
CA LEU B 398 7.32 23.27 -27.76
C LEU B 398 7.29 22.18 -26.69
N SER B 399 6.43 21.18 -26.88
CA SER B 399 6.36 20.06 -25.96
C SER B 399 7.71 19.38 -25.86
N SER B 400 8.16 18.76 -26.96
CA SER B 400 9.48 18.17 -27.07
C SER B 400 9.69 17.72 -28.50
N CYS B 401 10.93 17.77 -28.96
CA CYS B 401 11.27 17.20 -30.26
C CYS B 401 12.76 16.86 -30.28
N ASN B 402 13.11 15.94 -31.18
CA ASN B 402 14.34 15.16 -31.07
C ASN B 402 15.58 16.05 -31.05
N GLY B 403 15.59 17.09 -31.87
CA GLY B 403 16.72 17.99 -31.95
C GLY B 403 17.51 17.92 -33.24
N ASN B 404 17.30 16.89 -34.06
CA ASN B 404 17.97 16.75 -35.34
C ASN B 404 17.15 17.33 -36.50
N GLU B 405 16.02 17.96 -36.21
CA GLU B 405 15.12 18.42 -37.26
C GLU B 405 15.70 19.62 -37.99
N THR B 406 15.45 19.68 -39.30
CA THR B 406 15.97 20.78 -40.11
C THR B 406 15.19 22.08 -39.90
N SER B 407 14.03 22.02 -39.26
CA SER B 407 13.24 23.21 -38.98
C SER B 407 12.43 23.00 -37.71
N LEU B 408 12.09 24.10 -37.04
CA LEU B 408 11.35 23.98 -35.79
C LEU B 408 9.90 23.57 -36.05
N TRP B 409 9.34 23.99 -37.18
CA TRP B 409 7.98 23.59 -37.53
C TRP B 409 7.86 22.08 -37.75
N ASP B 410 8.91 21.45 -38.27
CA ASP B 410 8.84 20.04 -38.62
C ASP B 410 8.92 19.11 -37.41
N CYS B 411 9.30 19.60 -36.24
CA CYS B 411 9.39 18.72 -35.09
C CYS B 411 8.06 18.70 -34.34
N LYS B 412 7.78 17.55 -33.73
CA LYS B 412 6.42 17.13 -33.45
C LYS B 412 5.72 18.01 -32.42
N ASN B 413 4.45 18.32 -32.69
CA ASN B 413 3.47 18.79 -31.71
C ASN B 413 3.93 20.08 -31.02
N TRP B 414 4.00 21.14 -31.82
CA TRP B 414 4.22 22.48 -31.30
C TRP B 414 2.91 23.25 -31.27
N GLN B 415 2.63 23.88 -30.14
CA GLN B 415 1.39 24.60 -29.92
C GLN B 415 1.61 26.09 -30.17
N TRP B 416 0.68 26.71 -30.88
CA TRP B 416 0.75 28.12 -31.23
C TRP B 416 -0.43 28.82 -30.57
N GLY B 417 -0.18 29.47 -29.44
CA GLY B 417 -1.22 30.13 -28.70
C GLY B 417 -2.00 29.16 -27.83
N GLY B 418 -2.99 29.70 -27.13
CA GLY B 418 -3.83 28.91 -26.26
C GLY B 418 -3.33 28.74 -24.85
N LEU B 419 -2.11 29.18 -24.56
CA LEU B 419 -1.57 29.14 -23.21
C LEU B 419 -0.79 30.42 -22.96
N THR B 420 -0.60 30.74 -21.69
CA THR B 420 0.12 31.93 -21.28
C THR B 420 1.47 31.53 -20.71
N CYS B 421 2.53 32.18 -21.18
CA CYS B 421 3.87 31.95 -20.67
C CYS B 421 4.19 32.91 -19.51
N ASP B 422 3.31 32.88 -18.51
CA ASP B 422 3.47 33.74 -17.34
C ASP B 422 4.31 33.08 -16.25
N HIS B 423 4.03 31.81 -15.94
CA HIS B 423 4.87 31.09 -14.99
C HIS B 423 6.27 30.87 -15.50
N TYR B 424 6.45 30.87 -16.82
CA TYR B 424 7.73 30.65 -17.47
C TYR B 424 8.20 31.96 -18.11
N GLU B 425 9.33 31.89 -18.78
CA GLU B 425 9.97 33.05 -19.34
C GLU B 425 9.99 32.93 -20.87
N GLU B 426 10.35 34.01 -21.53
CA GLU B 426 10.54 33.98 -22.96
C GLU B 426 11.72 33.08 -23.31
N ALA B 427 11.70 32.52 -24.52
CA ALA B 427 12.75 31.63 -24.97
C ALA B 427 13.78 32.41 -25.76
N LYS B 428 15.04 32.35 -25.33
CA LYS B 428 16.13 33.09 -25.95
C LYS B 428 17.12 32.11 -26.57
N ILE B 429 18.04 32.65 -27.37
CA ILE B 429 19.06 31.84 -28.01
C ILE B 429 20.17 32.75 -28.52
N THR B 430 21.41 32.23 -28.45
CA THR B 430 22.58 32.85 -29.07
C THR B 430 23.29 31.75 -29.86
N CYS B 431 23.07 31.71 -31.16
CA CYS B 431 23.75 30.75 -32.02
C CYS B 431 25.19 31.19 -32.26
N SER B 432 25.89 30.44 -33.11
CA SER B 432 27.28 30.77 -33.41
C SER B 432 27.44 31.22 -34.85
N GLY C 113 -8.86 -46.45 35.57
CA GLY C 113 -8.87 -46.18 34.16
C GLY C 113 -9.29 -47.37 33.31
N SER C 114 -8.32 -47.97 32.64
CA SER C 114 -8.45 -49.17 31.80
C SER C 114 -9.27 -48.92 30.54
N ASN C 115 -9.84 -47.72 30.35
CA ASN C 115 -10.53 -47.39 29.12
C ASN C 115 -10.15 -46.01 28.61
N LEU C 116 -9.09 -45.41 29.15
CA LEU C 116 -8.61 -44.11 28.71
C LEU C 116 -7.48 -44.30 27.72
N GLU C 117 -7.65 -43.77 26.52
CA GLU C 117 -6.62 -43.81 25.49
C GLU C 117 -6.21 -42.39 25.15
N MET C 118 -4.92 -42.10 25.22
CA MET C 118 -4.43 -40.79 24.84
C MET C 118 -3.49 -40.91 23.66
N ARG C 119 -3.30 -39.80 22.96
CA ARG C 119 -2.48 -39.75 21.76
C ARG C 119 -1.80 -38.40 21.70
N LEU C 120 -0.83 -38.28 20.78
CA LEU C 120 -0.11 -37.05 20.55
C LEU C 120 -0.40 -36.59 19.12
N THR C 121 -0.96 -35.40 18.97
CA THR C 121 -1.49 -34.93 17.71
C THR C 121 -0.63 -33.83 17.12
N ARG C 122 -0.37 -33.94 15.81
CA ARG C 122 0.30 -32.89 15.04
C ARG C 122 1.70 -32.58 15.58
N GLY C 123 2.53 -33.62 15.61
CA GLY C 123 3.87 -33.46 16.13
C GLY C 123 4.96 -34.11 15.29
N GLY C 124 4.66 -34.35 14.02
CA GLY C 124 5.61 -35.03 13.16
C GLY C 124 5.47 -36.54 13.22
N ASN C 125 5.87 -37.12 14.34
CA ASN C 125 5.72 -38.56 14.57
C ASN C 125 4.81 -38.79 15.76
N MET C 126 4.47 -40.05 15.99
CA MET C 126 3.44 -40.40 16.97
C MET C 126 3.87 -40.13 18.40
N CYS C 127 5.14 -39.83 18.64
CA CYS C 127 5.64 -39.57 19.98
C CYS C 127 5.76 -38.08 20.29
N SER C 128 5.23 -37.21 19.44
CA SER C 128 5.24 -35.78 19.67
C SER C 128 3.89 -35.19 19.30
N GLY C 129 3.54 -34.08 19.93
CA GLY C 129 2.36 -33.32 19.57
C GLY C 129 1.50 -33.02 20.77
N ARG C 130 0.32 -32.48 20.50
CA ARG C 130 -0.62 -32.14 21.56
C ARG C 130 -1.06 -33.39 22.33
N ILE C 131 -1.17 -33.23 23.64
CA ILE C 131 -1.67 -34.29 24.50
C ILE C 131 -3.19 -34.30 24.39
N GLU C 132 -3.74 -35.39 23.87
CA GLU C 132 -5.19 -35.52 23.70
C GLU C 132 -5.64 -36.81 24.36
N ILE C 133 -6.66 -36.74 25.19
CA ILE C 133 -7.15 -37.87 25.95
C ILE C 133 -8.61 -38.13 25.58
N LYS C 134 -9.01 -39.39 25.65
CA LYS C 134 -10.38 -39.80 25.33
C LYS C 134 -11.12 -40.10 26.62
N PHE C 135 -12.19 -39.35 26.87
CA PHE C 135 -13.00 -39.53 28.07
C PHE C 135 -14.43 -39.14 27.72
N GLN C 136 -15.40 -39.94 28.20
CA GLN C 136 -16.76 -39.97 27.64
C GLN C 136 -16.74 -40.05 26.11
N GLY C 137 -15.76 -40.77 25.57
CA GLY C 137 -15.67 -40.89 24.12
C GLY C 137 -15.43 -39.59 23.40
N ARG C 138 -14.79 -38.62 24.06
CA ARG C 138 -14.47 -37.34 23.45
C ARG C 138 -12.97 -37.10 23.55
N TRP C 139 -12.39 -36.56 22.48
CA TRP C 139 -10.97 -36.22 22.46
C TRP C 139 -10.78 -34.81 22.97
N GLY C 140 -10.02 -34.67 24.06
CA GLY C 140 -9.80 -33.38 24.67
C GLY C 140 -8.37 -33.22 25.11
N THR C 141 -7.96 -31.96 25.23
CA THR C 141 -6.58 -31.61 25.45
C THR C 141 -6.29 -31.39 26.93
N VAL C 142 -5.09 -30.91 27.23
CA VAL C 142 -4.61 -30.69 28.60
C VAL C 142 -3.99 -29.31 28.67
N CYS C 143 -4.20 -28.61 29.78
CA CYS C 143 -3.65 -27.28 29.96
C CYS C 143 -2.13 -27.31 30.07
N ASP C 144 -1.53 -26.15 29.80
CA ASP C 144 -0.13 -25.94 30.15
C ASP C 144 0.04 -25.42 31.56
N ASP C 145 -1.06 -25.16 32.27
CA ASP C 145 -0.97 -24.68 33.63
C ASP C 145 -0.27 -25.70 34.51
N ASN C 146 0.80 -25.26 35.18
CA ASN C 146 1.60 -26.12 36.05
C ASN C 146 2.10 -27.34 35.27
N PHE C 147 2.49 -27.13 34.03
CA PHE C 147 3.02 -28.18 33.17
C PHE C 147 4.53 -28.01 33.04
N ASN C 148 5.26 -29.06 33.37
CA ASN C 148 6.71 -29.04 33.27
C ASN C 148 7.18 -30.41 32.80
N ILE C 149 8.48 -30.68 32.95
CA ILE C 149 9.06 -31.89 32.38
C ILE C 149 8.57 -33.15 33.09
N ASP C 150 8.01 -33.04 34.30
CA ASP C 150 7.53 -34.21 35.01
C ASP C 150 6.26 -34.77 34.35
N HIS C 151 5.35 -33.88 33.97
CA HIS C 151 4.16 -34.30 33.24
C HIS C 151 4.54 -34.91 31.90
N ALA C 152 5.49 -34.30 31.21
CA ALA C 152 5.96 -34.84 29.94
C ALA C 152 6.59 -36.21 30.12
N SER C 153 7.33 -36.40 31.22
CA SER C 153 7.91 -37.71 31.51
C SER C 153 6.81 -38.74 31.73
N VAL C 154 5.79 -38.39 32.51
CA VAL C 154 4.68 -39.30 32.75
C VAL C 154 4.02 -39.68 31.45
N ILE C 155 3.80 -38.70 30.56
CA ILE C 155 3.11 -38.97 29.30
C ILE C 155 3.97 -39.83 28.38
N CYS C 156 5.25 -39.48 28.25
CA CYS C 156 6.11 -40.24 27.34
C CYS C 156 6.30 -41.68 27.82
N ARG C 157 6.48 -41.88 29.13
CA ARG C 157 6.56 -43.24 29.65
C ARG C 157 5.23 -43.97 29.48
N GLN C 158 4.12 -43.25 29.60
CA GLN C 158 2.81 -43.88 29.47
C GLN C 158 2.57 -44.41 28.07
N LEU C 159 2.98 -43.65 27.05
CA LEU C 159 2.82 -44.07 25.66
C LEU C 159 3.92 -45.01 25.19
N GLU C 160 4.83 -45.39 26.09
CA GLU C 160 6.02 -46.15 25.72
C GLU C 160 6.83 -45.43 24.65
N CYS C 161 6.90 -44.10 24.76
CA CYS C 161 7.67 -43.27 23.86
C CYS C 161 9.01 -42.85 24.44
N GLY C 162 9.46 -43.50 25.52
CA GLY C 162 10.76 -43.21 26.09
C GLY C 162 10.74 -42.07 27.07
N SER C 163 11.88 -41.39 27.23
CA SER C 163 11.93 -40.24 28.12
C SER C 163 11.37 -39.01 27.42
N ALA C 164 11.26 -37.92 28.18
CA ALA C 164 10.68 -36.68 27.68
C ALA C 164 11.80 -35.77 27.19
N VAL C 165 11.87 -35.60 25.87
CA VAL C 165 12.82 -34.63 25.31
C VAL C 165 12.43 -33.21 25.72
N SER C 166 11.16 -32.86 25.57
CA SER C 166 10.71 -31.51 25.82
C SER C 166 9.21 -31.52 26.06
N PHE C 167 8.72 -30.39 26.57
CA PHE C 167 7.30 -30.13 26.66
C PHE C 167 7.04 -28.74 26.11
N SER C 168 5.80 -28.51 25.67
CA SER C 168 5.39 -27.19 25.23
C SER C 168 3.97 -26.96 25.72
N GLY C 169 3.57 -25.70 25.78
CA GLY C 169 2.26 -25.44 26.33
C GLY C 169 1.39 -24.35 25.76
N SER C 170 1.86 -23.62 24.75
CA SER C 170 1.09 -22.50 24.21
C SER C 170 0.37 -22.86 22.91
N SER C 171 -0.13 -24.09 22.81
CA SER C 171 -0.71 -24.61 21.57
C SER C 171 0.28 -24.43 20.42
N ASN C 172 1.53 -24.82 20.66
CA ASN C 172 2.55 -24.70 19.63
C ASN C 172 2.36 -25.75 18.55
N PHE C 173 1.75 -26.89 18.88
CA PHE C 173 1.41 -27.91 17.90
C PHE C 173 0.05 -27.64 17.27
N GLY C 174 -0.40 -26.40 17.28
CA GLY C 174 -1.75 -26.06 16.88
C GLY C 174 -2.70 -26.03 18.05
N GLU C 175 -3.81 -25.31 17.87
CA GLU C 175 -4.82 -25.22 18.90
C GLU C 175 -5.72 -26.44 18.86
N GLY C 176 -5.89 -27.09 20.01
CA GLY C 176 -6.69 -28.29 20.08
C GLY C 176 -8.17 -28.00 20.04
N SER C 177 -8.94 -29.08 19.90
CA SER C 177 -10.39 -28.97 19.84
C SER C 177 -10.99 -29.98 20.82
N GLY C 178 -12.12 -29.61 21.39
CA GLY C 178 -12.80 -30.43 22.35
C GLY C 178 -12.69 -29.86 23.75
N PRO C 179 -12.99 -30.68 24.76
CA PRO C 179 -12.96 -30.20 26.15
C PRO C 179 -11.57 -30.38 26.76
N ILE C 180 -11.04 -29.31 27.33
CA ILE C 180 -9.82 -29.43 28.13
C ILE C 180 -10.11 -30.29 29.35
N TRP C 181 -9.32 -31.34 29.53
CA TRP C 181 -9.62 -32.32 30.58
C TRP C 181 -8.91 -32.01 31.89
N PHE C 182 -7.69 -31.50 31.84
CA PHE C 182 -6.91 -31.24 33.04
C PHE C 182 -6.37 -29.82 33.01
N ASP C 183 -6.30 -29.19 34.18
CA ASP C 183 -5.76 -27.84 34.29
C ASP C 183 -4.48 -27.78 35.11
N ASP C 184 -4.53 -28.19 36.37
CA ASP C 184 -3.38 -28.07 37.26
C ASP C 184 -2.98 -29.47 37.69
N LEU C 185 -2.21 -30.14 36.84
CA LEU C 185 -1.75 -31.49 37.12
C LEU C 185 -0.51 -31.41 38.01
N ILE C 186 -0.56 -32.07 39.15
CA ILE C 186 0.60 -32.14 40.03
C ILE C 186 1.22 -33.52 39.88
N CYS C 187 2.18 -33.64 38.97
CA CYS C 187 2.87 -34.90 38.71
C CYS C 187 4.32 -34.76 39.17
N ASN C 188 4.78 -35.70 39.99
CA ASN C 188 6.15 -35.72 40.44
C ASN C 188 7.06 -36.52 39.52
N GLY C 189 6.51 -37.21 38.52
CA GLY C 189 7.32 -37.89 37.54
C GLY C 189 7.05 -39.38 37.43
N ASN C 190 6.87 -40.06 38.57
CA ASN C 190 6.68 -41.51 38.59
C ASN C 190 5.18 -41.86 38.67
N GLU C 191 4.44 -41.40 37.67
CA GLU C 191 3.03 -41.78 37.52
C GLU C 191 2.88 -42.76 36.37
N SER C 192 2.06 -43.78 36.58
CA SER C 192 1.85 -44.79 35.55
C SER C 192 1.18 -44.19 34.31
N ALA C 193 0.34 -43.17 34.50
CA ALA C 193 -0.34 -42.52 33.40
C ALA C 193 -0.68 -41.10 33.84
N LEU C 194 -1.02 -40.25 32.86
CA LEU C 194 -1.34 -38.87 33.18
C LEU C 194 -2.62 -38.76 34.00
N TRP C 195 -3.59 -39.64 33.75
CA TRP C 195 -4.81 -39.61 34.55
C TRP C 195 -4.59 -40.34 35.87
N ASN C 196 -3.48 -40.01 36.53
CA ASN C 196 -3.19 -40.47 37.88
C ASN C 196 -2.63 -39.35 38.74
N CYS C 197 -2.21 -38.24 38.13
CA CYS C 197 -1.85 -37.06 38.90
C CYS C 197 -3.09 -36.46 39.54
N LYS C 198 -2.86 -35.65 40.56
CA LYS C 198 -3.97 -35.16 41.39
C LYS C 198 -4.93 -34.29 40.58
N HIS C 199 -4.39 -33.42 39.72
CA HIS C 199 -5.13 -32.37 39.01
C HIS C 199 -6.18 -31.71 39.90
N GLN C 200 -7.21 -31.11 39.28
CA GLN C 200 -8.28 -30.50 40.06
C GLN C 200 -9.63 -30.74 39.42
N GLY C 201 -9.80 -31.87 38.73
CA GLY C 201 -11.07 -32.23 38.15
C GLY C 201 -10.95 -32.83 36.76
N TRP C 202 -12.02 -33.43 36.27
CA TRP C 202 -12.08 -34.01 34.93
C TRP C 202 -12.90 -33.04 34.07
N GLY C 203 -12.21 -32.10 33.43
CA GLY C 203 -12.86 -31.06 32.68
C GLY C 203 -12.95 -29.72 33.38
N LYS C 204 -12.50 -29.64 34.63
CA LYS C 204 -12.47 -28.38 35.37
C LYS C 204 -11.18 -27.66 35.07
N HIS C 205 -11.28 -26.45 34.53
CA HIS C 205 -10.11 -25.73 34.03
C HIS C 205 -10.46 -24.27 33.83
N ASN C 206 -9.54 -23.39 34.17
CA ASN C 206 -9.59 -22.00 33.72
C ASN C 206 -8.67 -21.78 32.53
N CYS C 207 -8.96 -22.48 31.45
CA CYS C 207 -8.06 -22.51 30.30
C CYS C 207 -8.80 -22.15 29.02
N ASP C 208 -8.00 -21.93 27.98
CA ASP C 208 -8.45 -21.76 26.61
C ASP C 208 -7.87 -22.91 25.79
N HIS C 209 -8.03 -22.86 24.48
CA HIS C 209 -7.35 -23.83 23.63
C HIS C 209 -6.02 -23.29 23.09
N ALA C 210 -5.61 -22.10 23.51
CA ALA C 210 -4.26 -21.64 23.29
C ALA C 210 -3.29 -22.10 24.37
N GLU C 211 -3.77 -22.88 25.32
CA GLU C 211 -2.96 -23.35 26.43
C GLU C 211 -2.78 -24.86 26.42
N ASP C 212 -3.02 -25.51 25.28
CA ASP C 212 -2.88 -26.95 25.20
C ASP C 212 -1.42 -27.35 25.35
N ALA C 213 -1.19 -28.34 26.19
CA ALA C 213 0.17 -28.82 26.46
C ALA C 213 0.52 -29.88 25.43
N GLY C 214 1.74 -29.79 24.90
CA GLY C 214 2.27 -30.82 24.03
C GLY C 214 3.58 -31.35 24.58
N VAL C 215 3.96 -32.53 24.10
CA VAL C 215 5.20 -33.16 24.53
C VAL C 215 5.97 -33.65 23.33
N ILE C 216 7.29 -33.74 23.49
CA ILE C 216 8.17 -34.40 22.54
C ILE C 216 8.93 -35.48 23.30
N CYS C 217 8.87 -36.71 22.80
CA CYS C 217 9.40 -37.85 23.54
C CYS C 217 10.69 -38.37 22.89
N SER C 218 11.43 -39.15 23.66
CA SER C 218 12.81 -39.49 23.30
C SER C 218 12.86 -40.37 22.05
N LYS C 219 12.09 -41.46 22.02
CA LYS C 219 12.21 -42.38 20.89
C LYS C 219 11.65 -41.79 19.60
N GLY C 220 10.85 -40.75 19.68
CA GLY C 220 10.36 -40.09 18.49
C GLY C 220 11.31 -39.04 17.98
N ALA C 221 11.79 -38.19 18.89
CA ALA C 221 12.71 -37.12 18.50
C ALA C 221 14.01 -37.70 17.94
N ASP C 222 14.54 -38.73 18.61
CA ASP C 222 15.73 -39.44 18.16
C ASP C 222 16.88 -38.47 17.89
N LEU C 223 17.28 -37.78 18.96
CA LEU C 223 18.20 -36.66 18.84
C LEU C 223 19.64 -37.13 18.83
N SER C 224 20.47 -36.45 18.03
CA SER C 224 21.91 -36.58 18.11
C SER C 224 22.54 -35.31 17.58
N LEU C 225 23.80 -35.11 17.92
CA LEU C 225 24.55 -33.91 17.57
C LEU C 225 25.78 -34.30 16.77
N ARG C 226 26.26 -33.37 15.95
CA ARG C 226 27.45 -33.61 15.14
C ARG C 226 28.04 -32.28 14.72
N LEU C 227 29.32 -32.32 14.34
CA LEU C 227 30.05 -31.15 13.86
C LEU C 227 30.41 -31.38 12.40
N VAL C 228 30.09 -30.41 11.55
CA VAL C 228 30.19 -30.55 10.11
C VAL C 228 31.02 -29.41 9.55
N ASP C 229 31.93 -29.75 8.62
CA ASP C 229 32.63 -28.75 7.81
C ASP C 229 33.57 -27.89 8.64
N GLY C 230 34.29 -28.53 9.56
CA GLY C 230 35.28 -27.84 10.36
C GLY C 230 36.68 -28.35 10.09
N VAL C 231 37.66 -27.57 10.55
CA VAL C 231 39.06 -27.92 10.32
C VAL C 231 39.49 -29.17 11.07
N THR C 232 38.66 -29.67 11.98
CA THR C 232 38.97 -30.84 12.77
C THR C 232 37.66 -31.59 12.97
N GLU C 233 37.76 -32.82 13.44
CA GLU C 233 36.56 -33.57 13.81
C GLU C 233 35.81 -32.93 14.96
N CYS C 234 36.44 -32.02 15.71
CA CYS C 234 35.86 -31.41 16.89
C CYS C 234 35.69 -29.91 16.71
N SER C 235 35.41 -29.49 15.49
CA SER C 235 35.10 -28.09 15.21
C SER C 235 34.23 -28.02 13.97
N GLY C 236 33.54 -26.89 13.82
CA GLY C 236 32.72 -26.67 12.65
C GLY C 236 31.29 -26.33 12.98
N ARG C 237 30.43 -26.34 11.97
CA ARG C 237 29.02 -26.04 12.19
C ARG C 237 28.36 -27.14 13.00
N LEU C 238 27.53 -26.74 13.96
CA LEU C 238 26.84 -27.67 14.83
C LEU C 238 25.49 -28.00 14.21
N GLU C 239 25.24 -29.29 14.00
CA GLU C 239 24.01 -29.77 13.40
C GLU C 239 23.36 -30.77 14.33
N VAL C 240 22.09 -30.53 14.67
CA VAL C 240 21.32 -31.39 15.55
C VAL C 240 20.25 -32.11 14.73
N ARG C 241 20.04 -33.38 15.03
CA ARG C 241 19.03 -34.18 14.35
C ARG C 241 17.77 -34.23 15.20
N PHE C 242 16.65 -33.84 14.60
CA PHE C 242 15.36 -33.84 15.29
C PHE C 242 14.34 -34.55 14.42
N GLN C 243 13.86 -35.69 14.91
CA GLN C 243 12.84 -36.48 14.21
C GLN C 243 13.31 -36.91 12.82
N GLY C 244 14.54 -37.42 12.76
CA GLY C 244 15.06 -38.07 11.57
C GLY C 244 15.64 -37.17 10.51
N GLU C 245 15.62 -35.85 10.70
CA GLU C 245 16.20 -34.92 9.74
C GLU C 245 17.17 -33.99 10.45
N TRP C 246 18.36 -33.82 9.85
CA TRP C 246 19.38 -32.99 10.45
C TRP C 246 19.06 -31.51 10.24
N GLY C 247 19.42 -30.70 11.23
CA GLY C 247 19.23 -29.27 11.13
C GLY C 247 20.30 -28.55 11.93
N THR C 248 20.42 -27.26 11.69
CA THR C 248 21.44 -26.44 12.29
C THR C 248 20.89 -25.76 13.53
N ILE C 249 21.75 -24.98 14.19
CA ILE C 249 21.42 -24.24 15.39
C ILE C 249 21.66 -22.77 15.12
N CYS C 250 20.68 -21.93 15.42
CA CYS C 250 20.88 -20.49 15.30
C CYS C 250 21.86 -20.01 16.37
N ASP C 251 22.73 -19.09 15.99
CA ASP C 251 23.70 -18.58 16.95
C ASP C 251 23.14 -17.49 17.84
N ASP C 252 21.86 -17.14 17.69
CA ASP C 252 21.20 -16.25 18.62
C ASP C 252 21.23 -16.88 20.02
N GLY C 253 21.88 -16.21 20.96
CA GLY C 253 22.00 -16.75 22.30
C GLY C 253 22.95 -17.91 22.45
N TRP C 254 23.71 -18.23 21.39
CA TRP C 254 24.71 -19.28 21.46
C TRP C 254 26.00 -18.69 22.01
N ASP C 255 26.47 -19.21 23.15
CA ASP C 255 27.61 -18.64 23.83
C ASP C 255 28.49 -19.77 24.35
N SER C 256 29.45 -19.42 25.21
CA SER C 256 30.50 -20.36 25.59
C SER C 256 29.96 -21.52 26.42
N TYR C 257 28.89 -21.29 27.19
CA TYR C 257 28.31 -22.37 27.97
C TYR C 257 27.62 -23.37 27.07
N ASP C 258 26.91 -22.88 26.06
CA ASP C 258 26.31 -23.74 25.04
C ASP C 258 27.38 -24.57 24.35
N ALA C 259 28.48 -23.93 23.97
CA ALA C 259 29.57 -24.63 23.31
C ALA C 259 30.20 -25.68 24.22
N ALA C 260 30.35 -25.36 25.50
CA ALA C 260 30.90 -26.31 26.45
C ALA C 260 30.01 -27.54 26.59
N VAL C 261 28.70 -27.32 26.67
CA VAL C 261 27.75 -28.44 26.75
C VAL C 261 27.84 -29.29 25.49
N ALA C 262 27.88 -28.64 24.32
CA ALA C 262 27.95 -29.39 23.06
C ALA C 262 29.27 -30.14 22.94
N CYS C 263 30.37 -29.57 23.43
CA CYS C 263 31.66 -30.23 23.33
C CYS C 263 31.75 -31.42 24.27
N LYS C 264 31.17 -31.31 25.47
CA LYS C 264 31.13 -32.47 26.35
C LYS C 264 30.16 -33.52 25.82
N GLN C 265 29.13 -33.09 25.08
CA GLN C 265 28.15 -34.03 24.55
C GLN C 265 28.71 -34.81 23.37
N LEU C 266 29.48 -34.14 22.50
CA LEU C 266 30.18 -34.87 21.44
C LEU C 266 31.39 -35.61 21.96
N GLY C 267 31.73 -35.41 23.23
CA GLY C 267 32.78 -36.19 23.87
C GLY C 267 34.18 -35.96 23.37
N CYS C 268 34.61 -34.71 23.26
CA CYS C 268 35.98 -34.40 22.90
C CYS C 268 36.32 -33.02 23.44
N PRO C 269 37.65 -32.68 23.55
CA PRO C 269 38.10 -31.72 24.57
C PRO C 269 37.19 -30.55 24.91
N THR C 270 37.02 -30.32 26.21
CA THR C 270 36.22 -29.22 26.72
C THR C 270 37.06 -28.18 27.46
N ALA C 271 38.39 -28.23 27.30
CA ALA C 271 39.24 -27.26 27.98
C ALA C 271 38.94 -25.84 27.50
N VAL C 272 38.95 -25.63 26.18
CA VAL C 272 38.48 -24.39 25.58
C VAL C 272 37.44 -24.76 24.53
N THR C 273 36.29 -24.08 24.57
CA THR C 273 35.16 -24.36 23.70
C THR C 273 34.66 -23.04 23.15
N ALA C 274 35.21 -22.63 22.01
CA ALA C 274 34.75 -21.42 21.35
C ALA C 274 33.38 -21.64 20.71
N ILE C 275 32.83 -20.55 20.18
CA ILE C 275 31.59 -20.62 19.42
C ILE C 275 31.90 -20.22 17.98
N GLY C 276 30.88 -20.33 17.13
CA GLY C 276 31.06 -19.98 15.74
C GLY C 276 31.64 -21.11 14.92
N ARG C 277 31.01 -21.39 13.78
CA ARG C 277 31.51 -22.41 12.88
C ARG C 277 32.82 -21.97 12.24
N VAL C 278 33.87 -22.79 12.41
CA VAL C 278 35.24 -22.30 12.25
C VAL C 278 35.46 -21.80 10.82
N ASN C 279 35.09 -22.61 9.84
CA ASN C 279 35.09 -22.21 8.44
C ASN C 279 33.90 -22.78 7.70
N ALA C 280 33.03 -23.49 8.40
CA ALA C 280 31.85 -24.09 7.78
C ALA C 280 30.97 -23.01 7.18
N SER C 281 30.39 -23.32 6.03
CA SER C 281 29.47 -22.42 5.36
C SER C 281 28.11 -22.52 6.04
N LYS C 282 27.09 -21.89 5.45
CA LYS C 282 25.74 -22.03 5.96
C LYS C 282 25.31 -23.49 5.90
N GLY C 283 24.53 -23.91 6.89
CA GLY C 283 23.91 -25.21 6.81
C GLY C 283 22.77 -25.19 5.81
N PHE C 284 22.17 -26.35 5.63
CA PHE C 284 21.05 -26.50 4.72
C PHE C 284 19.89 -27.17 5.44
N GLY C 285 18.67 -26.82 5.03
CA GLY C 285 17.50 -27.47 5.57
C GLY C 285 16.90 -26.75 6.76
N HIS C 286 16.66 -27.50 7.83
CA HIS C 286 16.01 -26.97 9.01
C HIS C 286 17.02 -26.27 9.92
N ILE C 287 16.52 -25.31 10.69
CA ILE C 287 17.23 -24.73 11.82
C ILE C 287 16.41 -25.10 13.05
N TRP C 288 16.94 -25.99 13.88
CA TRP C 288 16.12 -26.59 14.93
C TRP C 288 16.13 -25.78 16.21
N LEU C 289 17.31 -25.48 16.74
CA LEU C 289 17.44 -24.86 18.05
C LEU C 289 17.76 -23.38 17.91
N ASP C 290 17.11 -22.56 18.74
CA ASP C 290 17.38 -21.14 18.82
C ASP C 290 17.42 -20.74 20.28
N SER C 291 18.33 -19.82 20.60
CA SER C 291 18.50 -19.29 21.94
C SER C 291 18.64 -20.41 22.97
N VAL C 292 19.56 -21.33 22.69
CA VAL C 292 19.89 -22.37 23.65
C VAL C 292 20.53 -21.71 24.87
N SER C 293 19.96 -21.93 26.04
CA SER C 293 20.45 -21.34 27.28
C SER C 293 20.95 -22.48 28.16
N CYS C 294 22.22 -22.85 27.97
CA CYS C 294 22.87 -23.81 28.83
C CYS C 294 23.58 -23.10 29.97
N GLN C 295 23.61 -23.74 31.13
CA GLN C 295 24.46 -23.27 32.22
C GLN C 295 25.89 -23.79 32.11
N GLY C 296 26.14 -24.72 31.19
CA GLY C 296 27.44 -25.32 31.01
C GLY C 296 27.56 -26.72 31.58
N HIS C 297 26.55 -27.18 32.32
CA HIS C 297 26.60 -28.45 33.02
C HIS C 297 25.62 -29.48 32.49
N GLU C 298 24.76 -29.11 31.55
CA GLU C 298 23.73 -30.03 31.08
C GLU C 298 24.36 -31.21 30.36
N PRO C 299 23.77 -32.41 30.49
CA PRO C 299 24.34 -33.57 29.78
C PRO C 299 24.33 -33.43 28.27
N ALA C 300 23.32 -32.78 27.70
CA ALA C 300 23.22 -32.60 26.27
C ALA C 300 22.63 -31.23 25.97
N ILE C 301 22.72 -30.84 24.69
CA ILE C 301 22.32 -29.49 24.30
C ILE C 301 20.82 -29.31 24.28
N TRP C 302 20.05 -30.39 24.44
CA TRP C 302 18.60 -30.28 24.44
C TRP C 302 17.97 -30.39 25.82
N GLN C 303 18.76 -30.64 26.86
CA GLN C 303 18.28 -30.43 28.21
C GLN C 303 18.30 -28.96 28.61
N CYS C 304 19.02 -28.13 27.87
CA CYS C 304 19.10 -26.72 28.18
C CYS C 304 17.80 -26.02 27.81
N LYS C 305 17.60 -24.85 28.41
CA LYS C 305 16.45 -24.03 28.07
C LYS C 305 16.66 -23.39 26.70
N HIS C 306 15.71 -23.62 25.79
CA HIS C 306 15.80 -23.07 24.45
C HIS C 306 14.39 -22.86 23.92
N HIS C 307 14.28 -22.06 22.85
CA HIS C 307 12.99 -21.88 22.22
C HIS C 307 12.52 -23.21 21.62
N GLU C 308 11.26 -23.22 21.22
CA GLU C 308 10.68 -24.44 20.68
C GLU C 308 11.37 -24.82 19.38
N TRP C 309 11.33 -26.11 19.06
CA TRP C 309 12.08 -26.65 17.93
C TRP C 309 11.61 -26.05 16.62
N GLY C 310 12.47 -25.29 15.95
CA GLY C 310 12.16 -24.68 14.69
C GLY C 310 11.43 -23.35 14.77
N LYS C 311 11.14 -22.87 15.96
CA LYS C 311 10.38 -21.63 16.15
C LYS C 311 11.36 -20.48 16.30
N HIS C 312 11.63 -19.79 15.19
CA HIS C 312 12.62 -18.73 15.14
C HIS C 312 12.48 -18.02 13.81
N TYR C 313 13.24 -16.94 13.66
CA TYR C 313 13.30 -16.19 12.41
C TYR C 313 14.74 -16.09 11.91
N CYS C 314 15.51 -17.14 12.14
CA CYS C 314 16.92 -17.19 11.78
C CYS C 314 17.10 -17.69 10.35
N ASN C 315 18.19 -17.26 9.73
CA ASN C 315 18.63 -17.82 8.47
C ASN C 315 19.84 -18.72 8.72
N HIS C 316 20.31 -19.37 7.66
CA HIS C 316 21.42 -20.30 7.81
C HIS C 316 22.78 -19.60 7.85
N ASN C 317 22.83 -18.31 7.58
CA ASN C 317 24.05 -17.54 7.85
C ASN C 317 24.35 -17.48 9.32
N GLU C 318 23.34 -17.70 10.17
CA GLU C 318 23.44 -17.60 11.62
C GLU C 318 23.73 -18.94 12.27
N ASP C 319 24.24 -19.91 11.52
CA ASP C 319 24.32 -21.26 12.06
C ASP C 319 25.38 -21.34 13.15
N ALA C 320 25.01 -21.95 14.26
CA ALA C 320 25.91 -22.06 15.40
C ALA C 320 26.95 -23.13 15.15
N GLY C 321 28.07 -22.98 15.84
CA GLY C 321 29.15 -23.95 15.77
C GLY C 321 29.95 -23.89 17.04
N VAL C 322 30.86 -24.83 17.19
CA VAL C 322 31.74 -24.88 18.35
C VAL C 322 33.14 -25.20 17.87
N THR C 323 34.11 -24.89 18.73
CA THR C 323 35.51 -25.24 18.51
C THR C 323 35.98 -25.94 19.79
N CYS C 324 35.91 -27.26 19.81
CA CYS C 324 36.32 -28.04 20.96
C CYS C 324 37.82 -28.28 20.86
N SER C 325 38.56 -27.76 21.83
CA SER C 325 40.01 -27.86 21.82
C SER C 325 40.51 -28.02 23.24
N ASP C 326 41.59 -28.78 23.38
CA ASP C 326 42.22 -28.96 24.69
C ASP C 326 43.30 -27.93 24.95
N GLY C 327 42.96 -26.66 24.74
CA GLY C 327 43.82 -25.53 25.03
C GLY C 327 45.27 -25.66 24.61
N SER C 328 45.54 -26.47 23.60
CA SER C 328 46.92 -26.73 23.19
C SER C 328 47.18 -26.34 21.75
N ASP C 329 46.16 -26.34 20.91
CA ASP C 329 46.32 -26.02 19.50
C ASP C 329 45.79 -24.64 19.13
N LEU C 330 45.51 -23.79 20.10
CA LEU C 330 45.21 -22.38 19.87
C LEU C 330 46.51 -21.61 19.93
N GLU C 331 46.93 -21.03 18.81
CA GLU C 331 48.12 -20.20 18.75
C GLU C 331 47.77 -18.81 18.26
N LEU C 332 48.35 -17.81 18.90
CA LEU C 332 48.16 -16.41 18.54
C LEU C 332 49.52 -15.76 18.34
N ARG C 333 49.60 -14.84 17.38
CA ARG C 333 50.85 -14.14 17.11
C ARG C 333 50.56 -12.87 16.32
N LEU C 334 51.55 -12.00 16.27
CA LEU C 334 51.50 -10.77 15.50
C LEU C 334 52.50 -10.86 14.35
N ARG C 335 52.01 -10.66 13.13
CA ARG C 335 52.86 -10.76 11.96
C ARG C 335 52.69 -9.53 11.09
N GLY C 336 53.78 -9.13 10.45
CA GLY C 336 53.79 -7.97 9.58
C GLY C 336 54.36 -6.71 10.19
N GLY C 337 54.77 -6.74 11.45
CA GLY C 337 55.20 -5.54 12.15
C GLY C 337 56.66 -5.47 12.56
N GLY C 338 57.52 -6.34 12.04
CA GLY C 338 58.93 -6.23 12.32
C GLY C 338 59.36 -6.62 13.71
N SER C 339 58.45 -7.13 14.53
CA SER C 339 58.82 -7.64 15.85
C SER C 339 57.79 -8.68 16.26
N ARG C 340 58.17 -9.51 17.24
CA ARG C 340 57.31 -10.62 17.65
C ARG C 340 56.02 -10.14 18.29
N CYS C 341 56.01 -8.94 18.86
CA CYS C 341 54.84 -8.43 19.59
C CYS C 341 54.51 -7.01 19.17
N ALA C 342 54.49 -6.78 17.86
CA ALA C 342 53.89 -5.57 17.30
C ALA C 342 53.50 -5.89 15.87
N GLY C 343 52.20 -5.94 15.59
CA GLY C 343 51.76 -6.30 14.25
C GLY C 343 50.27 -6.56 14.21
N THR C 344 49.85 -7.28 13.17
CA THR C 344 48.47 -7.69 13.00
C THR C 344 48.25 -9.00 13.74
N VAL C 345 47.17 -9.06 14.53
CA VAL C 345 46.90 -10.26 15.31
C VAL C 345 46.53 -11.40 14.37
N GLU C 346 47.36 -12.43 14.34
CA GLU C 346 47.15 -13.61 13.51
C GLU C 346 46.88 -14.78 14.45
N VAL C 347 45.67 -15.30 14.41
CA VAL C 347 45.26 -16.39 15.27
C VAL C 347 45.22 -17.67 14.48
N GLU C 348 45.88 -18.71 14.99
CA GLU C 348 45.85 -20.05 14.41
C GLU C 348 45.13 -20.95 15.41
N ILE C 349 44.00 -21.51 15.00
CA ILE C 349 43.15 -22.32 15.85
C ILE C 349 42.92 -23.65 15.14
N GLN C 350 43.60 -24.70 15.61
CA GLN C 350 43.55 -26.01 14.98
C GLN C 350 43.98 -25.92 13.51
N ARG C 351 45.15 -25.29 13.31
CA ARG C 351 45.83 -25.19 12.02
C ARG C 351 45.15 -24.18 11.10
N LEU C 352 43.98 -23.67 11.47
CA LEU C 352 43.28 -22.71 10.63
C LEU C 352 43.76 -21.31 10.97
N LEU C 353 44.39 -20.66 10.00
CA LEU C 353 44.93 -19.32 10.19
C LEU C 353 43.85 -18.29 9.91
N GLY C 354 43.76 -17.29 10.79
CA GLY C 354 42.77 -16.25 10.65
C GLY C 354 43.24 -15.00 11.35
N LYS C 355 42.34 -14.02 11.41
CA LYS C 355 42.63 -12.73 12.02
C LYS C 355 41.49 -12.36 12.96
N VAL C 356 41.72 -11.35 13.79
CA VAL C 356 40.70 -10.88 14.72
C VAL C 356 39.95 -9.73 14.09
N CYS C 357 38.63 -9.82 14.05
CA CYS C 357 37.81 -8.71 13.60
C CYS C 357 37.87 -7.59 14.62
N ASP C 358 38.19 -6.39 14.15
CA ASP C 358 38.45 -5.26 15.04
C ASP C 358 37.17 -4.55 15.48
N ARG C 359 36.01 -5.17 15.28
CA ARG C 359 34.79 -4.67 15.89
C ARG C 359 34.87 -4.89 17.40
N GLY C 360 34.65 -3.83 18.17
CA GLY C 360 34.83 -3.93 19.61
C GLY C 360 36.23 -4.34 20.01
N TRP C 361 37.24 -3.80 19.34
CA TRP C 361 38.64 -4.08 19.64
C TRP C 361 39.28 -2.77 20.08
N GLY C 362 39.34 -2.57 21.39
CA GLY C 362 39.94 -1.42 22.00
C GLY C 362 41.29 -1.73 22.60
N LEU C 363 41.65 -0.99 23.64
CA LEU C 363 42.91 -1.25 24.33
C LEU C 363 42.77 -2.29 25.43
N LYS C 364 41.55 -2.66 25.81
CA LYS C 364 41.37 -3.74 26.77
C LYS C 364 41.72 -5.09 26.15
N GLU C 365 41.06 -5.43 25.04
CA GLU C 365 41.37 -6.67 24.34
C GLU C 365 42.80 -6.64 23.81
N ALA C 366 43.26 -5.47 23.39
CA ALA C 366 44.64 -5.34 22.94
C ALA C 366 45.63 -5.64 24.07
N ASP C 367 45.34 -5.13 25.27
CA ASP C 367 46.21 -5.43 26.41
C ASP C 367 46.13 -6.91 26.77
N VAL C 368 44.96 -7.52 26.60
CA VAL C 368 44.83 -8.95 26.85
C VAL C 368 45.74 -9.74 25.91
N VAL C 369 45.72 -9.37 24.62
CA VAL C 369 46.57 -10.05 23.65
C VAL C 369 48.05 -9.82 23.96
N CYS C 370 48.41 -8.58 24.32
CA CYS C 370 49.81 -8.29 24.64
C CYS C 370 50.27 -9.09 25.84
N ARG C 371 49.43 -9.21 26.87
CA ARG C 371 49.77 -10.04 28.03
C ARG C 371 49.89 -11.49 27.64
N GLN C 372 49.00 -11.97 26.77
CA GLN C 372 49.08 -13.36 26.32
C GLN C 372 50.40 -13.64 25.62
N LEU C 373 50.83 -12.72 24.77
CA LEU C 373 52.11 -12.87 24.08
C LEU C 373 53.29 -12.48 24.94
N GLY C 374 53.07 -11.82 26.07
CA GLY C 374 54.13 -11.49 27.00
C GLY C 374 54.96 -10.29 26.60
N CYS C 375 54.30 -9.19 26.23
CA CYS C 375 55.00 -7.96 25.86
C CYS C 375 54.31 -6.75 26.48
N GLY C 376 53.98 -6.86 27.76
CA GLY C 376 53.53 -5.69 28.51
C GLY C 376 52.17 -5.21 28.07
N SER C 377 51.94 -3.91 28.23
CA SER C 377 50.66 -3.30 27.92
C SER C 377 50.55 -3.04 26.41
N ALA C 378 49.37 -2.66 25.97
CA ALA C 378 49.13 -2.33 24.57
C ALA C 378 49.20 -0.82 24.39
N LEU C 379 50.12 -0.36 23.56
CA LEU C 379 50.34 1.06 23.38
C LEU C 379 49.54 1.64 22.22
N LYS C 380 49.20 0.84 21.22
CA LYS C 380 48.62 1.37 20.00
C LYS C 380 47.82 0.28 19.30
N THR C 381 46.61 0.64 18.86
CA THR C 381 45.77 -0.28 18.09
C THR C 381 46.02 -0.09 16.59
N SER C 382 47.30 -0.18 16.23
CA SER C 382 47.80 -0.08 14.87
C SER C 382 49.30 -0.28 14.96
N TYR C 383 49.92 -0.50 13.80
CA TYR C 383 51.35 -0.80 13.81
C TYR C 383 52.02 -0.26 12.56
N GLN C 384 53.31 0.02 12.69
CA GLN C 384 54.13 0.37 11.54
C GLN C 384 54.38 -0.87 10.70
N VAL C 385 53.82 -0.88 9.50
CA VAL C 385 53.84 -2.09 8.67
C VAL C 385 55.26 -2.31 8.15
N TYR C 386 55.82 -3.48 8.45
CA TYR C 386 57.10 -3.91 7.89
C TYR C 386 56.95 -4.85 6.72
N SER C 387 55.93 -5.71 6.75
CA SER C 387 55.76 -6.71 5.70
C SER C 387 54.27 -7.01 5.56
N LYS C 388 53.91 -7.54 4.40
CA LYS C 388 52.55 -7.94 4.14
C LYS C 388 52.24 -9.28 4.81
N ILE C 389 50.95 -9.60 4.89
CA ILE C 389 50.49 -10.82 5.53
C ILE C 389 49.55 -11.54 4.57
N GLN C 390 49.34 -12.82 4.84
CA GLN C 390 48.47 -13.62 3.99
C GLN C 390 47.01 -13.23 4.19
N ALA C 391 46.22 -13.43 3.15
CA ALA C 391 44.79 -13.16 3.22
C ALA C 391 44.06 -14.38 3.79
N THR C 392 43.35 -14.18 4.88
CA THR C 392 42.64 -15.26 5.57
C THR C 392 41.19 -14.86 5.74
N ASN C 393 40.29 -15.68 5.20
CA ASN C 393 38.87 -15.36 5.18
C ASN C 393 38.12 -15.78 6.44
N THR C 394 38.80 -16.40 7.40
CA THR C 394 38.19 -16.72 8.69
C THR C 394 38.65 -15.73 9.74
N TRP C 395 37.72 -15.35 10.62
CA TRP C 395 37.93 -14.25 11.54
C TRP C 395 37.63 -14.68 12.97
N LEU C 396 38.21 -13.93 13.91
CA LEU C 396 37.97 -14.10 15.34
C LEU C 396 37.23 -12.87 15.84
N PHE C 397 36.11 -13.09 16.52
CA PHE C 397 35.23 -12.03 16.97
C PHE C 397 35.13 -12.05 18.49
N LEU C 398 35.71 -11.05 19.14
CA LEU C 398 35.63 -10.89 20.59
C LEU C 398 34.38 -10.08 20.90
N SER C 399 33.58 -10.56 21.86
CA SER C 399 32.42 -9.82 22.30
C SER C 399 32.84 -8.62 23.16
N SER C 400 33.45 -8.91 24.30
CA SER C 400 33.98 -7.87 25.18
C SER C 400 34.92 -8.54 26.17
N CYS C 401 36.15 -8.04 26.24
CA CYS C 401 37.14 -8.52 27.20
C CYS C 401 37.20 -7.57 28.38
N ASN C 402 37.22 -8.14 29.59
CA ASN C 402 37.29 -7.32 30.80
C ASN C 402 38.59 -6.52 30.84
N GLY C 403 39.70 -7.12 30.41
CA GLY C 403 40.98 -6.45 30.33
C GLY C 403 42.07 -7.16 31.12
N ASN C 404 41.70 -7.90 32.15
CA ASN C 404 42.65 -8.58 33.02
C ASN C 404 42.85 -10.05 32.65
N GLU C 405 42.27 -10.50 31.54
CA GLU C 405 42.37 -11.90 31.16
C GLU C 405 43.81 -12.28 30.86
N THR C 406 44.21 -13.46 31.34
CA THR C 406 45.58 -13.91 31.14
C THR C 406 45.84 -14.26 29.68
N SER C 407 44.81 -14.72 28.97
CA SER C 407 44.93 -15.08 27.56
C SER C 407 43.66 -14.67 26.85
N LEU C 408 43.77 -14.44 25.53
CA LEU C 408 42.61 -14.02 24.76
C LEU C 408 41.55 -15.11 24.70
N TRP C 409 41.94 -16.37 24.87
CA TRP C 409 40.99 -17.47 24.82
C TRP C 409 40.08 -17.49 26.04
N ASP C 410 40.43 -16.77 27.09
CA ASP C 410 39.61 -16.71 28.30
C ASP C 410 38.61 -15.56 28.29
N CYS C 411 38.55 -14.80 27.19
CA CYS C 411 37.52 -13.77 27.07
C CYS C 411 36.17 -14.42 26.82
N LYS C 412 35.12 -13.64 27.04
CA LYS C 412 33.76 -14.18 27.00
C LYS C 412 33.25 -14.21 25.56
N ASN C 413 32.92 -15.42 25.08
CA ASN C 413 32.21 -15.62 23.82
C ASN C 413 32.97 -15.02 22.63
N TRP C 414 34.14 -15.58 22.37
CA TRP C 414 34.89 -15.24 21.17
C TRP C 414 34.52 -16.24 20.07
N GLN C 415 33.80 -15.77 19.06
CA GLN C 415 33.51 -16.60 17.90
C GLN C 415 34.78 -16.83 17.11
N TRP C 416 34.97 -18.06 16.65
CA TRP C 416 36.02 -18.39 15.69
C TRP C 416 35.33 -18.68 14.38
N GLY C 417 35.10 -17.63 13.59
CA GLY C 417 34.39 -17.76 12.34
C GLY C 417 32.88 -17.66 12.52
N GLY C 418 32.18 -17.80 11.40
CA GLY C 418 30.74 -17.74 11.40
C GLY C 418 30.15 -16.37 11.19
N LEU C 419 30.97 -15.32 11.18
CA LEU C 419 30.53 -13.96 10.93
C LEU C 419 31.43 -13.34 9.87
N THR C 420 30.95 -12.24 9.28
CA THR C 420 31.67 -11.53 8.25
C THR C 420 32.24 -10.23 8.83
N CYS C 421 33.55 -10.05 8.68
CA CYS C 421 34.21 -8.80 9.06
C CYS C 421 34.39 -7.92 7.83
N ASP C 422 33.26 -7.52 7.25
CA ASP C 422 33.27 -6.86 5.94
C ASP C 422 33.58 -5.37 6.06
N HIS C 423 32.76 -4.64 6.83
CA HIS C 423 33.00 -3.22 7.04
C HIS C 423 33.79 -2.94 8.32
N TYR C 424 34.66 -3.88 8.69
CA TYR C 424 35.61 -3.72 9.78
C TYR C 424 36.96 -4.26 9.32
N GLU C 425 38.02 -3.73 9.90
CA GLU C 425 39.37 -4.14 9.54
C GLU C 425 39.82 -5.30 10.41
N GLU C 426 41.01 -5.82 10.09
CA GLU C 426 41.64 -6.78 10.98
C GLU C 426 42.20 -6.06 12.19
N ALA C 427 42.25 -6.76 13.32
CA ALA C 427 42.73 -6.17 14.56
C ALA C 427 44.24 -6.12 14.53
N LYS C 428 44.79 -4.91 14.44
CA LYS C 428 46.21 -4.67 14.55
C LYS C 428 46.53 -4.13 15.93
N ILE C 429 47.81 -4.14 16.28
CA ILE C 429 48.22 -3.84 17.65
C ILE C 429 49.72 -3.59 17.67
N THR C 430 50.17 -2.79 18.64
CA THR C 430 51.58 -2.55 18.89
C THR C 430 51.78 -2.56 20.41
N CYS C 431 52.37 -3.63 20.92
CA CYS C 431 52.67 -3.73 22.34
C CYS C 431 53.98 -3.00 22.63
N SER C 432 54.50 -3.19 23.84
CA SER C 432 55.76 -2.58 24.23
C SER C 432 56.87 -3.62 24.34
N VAL D 2 0.37 -7.74 8.07
CA VAL D 2 0.80 -8.59 9.18
C VAL D 2 2.11 -9.27 8.82
N LEU D 3 2.98 -9.45 9.80
CA LEU D 3 4.30 -10.02 9.57
C LEU D 3 4.22 -11.54 9.71
N SER D 4 4.36 -12.24 8.59
CA SER D 4 4.43 -13.69 8.61
C SER D 4 5.80 -14.12 9.14
N PRO D 5 5.94 -15.36 9.59
CA PRO D 5 7.26 -15.83 10.02
C PRO D 5 8.32 -15.71 8.95
N ALA D 6 7.95 -15.92 7.68
CA ALA D 6 8.88 -15.68 6.59
C ALA D 6 9.22 -14.20 6.48
N ASP D 7 8.23 -13.32 6.67
CA ASP D 7 8.49 -11.89 6.65
C ASP D 7 9.40 -11.48 7.79
N LYS D 8 9.17 -12.02 8.99
CA LYS D 8 10.05 -11.71 10.12
C LYS D 8 11.46 -12.23 9.87
N THR D 9 11.59 -13.41 9.26
CA THR D 9 12.90 -13.93 8.89
C THR D 9 13.61 -13.00 7.92
N ASN D 10 12.92 -12.57 6.87
CA ASN D 10 13.52 -11.68 5.88
C ASN D 10 13.93 -10.36 6.51
N VAL D 11 13.08 -9.82 7.39
CA VAL D 11 13.39 -8.55 8.04
C VAL D 11 14.60 -8.69 8.95
N LYS D 12 14.65 -9.79 9.71
CA LYS D 12 15.78 -10.02 10.60
C LYS D 12 17.08 -10.13 9.81
N ALA D 13 17.05 -10.86 8.69
CA ALA D 13 18.25 -11.00 7.87
C ALA D 13 18.66 -9.66 7.26
N ALA D 14 17.69 -8.91 6.73
CA ALA D 14 17.98 -7.63 6.10
C ALA D 14 18.56 -6.64 7.10
N TRP D 15 18.01 -6.60 8.32
CA TRP D 15 18.57 -5.68 9.30
C TRP D 15 19.90 -6.18 9.84
N GLY D 16 20.11 -7.50 9.87
CA GLY D 16 21.42 -8.02 10.24
C GLY D 16 22.50 -7.59 9.27
N LYS D 17 22.18 -7.60 7.96
CA LYS D 17 23.15 -7.13 6.99
C LYS D 17 23.17 -5.61 6.86
N VAL D 18 22.15 -4.91 7.38
CA VAL D 18 22.29 -3.48 7.63
C VAL D 18 23.40 -3.26 8.66
N GLY D 19 23.30 -3.95 9.79
CA GLY D 19 24.40 -4.05 10.73
C GLY D 19 24.83 -2.71 11.30
N ALA D 20 26.14 -2.48 11.31
CA ALA D 20 26.70 -1.27 11.90
C ALA D 20 26.44 -0.04 11.06
N HIS D 21 26.00 -0.20 9.82
CA HIS D 21 25.66 0.92 8.95
C HIS D 21 24.28 1.47 9.23
N ALA D 22 23.62 1.00 10.29
CA ALA D 22 22.24 1.41 10.56
C ALA D 22 22.15 2.89 10.85
N GLY D 23 23.10 3.44 11.61
CA GLY D 23 23.03 4.85 11.95
C GLY D 23 23.06 5.75 10.73
N GLU D 24 23.98 5.48 9.82
CA GLU D 24 24.06 6.33 8.64
C GLU D 24 23.02 5.97 7.58
N TYR D 25 22.47 4.75 7.60
CA TYR D 25 21.27 4.48 6.81
C TYR D 25 20.10 5.31 7.29
N GLY D 26 19.92 5.41 8.61
CA GLY D 26 18.84 6.22 9.15
C GLY D 26 19.05 7.70 8.88
N ALA D 27 20.31 8.16 8.98
CA ALA D 27 20.60 9.56 8.65
C ALA D 27 20.30 9.85 7.19
N GLU D 28 20.67 8.94 6.29
CA GLU D 28 20.37 9.12 4.88
C GLU D 28 18.87 9.10 4.63
N ALA D 29 18.15 8.22 5.31
CA ALA D 29 16.69 8.17 5.14
C ALA D 29 16.05 9.46 5.64
N LEU D 30 16.54 10.01 6.75
CA LEU D 30 16.02 11.30 7.22
C LEU D 30 16.31 12.41 6.23
N GLU D 31 17.51 12.41 5.64
CA GLU D 31 17.84 13.40 4.62
C GLU D 31 16.92 13.26 3.41
N ARG D 32 16.66 12.03 2.98
CA ARG D 32 15.76 11.80 1.87
C ARG D 32 14.34 12.27 2.18
N MET D 33 13.87 12.01 3.40
CA MET D 33 12.54 12.45 3.79
C MET D 33 12.46 13.97 3.82
N PHE D 34 13.50 14.64 4.33
CA PHE D 34 13.49 16.09 4.39
C PHE D 34 13.54 16.72 3.01
N LEU D 35 14.32 16.15 2.08
CA LEU D 35 14.38 16.72 0.73
C LEU D 35 13.13 16.38 -0.08
N SER D 36 12.79 15.10 -0.18
CA SER D 36 11.67 14.68 -1.03
C SER D 36 10.35 15.24 -0.51
N PHE D 37 10.17 15.23 0.81
CA PHE D 37 8.91 15.65 1.43
C PHE D 37 9.23 16.73 2.44
N PRO D 38 9.35 17.99 2.01
CA PRO D 38 9.72 19.07 2.93
C PRO D 38 8.68 19.34 4.01
N THR D 39 7.44 18.86 3.84
CA THR D 39 6.43 19.07 4.86
C THR D 39 6.77 18.35 6.15
N THR D 40 7.62 17.33 6.08
CA THR D 40 8.05 16.63 7.29
C THR D 40 9.03 17.44 8.12
N LYS D 41 9.65 18.47 7.52
CA LYS D 41 10.60 19.29 8.24
C LYS D 41 9.94 20.12 9.33
N THR D 42 8.62 20.28 9.29
CA THR D 42 7.93 21.08 10.29
C THR D 42 7.91 20.43 11.66
N TYR D 43 8.30 19.16 11.76
CA TYR D 43 8.43 18.49 13.04
C TYR D 43 9.82 18.67 13.65
N PHE D 44 10.76 19.21 12.89
CA PHE D 44 12.12 19.46 13.36
C PHE D 44 12.46 20.93 13.14
N PRO D 45 11.78 21.84 13.85
CA PRO D 45 12.13 23.26 13.71
C PRO D 45 13.40 23.63 14.45
N HIS D 46 13.89 22.77 15.33
CA HIS D 46 15.08 23.02 16.12
C HIS D 46 16.32 22.32 15.58
N PHE D 47 16.19 21.53 14.52
CA PHE D 47 17.34 20.86 13.92
C PHE D 47 17.92 21.68 12.78
N ASP D 48 19.24 21.62 12.65
CA ASP D 48 19.90 21.96 11.39
C ASP D 48 19.57 20.84 10.42
N LEU D 49 18.83 21.15 9.36
CA LEU D 49 18.39 20.14 8.40
C LEU D 49 19.21 20.17 7.11
N SER D 50 20.37 20.80 7.13
CA SER D 50 21.25 20.80 5.98
C SER D 50 21.86 19.41 5.78
N HIS D 51 22.43 19.19 4.59
CA HIS D 51 23.07 17.92 4.29
C HIS D 51 24.27 17.69 5.19
N GLY D 52 24.41 16.48 5.70
CA GLY D 52 25.52 16.16 6.58
C GLY D 52 25.39 16.75 7.96
N SER D 53 24.19 17.14 8.37
CA SER D 53 24.00 17.76 9.68
C SER D 53 24.29 16.76 10.79
N ALA D 54 25.05 17.20 11.78
CA ALA D 54 25.37 16.34 12.92
C ALA D 54 24.11 15.99 13.70
N GLN D 55 23.20 16.95 13.86
CA GLN D 55 21.94 16.69 14.55
C GLN D 55 21.10 15.67 13.80
N VAL D 56 21.01 15.81 12.47
CA VAL D 56 20.25 14.86 11.67
C VAL D 56 20.93 13.49 11.69
N LYS D 57 22.26 13.47 11.69
CA LYS D 57 22.98 12.20 11.78
C LYS D 57 22.69 11.50 13.11
N GLY D 58 22.70 12.24 14.21
CA GLY D 58 22.39 11.64 15.50
C GLY D 58 20.97 11.16 15.59
N HIS D 59 20.02 11.92 15.03
CA HIS D 59 18.64 11.47 15.07
C HIS D 59 18.42 10.27 14.17
N GLY D 60 19.13 10.19 13.04
CA GLY D 60 19.07 8.98 12.23
C GLY D 60 19.64 7.78 12.95
N LYS D 61 20.70 7.99 13.71
CA LYS D 61 21.21 6.92 14.57
C LYS D 61 20.16 6.47 15.58
N LYS D 62 19.45 7.42 16.19
CA LYS D 62 18.42 7.06 17.15
C LYS D 62 17.27 6.30 16.49
N VAL D 63 16.84 6.77 15.31
CA VAL D 63 15.76 6.11 14.59
C VAL D 63 16.15 4.68 14.21
N ALA D 64 17.37 4.50 13.72
CA ALA D 64 17.80 3.17 13.31
C ALA D 64 18.03 2.27 14.50
N ASP D 65 18.44 2.82 15.64
CA ASP D 65 18.51 2.03 16.86
C ASP D 65 17.13 1.57 17.30
N ALA D 66 16.14 2.45 17.18
CA ALA D 66 14.76 2.06 17.47
C ALA D 66 14.30 0.94 16.54
N LEU D 67 14.63 1.05 15.26
CA LEU D 67 14.25 0.02 14.30
C LEU D 67 14.96 -1.30 14.57
N THR D 68 16.23 -1.23 14.99
CA THR D 68 16.97 -2.43 15.34
C THR D 68 16.36 -3.11 16.56
N ASN D 69 15.98 -2.32 17.56
CA ASN D 69 15.30 -2.88 18.74
C ASN D 69 13.95 -3.48 18.35
N ALA D 70 13.25 -2.86 17.40
CA ALA D 70 11.99 -3.41 16.93
C ALA D 70 12.20 -4.74 16.21
N VAL D 71 13.27 -4.84 15.42
CA VAL D 71 13.58 -6.11 14.76
C VAL D 71 13.90 -7.18 15.80
N ALA D 72 14.68 -6.82 16.82
CA ALA D 72 15.01 -7.77 17.87
C ALA D 72 13.76 -8.22 18.62
N HIS D 73 12.76 -7.36 18.74
CA HIS D 73 11.51 -7.64 19.43
C HIS D 73 10.35 -7.65 18.46
N VAL D 74 10.53 -8.31 17.31
CA VAL D 74 9.54 -8.29 16.25
C VAL D 74 8.23 -8.94 16.70
N ASP D 75 8.29 -9.85 17.66
CA ASP D 75 7.08 -10.46 18.21
C ASP D 75 6.46 -9.65 19.34
N ASP D 76 7.15 -8.62 19.82
CA ASP D 76 6.64 -7.76 20.88
C ASP D 76 6.94 -6.30 20.57
N MET D 77 6.72 -5.90 19.31
CA MET D 77 7.01 -4.53 18.91
C MET D 77 6.21 -3.48 19.66
N PRO D 78 4.91 -3.64 19.94
CA PRO D 78 4.21 -2.60 20.72
C PRO D 78 4.83 -2.33 22.07
N ASN D 79 5.37 -3.36 22.74
CA ASN D 79 6.03 -3.13 24.02
C ASN D 79 7.41 -2.49 23.81
N ALA D 80 8.10 -2.86 22.75
CA ALA D 80 9.40 -2.25 22.45
C ALA D 80 9.25 -0.78 22.12
N LEU D 81 8.20 -0.42 21.38
CA LEU D 81 7.99 0.94 20.90
C LEU D 81 6.94 1.69 21.70
N SER D 82 6.60 1.22 22.90
CA SER D 82 5.56 1.87 23.68
C SER D 82 5.95 3.31 24.03
N ALA D 83 7.19 3.51 24.46
CA ALA D 83 7.65 4.87 24.75
C ALA D 83 7.65 5.73 23.49
N LEU D 84 8.12 5.17 22.37
CA LEU D 84 8.12 5.94 21.13
C LEU D 84 6.70 6.15 20.61
N SER D 85 5.83 5.17 20.80
CA SER D 85 4.43 5.35 20.41
C SER D 85 3.81 6.51 21.17
N ASP D 86 4.00 6.53 22.49
CA ASP D 86 3.50 7.65 23.29
C ASP D 86 4.12 8.96 22.82
N LEU D 87 5.44 8.98 22.62
CA LEU D 87 6.13 10.20 22.20
C LEU D 87 5.53 10.74 20.90
N HIS D 88 5.64 9.97 19.82
CA HIS D 88 5.21 10.46 18.52
C HIS D 88 3.72 10.77 18.50
N ALA D 89 2.90 9.94 19.14
CA ALA D 89 1.46 10.10 19.04
C ALA D 89 0.94 11.26 19.88
N HIS D 90 1.56 11.55 21.02
CA HIS D 90 1.03 12.55 21.93
C HIS D 90 1.92 13.79 22.01
N LYS D 91 3.20 13.63 22.35
CA LYS D 91 4.05 14.80 22.57
C LYS D 91 4.35 15.51 21.26
N LEU D 92 4.74 14.76 20.22
CA LEU D 92 5.08 15.35 18.94
C LEU D 92 3.89 15.46 18.02
N ARG D 93 2.88 14.61 18.18
CA ARG D 93 1.67 14.63 17.35
C ARG D 93 2.03 14.51 15.87
N VAL D 94 2.91 13.57 15.55
CA VAL D 94 3.35 13.39 14.18
C VAL D 94 2.24 12.70 13.39
N ASP D 95 1.84 13.31 12.28
CA ASP D 95 0.76 12.75 11.47
C ASP D 95 1.24 11.47 10.79
N PRO D 96 0.40 10.43 10.73
CA PRO D 96 0.86 9.13 10.21
C PRO D 96 1.38 9.17 8.77
N VAL D 97 0.91 10.10 7.94
CA VAL D 97 1.41 10.16 6.57
C VAL D 97 2.91 10.39 6.57
N ASN D 98 3.42 11.14 7.54
CA ASN D 98 4.86 11.34 7.65
C ASN D 98 5.56 10.03 7.99
N PHE D 99 4.90 9.17 8.77
CA PHE D 99 5.47 7.87 9.07
C PHE D 99 5.58 7.01 7.82
N LYS D 100 4.56 7.06 6.96
CA LYS D 100 4.66 6.30 5.71
C LYS D 100 5.73 6.90 4.80
N LEU D 101 5.89 8.22 4.80
CA LEU D 101 6.96 8.84 4.03
C LEU D 101 8.33 8.39 4.53
N LEU D 102 8.52 8.36 5.85
CA LEU D 102 9.79 7.90 6.38
C LEU D 102 10.03 6.43 6.09
N SER D 103 8.97 5.61 6.14
CA SER D 103 9.13 4.21 5.79
C SER D 103 9.57 4.06 4.33
N HIS D 104 8.98 4.86 3.44
CA HIS D 104 9.39 4.82 2.04
C HIS D 104 10.85 5.23 1.88
N CYS D 105 11.27 6.26 2.61
CA CYS D 105 12.65 6.72 2.49
C CYS D 105 13.64 5.72 3.08
N LEU D 106 13.23 5.03 4.15
CA LEU D 106 14.02 3.91 4.67
C LEU D 106 14.16 2.81 3.64
N LEU D 107 13.06 2.47 2.96
CA LEU D 107 13.13 1.43 1.93
C LEU D 107 14.02 1.86 0.78
N VAL D 108 13.96 3.14 0.41
CA VAL D 108 14.80 3.65 -0.67
C VAL D 108 16.27 3.60 -0.27
N THR D 109 16.57 3.94 0.98
CA THR D 109 17.95 3.86 1.46
C THR D 109 18.45 2.43 1.46
N LEU D 110 17.63 1.49 1.92
CA LEU D 110 18.04 0.09 1.94
C LEU D 110 18.21 -0.46 0.52
N ALA D 111 17.35 -0.03 -0.40
CA ALA D 111 17.50 -0.45 -1.79
C ALA D 111 18.78 0.10 -2.40
N ALA D 112 19.10 1.37 -2.10
CA ALA D 112 20.29 1.99 -2.65
C ALA D 112 21.57 1.43 -2.03
N HIS D 113 21.51 0.94 -0.79
CA HIS D 113 22.70 0.48 -0.10
C HIS D 113 22.80 -1.04 0.00
N LEU D 114 21.69 -1.76 -0.12
CA LEU D 114 21.70 -3.23 -0.12
C LEU D 114 20.95 -3.72 -1.34
N PRO D 115 21.49 -3.51 -2.54
CA PRO D 115 20.74 -3.89 -3.75
C PRO D 115 20.67 -5.39 -3.95
N ALA D 116 21.74 -6.13 -3.61
CA ALA D 116 21.74 -7.57 -3.81
C ALA D 116 20.74 -8.26 -2.90
N GLU D 117 20.53 -7.73 -1.70
CA GLU D 117 19.68 -8.36 -0.71
C GLU D 117 18.29 -7.75 -0.64
N PHE D 118 17.98 -6.80 -1.52
CA PHE D 118 16.66 -6.16 -1.55
C PHE D 118 15.79 -6.83 -2.60
N THR D 119 15.53 -8.12 -2.40
CA THR D 119 14.69 -8.86 -3.32
C THR D 119 13.23 -8.49 -3.13
N PRO D 120 12.38 -8.75 -4.13
CA PRO D 120 10.95 -8.41 -3.98
C PRO D 120 10.31 -9.01 -2.75
N ALA D 121 10.69 -10.24 -2.38
CA ALA D 121 10.21 -10.79 -1.12
C ALA D 121 10.76 -10.03 0.07
N VAL D 122 12.04 -9.69 0.05
CA VAL D 122 12.64 -8.91 1.14
C VAL D 122 12.08 -7.49 1.13
N HIS D 123 11.85 -6.93 -0.06
CA HIS D 123 11.21 -5.62 -0.15
C HIS D 123 9.83 -5.63 0.48
N ALA D 124 9.03 -6.66 0.18
CA ALA D 124 7.70 -6.76 0.79
C ALA D 124 7.79 -6.95 2.29
N SER D 125 8.73 -7.79 2.75
CA SER D 125 8.87 -8.04 4.19
C SER D 125 9.29 -6.78 4.94
N LEU D 126 10.25 -6.04 4.38
CA LEU D 126 10.69 -4.80 5.02
C LEU D 126 9.59 -3.75 4.99
N ASP D 127 8.82 -3.69 3.90
CA ASP D 127 7.68 -2.78 3.86
C ASP D 127 6.66 -3.14 4.93
N LYS D 128 6.38 -4.43 5.12
CA LYS D 128 5.45 -4.84 6.16
C LYS D 128 5.97 -4.52 7.54
N PHE D 129 7.27 -4.73 7.77
CA PHE D 129 7.85 -4.40 9.07
C PHE D 129 7.79 -2.90 9.35
N LEU D 130 8.10 -2.08 8.34
CA LEU D 130 8.04 -0.64 8.52
C LEU D 130 6.61 -0.17 8.71
N ALA D 131 5.66 -0.82 8.04
CA ALA D 131 4.25 -0.53 8.26
C ALA D 131 3.84 -0.88 9.68
N SER D 132 4.35 -2.00 10.20
CA SER D 132 4.04 -2.37 11.59
C SER D 132 4.62 -1.36 12.57
N VAL D 133 5.86 -0.92 12.33
CA VAL D 133 6.48 0.08 13.19
C VAL D 133 5.68 1.37 13.14
N SER D 134 5.30 1.81 11.94
CA SER D 134 4.55 3.04 11.78
C SER D 134 3.19 2.94 12.48
N THR D 135 2.50 1.81 12.31
CA THR D 135 1.21 1.62 12.95
C THR D 135 1.32 1.66 14.46
N VAL D 136 2.36 1.01 15.01
CA VAL D 136 2.56 1.06 16.45
C VAL D 136 2.82 2.49 16.90
N LEU D 137 3.61 3.24 16.12
CA LEU D 137 3.95 4.60 16.53
C LEU D 137 2.84 5.61 16.26
N THR D 138 1.93 5.32 15.32
CA THR D 138 0.85 6.23 14.96
C THR D 138 -0.47 5.90 15.64
N SER D 139 -0.50 4.77 16.42
CA SER D 139 -1.79 4.30 16.89
C SER D 139 -2.43 5.23 17.91
N LYS D 140 -1.66 5.66 18.88
CA LYS D 140 -2.22 6.43 20.00
C LYS D 140 -2.47 7.85 19.53
N TYR D 141 -2.42 8.09 18.24
CA TYR D 141 -2.56 9.42 17.66
C TYR D 141 -4.02 9.74 17.66
N ARG D 142 -4.38 10.96 18.07
CA ARG D 142 -5.80 11.32 18.17
C ARG D 142 -5.90 12.79 17.82
N VAL E 2 3.89 21.87 -9.87
CA VAL E 2 4.78 23.02 -9.85
C VAL E 2 5.94 22.78 -10.81
N HIS E 3 6.49 23.86 -11.36
CA HIS E 3 7.56 23.76 -12.35
C HIS E 3 8.80 23.14 -11.73
N LEU E 4 9.45 22.26 -12.49
CA LEU E 4 10.67 21.61 -12.05
C LEU E 4 11.88 22.42 -12.47
N THR E 5 12.83 22.58 -11.55
CA THR E 5 14.00 23.39 -11.83
C THR E 5 14.85 22.74 -12.93
N PRO E 6 15.63 23.54 -13.67
CA PRO E 6 16.48 22.94 -14.71
C PRO E 6 17.45 21.89 -14.17
N GLU E 7 17.99 22.09 -12.97
CA GLU E 7 18.89 21.11 -12.40
C GLU E 7 18.16 19.80 -12.08
N GLU E 8 16.96 19.90 -11.51
CA GLU E 8 16.17 18.70 -11.22
C GLU E 8 15.79 17.97 -12.50
N LYS E 9 15.38 18.72 -13.53
CA LYS E 9 15.05 18.10 -14.80
C LYS E 9 16.26 17.40 -15.41
N SER E 10 17.44 18.05 -15.33
CA SER E 10 18.64 17.45 -15.87
C SER E 10 19.01 16.17 -15.12
N ALA E 11 18.88 16.19 -13.79
CA ALA E 11 19.17 14.98 -13.03
C ALA E 11 18.21 13.86 -13.38
N VAL E 12 16.92 14.18 -13.48
CA VAL E 12 15.92 13.17 -13.82
C VAL E 12 16.20 12.57 -15.19
N THR E 13 16.48 13.42 -16.17
CA THR E 13 16.76 12.94 -17.52
C THR E 13 18.03 12.11 -17.57
N ALA E 14 19.08 12.55 -16.86
CA ALA E 14 20.33 11.81 -16.85
C ALA E 14 20.16 10.43 -16.25
N LEU E 15 19.38 10.33 -15.17
CA LEU E 15 19.21 9.02 -14.54
C LEU E 15 18.23 8.15 -15.32
N TRP E 16 17.27 8.76 -16.03
CA TRP E 16 16.33 7.97 -16.83
C TRP E 16 16.95 7.49 -18.12
N GLY E 17 17.97 8.18 -18.63
CA GLY E 17 18.62 7.74 -19.85
C GLY E 17 19.29 6.39 -19.72
N LYS E 18 19.69 6.01 -18.52
CA LYS E 18 20.33 4.72 -18.26
C LYS E 18 19.37 3.69 -17.68
N VAL E 19 18.08 3.99 -17.67
CA VAL E 19 17.08 3.07 -17.15
C VAL E 19 16.76 2.02 -18.21
N ASN E 20 16.87 0.74 -17.84
CA ASN E 20 16.51 -0.34 -18.74
C ASN E 20 15.00 -0.38 -18.87
N VAL E 21 14.48 0.15 -19.97
CA VAL E 21 13.03 0.25 -20.14
C VAL E 21 12.40 -1.14 -20.23
N ASP E 22 13.10 -2.11 -20.82
CA ASP E 22 12.56 -3.45 -20.98
C ASP E 22 12.49 -4.22 -19.66
N GLU E 23 13.11 -3.72 -18.59
CA GLU E 23 13.14 -4.47 -17.34
C GLU E 23 12.67 -3.67 -16.14
N VAL E 24 12.92 -2.35 -16.10
CA VAL E 24 12.63 -1.57 -14.91
C VAL E 24 11.13 -1.47 -14.69
N GLY E 25 10.36 -1.29 -15.76
CA GLY E 25 8.91 -1.23 -15.61
C GLY E 25 8.32 -2.53 -15.12
N GLY E 26 8.80 -3.65 -15.66
CA GLY E 26 8.35 -4.95 -15.18
C GLY E 26 8.73 -5.19 -13.73
N GLU E 27 9.93 -4.78 -13.35
CA GLU E 27 10.35 -4.88 -11.95
C GLU E 27 9.45 -4.06 -11.05
N ALA E 28 9.14 -2.83 -11.46
CA ALA E 28 8.31 -1.96 -10.63
C ALA E 28 6.89 -2.51 -10.50
N LEU E 29 6.31 -3.00 -11.59
CA LEU E 29 4.96 -3.54 -11.52
C LEU E 29 4.92 -4.83 -10.70
N GLY E 30 5.92 -5.70 -10.88
CA GLY E 30 5.96 -6.91 -10.08
C GLY E 30 6.14 -6.62 -8.60
N ARG E 31 7.00 -5.66 -8.27
CA ARG E 31 7.18 -5.27 -6.87
C ARG E 31 5.91 -4.65 -6.30
N LEU E 32 5.19 -3.87 -7.10
CA LEU E 32 3.91 -3.34 -6.66
C LEU E 32 2.94 -4.46 -6.34
N LEU E 33 2.87 -5.48 -7.21
CA LEU E 33 1.95 -6.58 -6.96
C LEU E 33 2.38 -7.41 -5.75
N VAL E 34 3.67 -7.56 -5.54
CA VAL E 34 4.17 -8.35 -4.42
C VAL E 34 3.93 -7.65 -3.09
N VAL E 35 4.23 -6.34 -3.03
CA VAL E 35 4.20 -5.64 -1.75
C VAL E 35 2.78 -5.25 -1.39
N TYR E 36 2.01 -4.76 -2.35
CA TYR E 36 0.62 -4.38 -2.15
C TYR E 36 -0.24 -5.40 -2.88
N PRO E 37 -0.54 -6.55 -2.27
CA PRO E 37 -1.15 -7.65 -3.02
C PRO E 37 -2.54 -7.35 -3.54
N TRP E 38 -3.22 -6.33 -3.01
CA TRP E 38 -4.52 -5.97 -3.54
C TRP E 38 -4.44 -5.46 -4.97
N THR E 39 -3.26 -5.04 -5.42
CA THR E 39 -3.09 -4.63 -6.80
C THR E 39 -3.09 -5.81 -7.75
N GLN E 40 -2.91 -7.03 -7.24
CA GLN E 40 -3.08 -8.22 -8.07
C GLN E 40 -4.53 -8.41 -8.50
N ARG E 41 -5.46 -7.73 -7.83
CA ARG E 41 -6.87 -7.82 -8.21
C ARG E 41 -7.10 -7.33 -9.64
N PHE E 42 -6.33 -6.33 -10.08
CA PHE E 42 -6.50 -5.78 -11.41
C PHE E 42 -5.85 -6.63 -12.48
N PHE E 43 -4.96 -7.54 -12.10
CA PHE E 43 -4.21 -8.35 -13.04
C PHE E 43 -4.50 -9.84 -12.89
N GLU E 44 -5.74 -10.20 -12.59
CA GLU E 44 -6.10 -11.62 -12.51
C GLU E 44 -5.99 -12.31 -13.86
N SER E 45 -6.01 -11.53 -14.94
CA SER E 45 -5.85 -12.06 -16.28
C SER E 45 -4.40 -12.32 -16.64
N PHE E 46 -3.47 -11.99 -15.76
CA PHE E 46 -2.04 -12.15 -16.01
C PHE E 46 -1.52 -13.52 -15.59
N GLY E 47 -2.37 -14.39 -15.05
CA GLY E 47 -1.95 -15.72 -14.69
C GLY E 47 -1.58 -15.87 -13.23
N ASP E 48 -0.60 -16.73 -12.95
CA ASP E 48 -0.18 -16.98 -11.58
C ASP E 48 0.50 -15.74 -11.00
N LEU E 49 -0.02 -15.25 -9.87
CA LEU E 49 0.53 -14.08 -9.21
C LEU E 49 0.63 -14.27 -7.70
N SER E 50 0.68 -15.51 -7.22
CA SER E 50 0.70 -15.76 -5.79
C SER E 50 2.10 -15.58 -5.21
N THR E 51 3.05 -16.40 -5.66
CA THR E 51 4.41 -16.30 -5.17
C THR E 51 5.05 -15.02 -5.69
N PRO E 52 5.93 -14.38 -4.91
CA PRO E 52 6.72 -13.28 -5.49
C PRO E 52 7.50 -13.69 -6.71
N ASP E 53 8.03 -14.92 -6.73
CA ASP E 53 8.75 -15.38 -7.91
C ASP E 53 7.83 -15.53 -9.11
N ALA E 54 6.57 -15.92 -8.86
CA ALA E 54 5.60 -16.00 -9.94
C ALA E 54 5.29 -14.61 -10.49
N VAL E 55 5.15 -13.62 -9.62
CA VAL E 55 4.83 -12.27 -10.06
C VAL E 55 6.00 -11.69 -10.85
N MET E 56 7.21 -11.82 -10.32
CA MET E 56 8.37 -11.24 -11.00
C MET E 56 8.76 -12.02 -12.25
N GLY E 57 8.41 -13.29 -12.32
CA GLY E 57 8.65 -14.11 -13.49
C GLY E 57 7.52 -14.14 -14.50
N ASN E 58 6.46 -13.38 -14.28
CA ASN E 58 5.30 -13.41 -15.16
C ASN E 58 5.59 -12.65 -16.45
N PRO E 59 5.48 -13.27 -17.62
CA PRO E 59 5.68 -12.52 -18.88
C PRO E 59 4.69 -11.38 -19.06
N LYS E 60 3.43 -11.57 -18.67
CA LYS E 60 2.43 -10.52 -18.85
C LYS E 60 2.71 -9.34 -17.93
N VAL E 61 3.15 -9.62 -16.70
CA VAL E 61 3.54 -8.55 -15.80
C VAL E 61 4.72 -7.77 -16.37
N LYS E 62 5.69 -8.48 -16.96
CA LYS E 62 6.83 -7.81 -17.57
C LYS E 62 6.40 -6.91 -18.72
N ALA E 63 5.54 -7.42 -19.60
CA ALA E 63 5.10 -6.63 -20.75
C ALA E 63 4.28 -5.42 -20.29
N HIS E 64 3.39 -5.62 -19.33
CA HIS E 64 2.58 -4.50 -18.86
C HIS E 64 3.42 -3.47 -18.11
N GLY E 65 4.43 -3.92 -17.36
CA GLY E 65 5.35 -2.98 -16.76
C GLY E 65 6.15 -2.22 -17.79
N LYS E 66 6.47 -2.87 -18.91
CA LYS E 66 7.10 -2.18 -20.02
C LYS E 66 6.20 -1.06 -20.54
N LYS E 67 4.91 -1.36 -20.69
CA LYS E 67 3.97 -0.33 -21.12
C LYS E 67 3.84 0.80 -20.10
N VAL E 68 3.80 0.44 -18.82
CA VAL E 68 3.70 1.45 -17.75
C VAL E 68 4.93 2.34 -17.74
N LEU E 69 6.12 1.76 -17.89
CA LEU E 69 7.33 2.55 -17.93
C LEU E 69 7.42 3.39 -19.20
N GLY E 70 6.86 2.91 -20.30
CA GLY E 70 6.76 3.76 -21.48
C GLY E 70 5.87 4.96 -21.22
N ALA E 71 4.78 4.76 -20.49
CA ALA E 71 3.93 5.89 -20.11
C ALA E 71 4.67 6.85 -19.18
N PHE E 72 5.46 6.32 -18.26
CA PHE E 72 6.30 7.17 -17.41
C PHE E 72 7.28 7.98 -18.25
N SER E 73 7.90 7.35 -19.25
CA SER E 73 8.83 8.07 -20.11
C SER E 73 8.12 9.15 -20.90
N ASP E 74 6.91 8.87 -21.38
CA ASP E 74 6.14 9.88 -22.11
C ASP E 74 5.78 11.05 -21.20
N GLY E 75 5.45 10.77 -19.95
CA GLY E 75 5.19 11.84 -19.01
C GLY E 75 6.45 12.60 -18.62
N LEU E 76 7.60 11.93 -18.71
CA LEU E 76 8.87 12.58 -18.45
C LEU E 76 9.25 13.53 -19.57
N ALA E 77 9.01 13.14 -20.82
CA ALA E 77 9.26 14.03 -21.94
C ALA E 77 8.33 15.24 -21.92
N HIS E 78 7.22 15.16 -21.19
CA HIS E 78 6.21 16.22 -21.12
C HIS E 78 5.91 16.54 -19.67
N LEU E 79 6.95 16.77 -18.88
CA LEU E 79 6.77 17.05 -17.46
C LEU E 79 5.93 18.29 -17.23
N ASP E 80 6.08 19.30 -18.09
CA ASP E 80 5.35 20.54 -17.89
C ASP E 80 3.89 20.44 -18.30
N ASN E 81 3.52 19.41 -19.06
CA ASN E 81 2.14 19.15 -19.44
C ASN E 81 1.85 17.68 -19.12
N LEU E 82 1.44 17.42 -17.88
CA LEU E 82 1.19 16.06 -17.45
C LEU E 82 -0.28 15.69 -17.50
N LYS E 83 -1.16 16.64 -17.24
CA LYS E 83 -2.62 16.36 -17.22
C LYS E 83 -3.11 16.17 -18.64
N GLY E 84 -2.52 16.83 -19.61
CA GLY E 84 -2.88 16.60 -21.00
C GLY E 84 -2.35 15.27 -21.52
N THR E 85 -1.11 14.92 -21.15
CA THR E 85 -0.53 13.68 -21.65
C THR E 85 -1.11 12.45 -20.98
N PHE E 86 -1.64 12.59 -19.76
CA PHE E 86 -2.19 11.46 -19.03
C PHE E 86 -3.72 11.49 -18.95
N ALA E 87 -4.38 12.38 -19.69
CA ALA E 87 -5.84 12.43 -19.67
C ALA E 87 -6.46 11.09 -20.07
N THR E 88 -6.02 10.53 -21.20
CA THR E 88 -6.63 9.29 -21.67
C THR E 88 -6.36 8.13 -20.72
N LEU E 89 -5.14 8.06 -20.18
CA LEU E 89 -4.81 6.97 -19.26
C LEU E 89 -5.57 7.12 -17.94
N SER E 90 -5.73 8.36 -17.46
CA SER E 90 -6.49 8.58 -16.24
C SER E 90 -7.95 8.22 -16.43
N GLU E 91 -8.52 8.58 -17.59
CA GLU E 91 -9.89 8.18 -17.89
C GLU E 91 -10.02 6.66 -17.93
N LEU E 92 -9.07 5.99 -18.59
CA LEU E 92 -9.09 4.54 -18.64
C LEU E 92 -9.07 3.93 -17.24
N HIS E 93 -8.13 4.39 -16.40
CA HIS E 93 -7.96 3.82 -15.07
C HIS E 93 -9.11 4.17 -14.13
N CYS E 94 -9.76 5.31 -14.34
CA CYS E 94 -10.86 5.72 -13.48
C CYS E 94 -12.18 5.06 -13.86
N ASP E 95 -12.43 4.87 -15.15
CA ASP E 95 -13.74 4.37 -15.59
C ASP E 95 -13.71 2.91 -16.03
N LYS E 96 -12.76 2.54 -16.88
CA LYS E 96 -12.73 1.17 -17.37
C LYS E 96 -12.17 0.20 -16.33
N LEU E 97 -11.27 0.67 -15.47
CA LEU E 97 -10.56 -0.19 -14.54
C LEU E 97 -10.89 0.05 -13.07
N HIS E 98 -11.33 1.25 -12.70
CA HIS E 98 -11.67 1.59 -11.32
C HIS E 98 -10.47 1.39 -10.39
N VAL E 99 -9.31 1.85 -10.84
CA VAL E 99 -8.09 1.78 -10.05
C VAL E 99 -8.08 2.96 -9.09
N ASP E 100 -7.86 2.68 -7.82
CA ASP E 100 -7.79 3.74 -6.83
C ASP E 100 -6.59 4.64 -7.12
N PRO E 101 -6.75 5.97 -7.03
CA PRO E 101 -5.62 6.86 -7.32
C PRO E 101 -4.43 6.66 -6.41
N GLU E 102 -4.63 6.18 -5.19
CA GLU E 102 -3.49 5.90 -4.31
C GLU E 102 -2.62 4.77 -4.86
N ASN E 103 -3.16 3.92 -5.72
CA ASN E 103 -2.34 2.89 -6.34
C ASN E 103 -1.30 3.49 -7.27
N PHE E 104 -1.63 4.61 -7.92
CA PHE E 104 -0.63 5.29 -8.75
C PHE E 104 0.51 5.84 -7.90
N ARG E 105 0.19 6.37 -6.72
CA ARG E 105 1.24 6.85 -5.82
C ARG E 105 2.06 5.70 -5.26
N LEU E 106 1.41 4.57 -4.99
CA LEU E 106 2.14 3.38 -4.54
C LEU E 106 3.07 2.88 -5.62
N LEU E 107 2.63 2.87 -6.88
CA LEU E 107 3.48 2.43 -7.97
C LEU E 107 4.61 3.42 -8.22
N GLY E 108 4.36 4.71 -8.01
CA GLY E 108 5.44 5.68 -8.10
C GLY E 108 6.49 5.46 -7.03
N ASN E 109 6.05 5.19 -5.80
CA ASN E 109 7.00 4.91 -4.72
C ASN E 109 7.77 3.63 -4.99
N VAL E 110 7.09 2.60 -5.50
CA VAL E 110 7.76 1.34 -5.83
C VAL E 110 8.73 1.55 -6.98
N LEU E 111 8.39 2.40 -7.94
CA LEU E 111 9.31 2.74 -9.03
C LEU E 111 10.53 3.46 -8.50
N VAL E 112 10.34 4.37 -7.54
CA VAL E 112 11.49 5.05 -6.94
C VAL E 112 12.36 4.06 -6.19
N CYS E 113 11.74 3.09 -5.51
CA CYS E 113 12.50 2.04 -4.84
C CYS E 113 13.28 1.20 -5.85
N VAL E 114 12.66 0.89 -6.99
CA VAL E 114 13.35 0.13 -8.03
C VAL E 114 14.51 0.92 -8.61
N LEU E 115 14.32 2.21 -8.82
CA LEU E 115 15.40 3.05 -9.33
C LEU E 115 16.56 3.12 -8.35
N ALA E 116 16.25 3.25 -7.06
CA ALA E 116 17.31 3.22 -6.05
C ALA E 116 18.02 1.87 -6.04
N HIS E 117 17.26 0.78 -6.14
CA HIS E 117 17.84 -0.55 -6.14
C HIS E 117 18.72 -0.78 -7.35
N HIS E 118 18.40 -0.08 -8.46
CA HIS E 118 19.18 -0.26 -9.68
C HIS E 118 20.41 0.63 -9.70
N PHE E 119 20.34 1.82 -9.10
CA PHE E 119 21.37 2.82 -9.28
C PHE E 119 22.20 3.08 -8.03
N GLY E 120 21.91 2.43 -6.91
CA GLY E 120 22.79 2.53 -5.75
C GLY E 120 22.93 3.96 -5.27
N LYS E 121 24.17 4.37 -5.02
CA LYS E 121 24.45 5.72 -4.55
C LYS E 121 24.25 6.77 -5.63
N GLU E 122 24.10 6.37 -6.89
CA GLU E 122 23.77 7.32 -7.94
C GLU E 122 22.35 7.87 -7.79
N PHE E 123 21.51 7.19 -7.01
CA PHE E 123 20.18 7.69 -6.68
C PHE E 123 20.28 8.52 -5.40
N THR E 124 20.89 9.69 -5.55
CA THR E 124 21.11 10.58 -4.42
C THR E 124 19.79 11.14 -3.90
N PRO E 125 19.77 11.61 -2.66
CA PRO E 125 18.55 12.22 -2.12
C PRO E 125 18.07 13.40 -2.96
N PRO E 126 18.95 14.19 -3.57
CA PRO E 126 18.43 15.20 -4.52
C PRO E 126 17.71 14.62 -5.72
N VAL E 127 18.30 13.62 -6.39
CA VAL E 127 17.62 13.05 -7.55
C VAL E 127 16.40 12.25 -7.09
N GLN E 128 16.42 11.70 -5.88
CA GLN E 128 15.22 11.06 -5.36
C GLN E 128 14.12 12.08 -5.14
N ALA E 129 14.47 13.27 -4.63
CA ALA E 129 13.47 14.32 -4.47
C ALA E 129 12.88 14.72 -5.81
N ALA E 130 13.74 14.85 -6.82
CA ALA E 130 13.27 15.16 -8.16
C ALA E 130 12.35 14.06 -8.69
N TYR E 131 12.72 12.80 -8.49
CA TYR E 131 11.88 11.70 -8.97
C TYR E 131 10.60 11.57 -8.16
N GLN E 132 10.62 11.96 -6.89
CA GLN E 132 9.39 12.01 -6.11
C GLN E 132 8.45 13.06 -6.67
N LYS E 133 9.00 14.22 -7.04
CA LYS E 133 8.18 15.22 -7.71
C LYS E 133 7.62 14.69 -9.03
N VAL E 134 8.44 13.96 -9.78
CA VAL E 134 7.99 13.42 -11.06
C VAL E 134 6.86 12.41 -10.85
N VAL E 135 7.05 11.46 -9.94
CA VAL E 135 6.04 10.42 -9.75
C VAL E 135 4.78 11.00 -9.11
N ALA E 136 4.92 12.02 -8.25
CA ALA E 136 3.75 12.68 -7.72
C ALA E 136 2.99 13.41 -8.81
N GLY E 137 3.69 14.07 -9.73
CA GLY E 137 3.03 14.71 -10.84
C GLY E 137 2.33 13.73 -11.75
N VAL E 138 2.97 12.58 -12.00
CA VAL E 138 2.36 11.55 -12.83
C VAL E 138 1.10 11.00 -12.17
N ALA E 139 1.18 10.71 -10.86
CA ALA E 139 0.04 10.16 -10.15
C ALA E 139 -1.10 11.15 -10.06
N ASN E 140 -0.79 12.43 -9.83
CA ASN E 140 -1.84 13.44 -9.76
C ASN E 140 -2.47 13.69 -11.12
N ALA E 141 -1.65 13.68 -12.18
CA ALA E 141 -2.17 13.80 -13.53
C ALA E 141 -2.98 12.59 -13.96
N LEU E 142 -2.73 11.44 -13.35
CA LEU E 142 -3.36 10.19 -13.74
C LEU E 142 -4.56 9.87 -12.86
N ALA E 143 -4.98 10.80 -12.00
CA ALA E 143 -6.01 10.56 -11.02
C ALA E 143 -7.12 11.58 -11.15
N HIS E 144 -8.32 11.19 -10.71
CA HIS E 144 -9.48 12.06 -10.64
C HIS E 144 -9.83 12.68 -12.00
C1 NAG F . -7.62 20.32 19.15
C2 NAG F . -6.89 20.15 20.48
C3 NAG F . -6.08 21.40 20.81
C4 NAG F . -5.15 21.74 19.66
C5 NAG F . -5.95 21.85 18.35
C6 NAG F . -5.07 22.08 17.14
C7 NAG F . -7.73 18.82 22.38
C8 NAG F . -6.54 17.93 22.16
N2 NAG F . -7.83 19.87 21.55
O3 NAG F . -5.32 21.17 21.98
O4 NAG F . -4.52 22.99 19.92
O5 NAG F . -6.67 20.63 18.12
O6 NAG F . -4.37 20.90 16.77
O7 NAG F . -8.54 18.62 23.28
C1 NAG F . -3.09 22.80 20.08
C2 NAG F . -2.45 24.18 19.98
C3 NAG F . -0.95 24.08 20.18
C4 NAG F . -0.63 23.35 21.48
C5 NAG F . -1.35 22.00 21.51
C6 NAG F . -1.17 21.27 22.82
C7 NAG F . -3.72 25.72 18.53
C8 NAG F . -4.49 26.11 19.76
N2 NAG F . -2.76 24.80 18.71
O3 NAG F . -0.39 25.38 20.22
O4 NAG F . 0.77 23.12 21.57
O5 NAG F . -2.76 22.21 21.34
O6 NAG F . -1.60 22.06 23.92
O7 NAG F . -3.95 26.22 17.43
C1 NAG G . -6.50 37.56 -33.63
C2 NAG G . -7.62 38.38 -33.00
C3 NAG G . -8.67 38.75 -34.04
C4 NAG G . -8.01 39.44 -35.24
C5 NAG G . -6.87 38.58 -35.77
C6 NAG G . -6.10 39.24 -36.89
C7 NAG G . -8.26 38.09 -30.64
C8 NAG G . -7.58 39.40 -30.39
N2 NAG G . -8.24 37.65 -31.90
O3 NAG G . -9.65 39.60 -33.46
O4 NAG G . -8.97 39.65 -36.26
O5 NAG G . -5.93 38.29 -34.73
O6 NAG G . -5.39 40.38 -36.42
O7 NAG G . -8.79 37.45 -29.73
C1 NAG G . -9.09 41.06 -36.55
C2 NAG G . -9.82 41.20 -37.89
C3 NAG G . -9.98 42.68 -38.25
C4 NAG G . -10.68 43.41 -37.11
C5 NAG G . -9.94 43.18 -35.79
C6 NAG G . -10.64 43.78 -34.60
C7 NAG G . -9.25 39.20 -39.20
C8 NAG G . -8.43 38.65 -40.33
N2 NAG G . -9.10 40.51 -38.95
O3 NAG G . -10.75 42.79 -39.44
O4 NAG G . -10.72 44.81 -37.38
O5 NAG G . -9.82 41.77 -35.54
O6 NAG G . -9.82 43.77 -33.44
O7 NAG G . -10.01 38.50 -38.54
C1 NAG H . 37.27 -26.05 6.39
C2 NAG H . 36.75 -26.53 5.07
C3 NAG H . 36.80 -28.03 5.03
C4 NAG H . 38.21 -28.49 5.35
C5 NAG H . 38.56 -27.95 6.70
C6 NAG H . 39.91 -28.46 7.14
C7 NAG H . 34.98 -25.14 4.17
C8 NAG H . 36.03 -24.24 3.59
N2 NAG H . 35.39 -26.12 4.95
O3 NAG H . 36.45 -28.45 3.71
O4 NAG H . 38.24 -29.90 5.39
O5 NAG H . 38.57 -26.53 6.61
O6 NAG H . 40.91 -28.06 6.22
O7 NAG H . 33.80 -24.98 3.95
C1 NAG H . 39.22 -30.42 4.49
C2 NAG H . 39.70 -31.78 4.97
C3 NAG H . 40.81 -32.25 4.05
C4 NAG H . 40.31 -32.25 2.62
C5 NAG H . 39.75 -30.89 2.26
C6 NAG H . 39.16 -30.92 0.86
C7 NAG H . 39.52 -32.13 7.34
C8 NAG H . 40.23 -32.15 8.66
N2 NAG H . 40.21 -31.69 6.31
O3 NAG H . 41.23 -33.57 4.42
O4 NAG H . 41.39 -32.57 1.74
O5 NAG H . 38.72 -30.54 3.17
O6 NAG H . 39.71 -29.83 0.13
O7 NAG H . 38.37 -32.49 7.24
C1 NAG I . -8.66 22.42 9.67
C2 NAG I . -7.79 23.48 10.33
C3 NAG I . -8.36 24.87 10.07
C4 NAG I . -8.53 25.09 8.58
C5 NAG I . -9.37 23.96 7.97
C6 NAG I . -9.46 24.06 6.46
C7 NAG I . -6.65 22.57 12.32
C8 NAG I . -6.69 22.43 13.81
N2 NAG I . -7.68 23.23 11.76
O3 NAG I . -7.47 25.85 10.61
O4 NAG I . -9.18 26.33 8.34
O5 NAG I . -8.75 22.70 8.27
O6 NAG I . -9.64 22.77 5.88
O7 NAG I . -5.74 22.12 11.65
C1 NAG J . -25.73 -0.19 29.91
C2 NAG J . -26.94 -0.63 29.07
C3 NAG J . -28.08 -1.13 29.97
C4 NAG J . -27.58 -2.20 30.91
C5 NAG J . -26.39 -1.66 31.71
C6 NAG J . -25.77 -2.70 32.62
C7 NAG J . -28.07 0.29 27.09
C8 NAG J . -28.48 1.53 26.36
N2 NAG J . -27.40 0.47 28.23
O3 NAG J . -29.12 -1.64 29.15
O4 NAG J . -28.62 -2.58 31.81
O5 NAG J . -25.36 -1.25 30.80
O6 NAG J . -24.42 -2.96 32.26
O7 NAG J . -28.36 -0.83 26.67
C1 NAG K . 16.01 12.32 -36.24
C2 NAG K . 15.66 12.00 -37.69
C3 NAG K . 14.46 11.09 -37.77
C4 NAG K . 14.67 9.84 -36.90
C5 NAG K . 15.06 10.25 -35.48
C6 NAG K . 15.40 9.08 -34.60
C7 NAG K . 16.31 13.75 -39.29
C8 NAG K . 15.90 15.01 -39.99
N2 NAG K . 15.43 13.22 -38.44
O3 NAG K . 14.23 10.70 -39.12
O4 NAG K . 13.50 9.06 -36.87
O5 NAG K . 16.21 11.10 -35.51
O6 NAG K . 14.80 9.21 -33.31
O7 NAG K . 17.40 13.23 -39.50
CA CA L . -30.63 0.01 -11.93
CA CA M . -29.13 6.20 -13.34
CA CA N . -4.96 21.20 -20.69
C1 NAG O . 39.02 -9.31 36.26
C2 NAG O . 39.06 -10.51 37.20
C3 NAG O . 37.64 -10.97 37.52
C4 NAG O . 36.81 -9.81 38.06
C5 NAG O . 36.87 -8.64 37.09
C6 NAG O . 36.17 -7.41 37.61
C7 NAG O . 41.05 -11.93 37.05
C8 NAG O . 41.71 -13.08 36.34
N2 NAG O . 39.83 -11.60 36.62
O3 NAG O . 37.69 -12.02 38.50
O4 NAG O . 35.45 -10.22 38.23
O5 NAG O . 38.23 -8.26 36.86
O6 NAG O . 35.95 -6.45 36.58
O7 NAG O . 41.60 -11.34 37.96
CA CA P . 22.66 -14.08 15.42
CA CA Q . -5.18 -22.90 36.18
CA CA R . -1.20 -21.26 31.06
CHA HEM S . 12.27 11.39 17.95
CHB HEM S . 12.07 6.87 16.22
CHC HEM S . 9.12 8.39 12.70
CHD HEM S . 9.48 12.93 14.32
C1A HEM S . 12.52 10.04 17.78
C2A HEM S . 13.44 9.21 18.54
C3A HEM S . 13.36 7.98 18.06
C4A HEM S . 12.42 7.96 16.97
CMA HEM S . 14.16 6.76 18.56
CAA HEM S . 14.33 9.65 19.71
CBA HEM S . 13.50 10.29 20.82
CGA HEM S . 14.06 9.89 22.16
O1A HEM S . 15.05 9.12 22.18
O2A HEM S . 13.50 10.33 23.19
C1B HEM S . 11.28 6.89 15.09
C2B HEM S . 11.02 5.76 14.21
C3B HEM S . 10.19 6.18 13.24
C4B HEM S . 9.92 7.59 13.47
CMB HEM S . 11.62 4.36 14.44
CAB HEM S . 9.60 5.42 12.03
CBB HEM S . 9.91 4.16 11.68
C1C HEM S . 9.07 9.76 12.76
C2C HEM S . 8.63 10.65 11.70
C3C HEM S . 8.72 11.91 12.16
C4C HEM S . 9.23 11.85 13.51
CMC HEM S . 8.14 10.16 10.34
CAC HEM S . 8.39 13.25 11.45
CBC HEM S . 8.18 13.39 10.14
C1D HEM S . 10.27 12.92 15.43
C2D HEM S . 10.64 14.06 16.24
C3D HEM S . 11.41 13.64 17.23
C4D HEM S . 11.56 12.21 17.12
CMD HEM S . 10.21 15.52 15.97
CAD HEM S . 12.01 14.55 18.33
CBD HEM S . 13.54 14.56 18.19
CGD HEM S . 14.09 15.65 19.07
O1D HEM S . 15.31 15.63 19.33
O2D HEM S . 13.30 16.53 19.49
NA HEM S . 11.92 9.24 16.82
NB HEM S . 10.59 7.98 14.60
NC HEM S . 9.43 10.53 13.85
ND HEM S . 10.85 11.80 16.00
FE HEM S . 10.74 9.89 15.29
CHA HEM T . -3.21 -0.16 -18.32
CHB HEM T . 0.22 3.16 -17.43
CHC HEM T . -0.57 2.58 -12.68
CHD HEM T . -3.60 -1.08 -13.58
C1A HEM T . -2.19 0.75 -18.49
C2A HEM T . -1.58 1.12 -19.75
C3A HEM T . -0.65 2.03 -19.51
C4A HEM T . -0.62 2.28 -18.09
CMA HEM T . 0.26 2.71 -20.57
CAA HEM T . -1.97 0.55 -21.13
CBA HEM T . -3.21 1.27 -21.66
CGA HEM T . -3.83 0.47 -22.76
O1A HEM T . -4.69 1.02 -23.50
O2A HEM T . -3.47 -0.73 -22.91
C1B HEM T . 0.28 3.34 -16.06
C2B HEM T . 1.06 4.32 -15.37
C3B HEM T . 0.85 4.18 -14.06
C4B HEM T . -0.08 3.08 -13.88
CMB HEM T . 1.98 5.38 -16.01
CAB HEM T . 1.53 5.07 -12.99
CBB HEM T . 1.32 4.93 -11.68
C1C HEM T . -1.38 1.48 -12.53
C2C HEM T . -1.66 0.83 -11.28
C3C HEM T . -2.50 -0.19 -11.52
C4C HEM T . -2.78 -0.19 -12.94
CMC HEM T . -1.05 1.27 -9.94
CAC HEM T . -3.13 -1.23 -10.56
CBC HEM T . -2.98 -1.23 -9.23
C1D HEM T . -3.74 -1.17 -14.95
C2D HEM T . -4.50 -2.17 -15.66
C3D HEM T . -4.39 -1.93 -16.97
C4D HEM T . -3.56 -0.75 -17.13
CMD HEM T . -5.28 -3.33 -14.99
CAD HEM T . -5.02 -2.72 -18.13
CBD HEM T . -4.36 -4.09 -18.23
CGD HEM T . -4.19 -4.46 -19.67
O1D HEM T . -3.74 -5.61 -19.94
O2D HEM T . -4.49 -3.61 -20.56
NA HEM T . -1.57 1.48 -17.50
NB HEM T . -0.40 2.59 -15.13
NC HEM T . -2.08 0.84 -13.53
ND HEM T . -3.18 -0.31 -15.87
FE HEM T . -1.85 1.19 -15.51
#